data_1WIT
# 
_entry.id   1WIT 
# 
_audit_conform.dict_name       mmcif_pdbx.dic 
_audit_conform.dict_version    5.392 
_audit_conform.dict_location   http://mmcif.pdb.org/dictionaries/ascii/mmcif_pdbx.dic 
# 
loop_
_database_2.database_id 
_database_2.database_code 
_database_2.pdbx_database_accession 
_database_2.pdbx_DOI 
PDB   1WIT         pdb_00001wit 10.2210/pdb1wit/pdb 
WWPDB D_1000177204 ?            ?                   
# 
loop_
_pdbx_audit_revision_history.ordinal 
_pdbx_audit_revision_history.data_content_type 
_pdbx_audit_revision_history.major_revision 
_pdbx_audit_revision_history.minor_revision 
_pdbx_audit_revision_history.revision_date 
1 'Structure model' 1 0 1996-12-23 
2 'Structure model' 1 1 2008-03-24 
3 'Structure model' 1 2 2011-07-13 
4 'Structure model' 1 3 2022-03-02 
5 'Structure model' 1 4 2024-05-22 
# 
_pdbx_audit_revision_details.ordinal             1 
_pdbx_audit_revision_details.revision_ordinal    1 
_pdbx_audit_revision_details.data_content_type   'Structure model' 
_pdbx_audit_revision_details.provider            repository 
_pdbx_audit_revision_details.type                'Initial release' 
_pdbx_audit_revision_details.description         ? 
_pdbx_audit_revision_details.details             ? 
# 
loop_
_pdbx_audit_revision_group.ordinal 
_pdbx_audit_revision_group.revision_ordinal 
_pdbx_audit_revision_group.data_content_type 
_pdbx_audit_revision_group.group 
1 2 'Structure model' 'Version format compliance' 
2 3 'Structure model' 'Version format compliance' 
3 4 'Structure model' 'Database references'       
4 4 'Structure model' 'Derived calculations'      
5 4 'Structure model' Other                       
6 5 'Structure model' 'Data collection'           
# 
loop_
_pdbx_audit_revision_category.ordinal 
_pdbx_audit_revision_category.revision_ordinal 
_pdbx_audit_revision_category.data_content_type 
_pdbx_audit_revision_category.category 
1 4 'Structure model' database_2            
2 4 'Structure model' pdbx_database_status  
3 4 'Structure model' pdbx_struct_assembly  
4 4 'Structure model' pdbx_struct_oper_list 
5 5 'Structure model' chem_comp_atom        
6 5 'Structure model' chem_comp_bond        
# 
loop_
_pdbx_audit_revision_item.ordinal 
_pdbx_audit_revision_item.revision_ordinal 
_pdbx_audit_revision_item.data_content_type 
_pdbx_audit_revision_item.item 
1 4 'Structure model' '_database_2.pdbx_DOI'                
2 4 'Structure model' '_database_2.pdbx_database_accession' 
3 4 'Structure model' '_pdbx_database_status.process_site'  
# 
_pdbx_database_status.status_code                     REL 
_pdbx_database_status.entry_id                        1WIT 
_pdbx_database_status.recvd_initial_deposition_date   1996-06-23 
_pdbx_database_status.deposit_site                    ? 
_pdbx_database_status.process_site                    BNL 
_pdbx_database_status.SG_entry                        . 
_pdbx_database_status.pdb_format_compatible           Y 
_pdbx_database_status.status_code_mr                  ? 
_pdbx_database_status.status_code_sf                  ? 
_pdbx_database_status.status_code_cs                  ? 
_pdbx_database_status.status_code_nmr_data            ? 
_pdbx_database_status.methods_development_category    ? 
# 
_pdbx_database_related.db_name        PDB 
_pdbx_database_related.db_id          1WIU 
_pdbx_database_related.details        . 
_pdbx_database_related.content_type   ensemble 
# 
loop_
_audit_author.name 
_audit_author.pdbx_ordinal 
'Fong, S.'    1 
'Bycroft, M.' 2 
# 
loop_
_citation.id 
_citation.title 
_citation.journal_abbrev 
_citation.journal_volume 
_citation.page_first 
_citation.page_last 
_citation.year 
_citation.journal_id_ASTM 
_citation.country 
_citation.journal_id_ISSN 
_citation.journal_id_CSD 
_citation.book_publisher 
_citation.pdbx_database_id_PubMed 
_citation.pdbx_database_id_DOI 
primary 
;Structure and stability of an immunoglobulin superfamily domain from twitchin, a muscle protein of the nematode Caenorhabditis elegans.
;
J.Mol.Biol. 264 624  639 1996 JMOBAK UK 0022-2836 0070 ? 8969309 10.1006/jmbi.1996.0665 
1       'Additional Sequence Complexity in the Muscle Gene, Unc-22, and its Encoded Protein, Twitchin, of Caenorhabditis Elegans' 
Genetics    134 1097 ?   1993 ?      US 0016-6731 ?    ? ?       ?                      
2       'Sequence of an Unusually Large Protein Implicated in Regulation of Myosin Activity in C. Elegans' Nature      342 45   ? 
1989 NATUAS UK 0028-0836 0006 ? ?       ?                      
# 
loop_
_citation_author.citation_id 
_citation_author.name 
_citation_author.ordinal 
_citation_author.identifier_ORCID 
primary 'Fong, S.'         1  ? 
primary 'Hamill, S.J.'     2  ? 
primary 'Proctor, M.'      3  ? 
primary 'Freund, S.M.'     4  ? 
primary 'Benian, G.M.'     5  ? 
primary 'Chothia, C.'      6  ? 
primary 'Bycroft, M.'      7  ? 
primary 'Clarke, J.'       8  ? 
1       'Benian, G.M.'     9  ? 
1       
;L'Hernault, S.W.
;
10 ? 
1       'Morris, M.E.'     11 ? 
2       'Benian, G.M.'     12 ? 
2       'Kiff, J.E.'       13 ? 
2       'Neckelmann, N.'   14 ? 
2       'Moerman, D.G.'    15 ? 
2       'Waterston, R.H.'  16 ? 
# 
_entity.id                         1 
_entity.type                       polymer 
_entity.src_method                 man 
_entity.pdbx_description           'TWITCHIN 18TH IGSF MODULE' 
_entity.formula_weight             10002.408 
_entity.pdbx_number_of_molecules   1 
_entity.pdbx_ec                    ? 
_entity.pdbx_mutation              ? 
_entity.pdbx_fragment              ? 
_entity.details                    ? 
# 
_entity_poly.entity_id                      1 
_entity_poly.type                           'polypeptide(L)' 
_entity_poly.nstd_linkage                   no 
_entity_poly.nstd_monomer                   no 
_entity_poly.pdbx_seq_one_letter_code       
;LKPKILTASRKIKIKAGFTHNLEVDFIGAPDPTATWTVGDSGAALAPELLVDAKSSTTSIFFPSAKRADSGNYKLKVKNE
LGEDEAIFEVIVQ
;
_entity_poly.pdbx_seq_one_letter_code_can   
;LKPKILTASRKIKIKAGFTHNLEVDFIGAPDPTATWTVGDSGAALAPELLVDAKSSTTSIFFPSAKRADSGNYKLKVKNE
LGEDEAIFEVIVQ
;
_entity_poly.pdbx_strand_id                 A 
_entity_poly.pdbx_target_identifier         ? 
# 
loop_
_entity_poly_seq.entity_id 
_entity_poly_seq.num 
_entity_poly_seq.mon_id 
_entity_poly_seq.hetero 
1 1  LEU n 
1 2  LYS n 
1 3  PRO n 
1 4  LYS n 
1 5  ILE n 
1 6  LEU n 
1 7  THR n 
1 8  ALA n 
1 9  SER n 
1 10 ARG n 
1 11 LYS n 
1 12 ILE n 
1 13 LYS n 
1 14 ILE n 
1 15 LYS n 
1 16 ALA n 
1 17 GLY n 
1 18 PHE n 
1 19 THR n 
1 20 HIS n 
1 21 ASN n 
1 22 LEU n 
1 23 GLU n 
1 24 VAL n 
1 25 ASP n 
1 26 PHE n 
1 27 ILE n 
1 28 GLY n 
1 29 ALA n 
1 30 PRO n 
1 31 ASP n 
1 32 PRO n 
1 33 THR n 
1 34 ALA n 
1 35 THR n 
1 36 TRP n 
1 37 THR n 
1 38 VAL n 
1 39 GLY n 
1 40 ASP n 
1 41 SER n 
1 42 GLY n 
1 43 ALA n 
1 44 ALA n 
1 45 LEU n 
1 46 ALA n 
1 47 PRO n 
1 48 GLU n 
1 49 LEU n 
1 50 LEU n 
1 51 VAL n 
1 52 ASP n 
1 53 ALA n 
1 54 LYS n 
1 55 SER n 
1 56 SER n 
1 57 THR n 
1 58 THR n 
1 59 SER n 
1 60 ILE n 
1 61 PHE n 
1 62 PHE n 
1 63 PRO n 
1 64 SER n 
1 65 ALA n 
1 66 LYS n 
1 67 ARG n 
1 68 ALA n 
1 69 ASP n 
1 70 SER n 
1 71 GLY n 
1 72 ASN n 
1 73 TYR n 
1 74 LYS n 
1 75 LEU n 
1 76 LYS n 
1 77 VAL n 
1 78 LYS n 
1 79 ASN n 
1 80 GLU n 
1 81 LEU n 
1 82 GLY n 
1 83 GLU n 
1 84 ASP n 
1 85 GLU n 
1 86 ALA n 
1 87 ILE n 
1 88 PHE n 
1 89 GLU n 
1 90 VAL n 
1 91 ILE n 
1 92 VAL n 
1 93 GLN n 
# 
_entity_src_gen.entity_id                          1 
_entity_src_gen.pdbx_src_id                        1 
_entity_src_gen.pdbx_alt_source_flag               sample 
_entity_src_gen.pdbx_seq_type                      ? 
_entity_src_gen.pdbx_beg_seq_num                   ? 
_entity_src_gen.pdbx_end_seq_num                   ? 
_entity_src_gen.gene_src_common_name               ? 
_entity_src_gen.gene_src_genus                     Caenorhabditis 
_entity_src_gen.pdbx_gene_src_gene                 UNC-22 
_entity_src_gen.gene_src_species                   ? 
_entity_src_gen.gene_src_strain                    ? 
_entity_src_gen.gene_src_tissue                    'MUSCLE A-BAND' 
_entity_src_gen.gene_src_tissue_fraction           ? 
_entity_src_gen.gene_src_details                   ? 
_entity_src_gen.pdbx_gene_src_fragment             ? 
_entity_src_gen.pdbx_gene_src_scientific_name      'Caenorhabditis elegans' 
_entity_src_gen.pdbx_gene_src_ncbi_taxonomy_id     6239 
_entity_src_gen.pdbx_gene_src_variant              ? 
_entity_src_gen.pdbx_gene_src_cell_line            ? 
_entity_src_gen.pdbx_gene_src_atcc                 ? 
_entity_src_gen.pdbx_gene_src_organ                'BODY WALL MUSCLE' 
_entity_src_gen.pdbx_gene_src_organelle            ? 
_entity_src_gen.pdbx_gene_src_cell                 'MUSCLE CELL' 
_entity_src_gen.pdbx_gene_src_cellular_location    ? 
_entity_src_gen.host_org_common_name               ? 
_entity_src_gen.pdbx_host_org_scientific_name      'Escherichia coli' 
_entity_src_gen.pdbx_host_org_ncbi_taxonomy_id     562 
_entity_src_gen.host_org_genus                     Escherichia 
_entity_src_gen.pdbx_host_org_gene                 UNC-22 
_entity_src_gen.pdbx_host_org_organ                ? 
_entity_src_gen.host_org_species                   ? 
_entity_src_gen.pdbx_host_org_tissue               ? 
_entity_src_gen.pdbx_host_org_tissue_fraction      ? 
_entity_src_gen.pdbx_host_org_strain               'JM 109' 
_entity_src_gen.pdbx_host_org_variant              ? 
_entity_src_gen.pdbx_host_org_cell_line            ? 
_entity_src_gen.pdbx_host_org_atcc                 ? 
_entity_src_gen.pdbx_host_org_culture_collection   ? 
_entity_src_gen.pdbx_host_org_cell                 ? 
_entity_src_gen.pdbx_host_org_organelle            ? 
_entity_src_gen.pdbx_host_org_cellular_location    ? 
_entity_src_gen.pdbx_host_org_vector_type          ? 
_entity_src_gen.pdbx_host_org_vector               ? 
_entity_src_gen.host_org_details                   ? 
_entity_src_gen.expression_system_id               ? 
_entity_src_gen.plasmid_name                       'PRSETC (INVITROGEN)' 
_entity_src_gen.plasmid_details                    ? 
_entity_src_gen.pdbx_description                   ? 
# 
loop_
_chem_comp.id 
_chem_comp.type 
_chem_comp.mon_nstd_flag 
_chem_comp.name 
_chem_comp.pdbx_synonyms 
_chem_comp.formula 
_chem_comp.formula_weight 
ALA 'L-peptide linking' y ALANINE         ? 'C3 H7 N O2'     89.093  
ARG 'L-peptide linking' y ARGININE        ? 'C6 H15 N4 O2 1' 175.209 
ASN 'L-peptide linking' y ASPARAGINE      ? 'C4 H8 N2 O3'    132.118 
ASP 'L-peptide linking' y 'ASPARTIC ACID' ? 'C4 H7 N O4'     133.103 
GLN 'L-peptide linking' y GLUTAMINE       ? 'C5 H10 N2 O3'   146.144 
GLU 'L-peptide linking' y 'GLUTAMIC ACID' ? 'C5 H9 N O4'     147.129 
GLY 'peptide linking'   y GLYCINE         ? 'C2 H5 N O2'     75.067  
HIS 'L-peptide linking' y HISTIDINE       ? 'C6 H10 N3 O2 1' 156.162 
ILE 'L-peptide linking' y ISOLEUCINE      ? 'C6 H13 N O2'    131.173 
LEU 'L-peptide linking' y LEUCINE         ? 'C6 H13 N O2'    131.173 
LYS 'L-peptide linking' y LYSINE          ? 'C6 H15 N2 O2 1' 147.195 
PHE 'L-peptide linking' y PHENYLALANINE   ? 'C9 H11 N O2'    165.189 
PRO 'L-peptide linking' y PROLINE         ? 'C5 H9 N O2'     115.130 
SER 'L-peptide linking' y SERINE          ? 'C3 H7 N O3'     105.093 
THR 'L-peptide linking' y THREONINE       ? 'C4 H9 N O3'     119.119 
TRP 'L-peptide linking' y TRYPTOPHAN      ? 'C11 H12 N2 O2'  204.225 
TYR 'L-peptide linking' y TYROSINE        ? 'C9 H11 N O3'    181.189 
VAL 'L-peptide linking' y VALINE          ? 'C5 H11 N O2'    117.146 
# 
loop_
_pdbx_poly_seq_scheme.asym_id 
_pdbx_poly_seq_scheme.entity_id 
_pdbx_poly_seq_scheme.seq_id 
_pdbx_poly_seq_scheme.mon_id 
_pdbx_poly_seq_scheme.ndb_seq_num 
_pdbx_poly_seq_scheme.pdb_seq_num 
_pdbx_poly_seq_scheme.auth_seq_num 
_pdbx_poly_seq_scheme.pdb_mon_id 
_pdbx_poly_seq_scheme.auth_mon_id 
_pdbx_poly_seq_scheme.pdb_strand_id 
_pdbx_poly_seq_scheme.pdb_ins_code 
_pdbx_poly_seq_scheme.hetero 
A 1 1  LEU 1  1  1  LEU LEU A . n 
A 1 2  LYS 2  2  2  LYS LYS A . n 
A 1 3  PRO 3  3  3  PRO PRO A . n 
A 1 4  LYS 4  4  4  LYS LYS A . n 
A 1 5  ILE 5  5  5  ILE ILE A . n 
A 1 6  LEU 6  6  6  LEU LEU A . n 
A 1 7  THR 7  7  7  THR THR A . n 
A 1 8  ALA 8  8  8  ALA ALA A . n 
A 1 9  SER 9  9  9  SER SER A . n 
A 1 10 ARG 10 10 10 ARG ARG A . n 
A 1 11 LYS 11 11 11 LYS LYS A . n 
A 1 12 ILE 12 12 12 ILE ILE A . n 
A 1 13 LYS 13 13 13 LYS LYS A . n 
A 1 14 ILE 14 14 14 ILE ILE A . n 
A 1 15 LYS 15 15 15 LYS LYS A . n 
A 1 16 ALA 16 16 16 ALA ALA A . n 
A 1 17 GLY 17 17 17 GLY GLY A . n 
A 1 18 PHE 18 18 18 PHE PHE A . n 
A 1 19 THR 19 19 19 THR THR A . n 
A 1 20 HIS 20 20 20 HIS HIS A . n 
A 1 21 ASN 21 21 21 ASN ASN A . n 
A 1 22 LEU 22 22 22 LEU LEU A . n 
A 1 23 GLU 23 23 23 GLU GLU A . n 
A 1 24 VAL 24 24 24 VAL VAL A . n 
A 1 25 ASP 25 25 25 ASP ASP A . n 
A 1 26 PHE 26 26 26 PHE PHE A . n 
A 1 27 ILE 27 27 27 ILE ILE A . n 
A 1 28 GLY 28 28 28 GLY GLY A . n 
A 1 29 ALA 29 29 29 ALA ALA A . n 
A 1 30 PRO 30 30 30 PRO PRO A . n 
A 1 31 ASP 31 31 31 ASP ASP A . n 
A 1 32 PRO 32 32 32 PRO PRO A . n 
A 1 33 THR 33 33 33 THR THR A . n 
A 1 34 ALA 34 34 34 ALA ALA A . n 
A 1 35 THR 35 35 35 THR THR A . n 
A 1 36 TRP 36 36 36 TRP TRP A . n 
A 1 37 THR 37 37 37 THR THR A . n 
A 1 38 VAL 38 38 38 VAL VAL A . n 
A 1 39 GLY 39 39 39 GLY GLY A . n 
A 1 40 ASP 40 40 40 ASP ASP A . n 
A 1 41 SER 41 41 41 SER SER A . n 
A 1 42 GLY 42 42 42 GLY GLY A . n 
A 1 43 ALA 43 43 43 ALA ALA A . n 
A 1 44 ALA 44 44 44 ALA ALA A . n 
A 1 45 LEU 45 45 45 LEU LEU A . n 
A 1 46 ALA 46 46 46 ALA ALA A . n 
A 1 47 PRO 47 47 47 PRO PRO A . n 
A 1 48 GLU 48 48 48 GLU GLU A . n 
A 1 49 LEU 49 49 49 LEU LEU A . n 
A 1 50 LEU 50 50 50 LEU LEU A . n 
A 1 51 VAL 51 51 51 VAL VAL A . n 
A 1 52 ASP 52 52 52 ASP ASP A . n 
A 1 53 ALA 53 53 53 ALA ALA A . n 
A 1 54 LYS 54 54 54 LYS LYS A . n 
A 1 55 SER 55 55 55 SER SER A . n 
A 1 56 SER 56 56 56 SER SER A . n 
A 1 57 THR 57 57 57 THR THR A . n 
A 1 58 THR 58 58 58 THR THR A . n 
A 1 59 SER 59 59 59 SER SER A . n 
A 1 60 ILE 60 60 60 ILE ILE A . n 
A 1 61 PHE 61 61 61 PHE PHE A . n 
A 1 62 PHE 62 62 62 PHE PHE A . n 
A 1 63 PRO 63 63 63 PRO PRO A . n 
A 1 64 SER 64 64 64 SER SER A . n 
A 1 65 ALA 65 65 65 ALA ALA A . n 
A 1 66 LYS 66 66 66 LYS LYS A . n 
A 1 67 ARG 67 67 67 ARG ARG A . n 
A 1 68 ALA 68 68 68 ALA ALA A . n 
A 1 69 ASP 69 69 69 ASP ASP A . n 
A 1 70 SER 70 70 70 SER SER A . n 
A 1 71 GLY 71 71 71 GLY GLY A . n 
A 1 72 ASN 72 72 72 ASN ASN A . n 
A 1 73 TYR 73 73 73 TYR TYR A . n 
A 1 74 LYS 74 74 74 LYS LYS A . n 
A 1 75 LEU 75 75 75 LEU LEU A . n 
A 1 76 LYS 76 76 76 LYS LYS A . n 
A 1 77 VAL 77 77 77 VAL VAL A . n 
A 1 78 LYS 78 78 78 LYS LYS A . n 
A 1 79 ASN 79 79 79 ASN ASN A . n 
A 1 80 GLU 80 80 80 GLU GLU A . n 
A 1 81 LEU 81 81 81 LEU LEU A . n 
A 1 82 GLY 82 82 82 GLY GLY A . n 
A 1 83 GLU 83 83 83 GLU GLU A . n 
A 1 84 ASP 84 84 84 ASP ASP A . n 
A 1 85 GLU 85 85 85 GLU GLU A . n 
A 1 86 ALA 86 86 86 ALA ALA A . n 
A 1 87 ILE 87 87 87 ILE ILE A . n 
A 1 88 PHE 88 88 88 PHE PHE A . n 
A 1 89 GLU 89 89 89 GLU GLU A . n 
A 1 90 VAL 90 90 90 VAL VAL A . n 
A 1 91 ILE 91 91 91 ILE ILE A . n 
A 1 92 VAL 92 92 92 VAL VAL A . n 
A 1 93 GLN 93 93 93 GLN GLN A . n 
# 
loop_
_software.name 
_software.classification 
_software.version 
_software.citation_id 
_software.pdbx_ordinal 
X-PLOR 'model building' 3.1 ? 1 
X-PLOR refinement       3.1 ? 2 
X-PLOR phasing          3.1 ? 3 
# 
_cell.entry_id           1WIT 
_cell.length_a           1.000 
_cell.length_b           1.000 
_cell.length_c           1.000 
_cell.angle_alpha        90.00 
_cell.angle_beta         90.00 
_cell.angle_gamma        90.00 
_cell.Z_PDB              1 
_cell.pdbx_unique_axis   ? 
# 
_symmetry.entry_id                         1WIT 
_symmetry.space_group_name_H-M             'P 1' 
_symmetry.pdbx_full_space_group_name_H-M   ? 
_symmetry.cell_setting                     ? 
_symmetry.Int_Tables_number                1 
# 
_exptl.entry_id          1WIT 
_exptl.method            'SOLUTION NMR' 
_exptl.crystals_number   ? 
# 
_struct.entry_id                  1WIT 
_struct.title                     
;TWITCHIN IMMUNOGLOBULIN SUPERFAMILY DOMAIN (IGSF MODULE) (IG 18'), NMR, MINIMIZED AVERAGE STRUCTURE
;
_struct.pdbx_model_details        ? 
_struct.pdbx_CASP_flag            ? 
_struct.pdbx_model_type_details   ? 
# 
_struct_keywords.entry_id        1WIT 
_struct_keywords.pdbx_keywords   'MUSCLE PROTEIN' 
_struct_keywords.text            'IMMUNOGLOBULIN SUPERFAMILY, I SET, MUSCLE PROTEIN' 
# 
_struct_asym.id                            A 
_struct_asym.pdbx_blank_PDB_chainid_flag   Y 
_struct_asym.pdbx_modified                 N 
_struct_asym.entity_id                     1 
_struct_asym.details                       ? 
# 
_struct_ref.id                         1 
_struct_ref.db_name                    UNP 
_struct_ref.db_code                    Q23551_CAEEL 
_struct_ref.entity_id                  1 
_struct_ref.pdbx_db_accession          Q23551 
_struct_ref.pdbx_align_begin           1 
_struct_ref.pdbx_seq_one_letter_code   
;MGIPGKKCKQGDLLMECHLEADPQPTIAWQHSGNLLEPSGRVVQTLTPLGGSLYKATLVIKEPNAGDGGAYKCTARNQLG
ESNANINLNFAGAGGDEAKSRGPSFVGKPRIIPKDGGALIVMECKVKSASTPVAKWMKDGVPLSMGGLYHAIFSDLGDQT
YLCQLEIRGPSSSDAGQYRCNIRNDQGETNANLALNFEEPDPSERQERKRSTASPRPSSRGPGSRPSSPKKSMKSREGTP
KRTLKPREGSPSKKLRSRTSTPVNEEVSQSESRRSSRTDKMEVDQVSGASKRKPDGLPPPGGDEKKLRAGSPSTRKSPSR
KSASPTPSRKGSSAGGAASGTTGASASATSATSGGSASSDASRDKYTRPPIVLEASRSQTGRIGGSVVLEVQWQCHSSTI
IEWYRDGTLVRNSSEYSQSFNGSIAKLQVNKLTEEKSGLYKCHAKCDYGEGQSSAMVKIEQSDVEEELMKHRKDAEDEYQ
KEEQKSQTLQAETKKRVARRSKSKSKSPAPQAKKSTTSESGRQEASEVEHKRSSSVRPDPDEESQLDEIPSSGLTIPEER
RRELLGQVGESDDEVSESISELPSFAGGKPRRKTDIFSCVLLYLQSPPKQDDMFSRDTLLRKTTTSTKNESSTVEEKTKL
RKTVKKVDGELDFKAMVKLKKVKKEEGGTTEKSGFPLDHADSTSSVLSQESRSRRGSNAPFAKDGLPEQPANPFAQLKKV
KSGAGGLEKSDSMASLKKLDLKKGKIDDNSDGAFKVQLKKVVKKEVKESTISVKEKNGTESGIKTEFKMEKRERTTLQKY
EKTDSDGSKKEDKPKKVSIAPVSTNKSSDDEPSTPRHHKEVEEKSTSEELKAKVAGRQVGQKRNGAQKPEEPKNLLSQIQ
LKKVTKKAHDDTNELEGIKLKKVTTVPKHVADDDSQSESESRRGSVFGELRRGSRAPRDSADNSRRDSIRRSSIDMRRES
VQEILEKTSTPLVPSGASGSAPKIVEVPENVTVVENETAILTCKVSGSPAPTFRWFKGSREVISGGRFKHITDGKEHTVA
LALLKCRSQDEGPYTLTIENVHGTDSADVKLLVTSDNGLDFRAMLKHRESQAGFQKDGEGGGAGGGGGEKKPMTEAERRQ
SLFPGKKVEKWDIPLPEKTVQQQVDKICEWKCTYSRPNAKIRWYKDRKEIFSGGLKYKIVIEKNVCTLIINNPEVDDTGK
YTCEANGVPTHAQLTVLEPPMKYSFLNPLPNTQEIYRTKQAVLTCKVNTPRAPLVWYRGSKAIQEGDPRFIIEKDAVGRC
TLTIKEVEEDDQAEWTARITQDVFSKVQVYVEEPRHTFVVPMKSQKVNESDLATLETDVNDKDAEVVWWHDGKRIDIDGV
KFKVESSNRKRRLIINGARIEDHGEYKCTTKDDRTMAQLIVDAKNKFIVALKDTEVIEKDDVTLMCQTKDTKTPGIWFRN
GKQISSMPGGKFETQSRNGTHTLKIGKIEMNEADVYEIDQAGLRGSCNVTVLEAEKRPILNWKPKKIEAKAGEPCVVKVP
FQIKGTRRGDPKAQILKNGKPIDEEMRKLVEVIIKDDVAEIVFKNPQLADTGKWALELGNSAGTALAPFELFVKDKPKPP
KGPLETKNVTAEGLDLVWGTPDPDEGAPVKAYIIEMQEGRSGNWAKVGETKGTDFKVKDLKEHGEYKFRVKALNECGLSD
PLTGESVLAKNPYGVPGKPKNMDAIDVDKDHCTLAWEPPEEDGGAPITGYIIERREKSEKDWHQVGQTKPDCCELTDKKV
VEDKEYLYRVKAVNKAGPGDPCDHGKPIKMKAKKASPEFTGGGIKDLRLKVGETIKYDVPISGEPLPECLWVVNGKPLKA
VGRVKMSSERGKHIMKIENAVRADSGKFTITLKNSSGSCDSTATVTVVGRPTPPKGPLDIADVCADGATLSWNPPDDDGG
DPLTGYIVEAQDMDNKGKYIEVGKVDPNTTTLKVNGLRNKGNYKFRVKAVNNEGESEPLSADQYTQIKDPWDEPGKPGRP
EITDFDADRIDIAWEPPHKDGGAPIEEYIVEVRDPDTKEWKEVKRVPDTNASISGLKEGKEYQFRVRAVNKAGPGQPSEP
SEKQLAKPKFIPAWLKHDNLKSITVKAGATVRWEVKIGGEPIPEVKWFKGNQQLENGIQLTIDTRKNEHTILCIPSAMRS
DVGEYRLTVKNSHGADEEKANLTVLDRPSKPNGPLEVSDVFEDNLNLSWKPPDDDGGEPIEYYEVEKLDTATGRWVPCAK
VKDTKAHIDGLKKGQTYQFRVKAVNKEGASDALSTDKDTKAKNPYDEPGKTGTPDVVDWDADRVSLEWEPPKSDGGAPIT
QYVIEKKGKHGRDWQECGKVSGDQTNAEILGLKEGEEYQFRVKAVNKAGPGEASDPSRKVVAKPRNLKPWIDREAMKTIT
IKVGNDVEFDVPVRGEPPPKKEWIFNEKPVDDQKIRIESEDYKTRFVLRGATRKHAGLYTLTATNASGSDKHSVEVIVLG
KPSSPLGPLEVSNVYEDRADLEWKVPEDDGGAPIDHYEIEKMDLATGRWVPCGRSETTKTTVPNLQPGHEYKFRVRAVNK
EGESDPLTTNTAILAKNPYEVPGKVDKPELVDWDKDHVDLAWNAPDDGGAPIEAFVIEKKDKNGRWEEALVVPGDQKTAT
VPNLKEGEEYQFRISARNKAGTGDPSDPSDRVVAKPRNLAPRIHREDLSDTTVKVGATLKFIVHIDGEPAPDVTWSFNGK
GIGESKAQIENEPYISRFALPKALRKQSGKYTITATNINGTDSVTINIKVKSKPTKPKGPIEVTDVFEDRATLDWKPPED
DGGEPIEFYEIEKMNTKDGIWVPCGRSGDTHFTVDSLNKGDHYKFRVKAVNSEGPSDPLETETDILAKNPFDRPDRPGRP
EPTDWDSDHVDLKWDPPLSDGGAPIEEYQIEKRTKYGRWEPAITVPGGQTTATVPDLTPNEEYEFRVVAVNKGGPSDPSD
ASKAVIAKPRNLKPHIDRDALKNLTIKAGQSISFDVPVSGEPAPTVTWHWPDNREIRNGGRVKLDNPEYQSKLVVKQMER
GDSGTFTIKAVNANGEDEATVKINVIDKPTSPNGPLDVSDVHGDHVTLNWRAPDDDGGIPIENYVIEKYDTASGRWVPAA
KVAGDKTTAVVDGLIPGHEYKFRVAAVNAEGESDPLETFGTTLAKDPFDKPGKTNAPEITDWDKDHVDLEWKPPANDGGA
PIEEYVVEMKDEFSPFWNDVAHVPAGQTNATVGNLKEGSKYEFRIRAKNKAGLGDPSDSASAVAKARNVPPVIDRNSIQE
IKVKAGQDFSLNIPVSGEPTPTITWTFEGTPVESDDRMKLNNEDGKTKFHVKRALRSDTGTYIIKAENENGTDTAEVKVT
VLDHPSSPRGPLDVTNIVKDGCDLAWKEPEDDGGAEISHYVIEKQDAATGRWTACGESKDTNFHVDDLTQGHEYKFRVKA
VNRHGDSDPLEAREAIIAKDPFDRADKPGTPEIVDWDKDHADLKWTPPADDGGAPIEGYLVEMRTPSGDWVPAVTVGAGE
LTATVDGLKPGQTYQFRVKALNKAGESTPSDPSRTMVAKPRHLAPKINRDMFVAQRVKAGQTLNFDVNVEGEPAPKIEWF
LNGSPLSSGGNTHIDNNTDNNTKLTTKSTARADSGKYKIVATNESGKDEHEVDVNILDIPGAPEGPLRHKDITKESVVLK
WDEPLDDGGSPITNYVVEKQEDGGRWVPCGETSDTSLKVNKLSEGHEYKFRVKAVNRQGTSAPLTSDHAIVAKNPFDEPD
APTDVTPVDWDKDHVDLEWKPPANDGGAPIDAYIVEKKDKFGDWVECARVDGKTTKATADNLTPGETYQFRVKAVNKAGP
GKPSDPTGNVVAKPRRMAPKLNLAGLLDLRIKAGTPIKLDIAFEGEPAPVAKWKANDATIDTGARADVTNTPTSSAIHIF
SAVRGDTGVYKIIVENEHGKDTAQCNVTVLDVPGTPEGPLKIDEIHKEGCTLNWKPPTDNGGTDVLHYIVEKMDTSRGTW
QEVGTFPDCTAKVNKLVPGKEYAFRVKAVNLQGESKPLEAEEPIIAKNQFDVPDPVDKPEVTDWDKDRIDIKWNPTANNG
GAPVTGYIVEKKEKGSAIWTEAGKTPGTTFSADNLKPGVEYEFRVIAVNAAGPSDPSDPTDPQITKARYLKPKILTASRK
IKIKAGFTHNLEVDFIGAPDPTATWTVGDSGAALAPELLVDAKSSTTSIFFPSAKRADSGNYKLKVKNELGEDEAIFEVI
VQDRPSAPEGPLEVSDVTKDSCVLNWKPPKDDGGAEISNYVVEKRDTKTNTWVPVSAFVTGTSITVPKLTEGHEYEFRVM
AENTFGRSDSLNTDEPVLAKDPFGTPGKPGRPEIVDTDNDHIDIKWDPPRDNGGSPVDHYDIERKDAKTGRWIKVNTSPV
QGTAFSDTRVQKGHTYEYRVVAVNKAGPGQPSDSSAAATAKPMHEAPKFDLDLDGKEFRVKAGEPLVITIPFTASPQPDI
SWTKEGGKPLAGVETTDSQTKLVIPSTRRSDSGPVKIKAVNPYGEAEANIKITVIDKPGAPENITYPAVSRHTCTLNWDA
PKDDGGAEIAGYKIEYQEVGSQIWDKVPGLISGTAYTVRGLEHGQQYRFRIRAENAVGLSDYCQGVPVVIKDPFDPPGAP
STPEITGYDTNQVSLAWNPPRDDGGSPILGYVVERFEKRGGGDWAPVKMPMVKGTECIVPGLHENETYQFRVRAVNAAGH
GEPSNGSEPVTCRPYVEKPGAPDAPRVGKITKNSAELTWNRPLRDGGAPIDGYIVEKKKLGDNDWTRCNDKPVRDTAFEV
KNLGEKEEYEFRVIAVNSAGEGEPSKPSDLVLIEEQPGRPIFDINNLKDITVRAGETIQIRIPYAGGNPKPIIDLFNGNS
PIFENERTVVDVNPGEIVITTTGSKRSDAGPYKISATNKYGKDTCKLNVFVLDAPGKPTGPIRATDIQADAMTLSWRPPK
DNGGDAITNYVVEKRTPGGDWVTVGHPVGTTLRVRNLDANTPYEFRVRAENQYGVGEPLETDDAIVAKNPFDTPGAPGQP
EAVETSEEAITLQWTRPTSDGGAPIQGYVIEKREVGSTEWTKAAFGNILDTKHRVTGLTPKKTYEFRVAAYNAAGQGEYS
VNSVPITADNAPTRPKINMGMLTRDILAYAGERAKILVPFAASPAPKVTFSKGENKISPTDPRVKVEYSDFLATLTIEKS
ELTDGGLYFVELENSQGSDSASIRLKVVDKPASPQHIRVEDIAPDCCTLYWMPPSSDGGSPITNYIVEKLDLRHSDGKWE
KVSSFVRNLNYTVGGLIKDNRYRFRVRAETQYGVSEPCELADVVVAKYQFEVPNQPEAPTVRDKDSTWAELEWDPPRDGG
SKIIGYQVQYRDTSSGRWINAKMDLSEQCHARVTGLRQNGEFEFRIIAKNAAGFSKPSPPSERCQLKSRFGPPGPPIHVG
AKSIGRNHCTITWMAPLEDGGSKITGYNVEIREYGSTLWTVASDYNVREPEFTVDKLREFNDYEFRVVAINAAGKGIPSL
PSGPIKIQESGGSRPQIVVKPEDTAQPYNRRAVFTCEAVGRPEPTARWLRNGRELPESSRYRFEASDGVYKFTIKEVWDI
DAGEYTVEVSNPYGSDTATANLVVQAPPVIEKDVPNTILPSGDLVRLKIYFSGTAPFRHSLVLNREEIDMDHPTIRIVEF
DDHILITIPALSVREAGRYEYTVSNDSGEATTGFWLNVTGLPEAPQGPLHISNIGPSTATLSWRPPVTDGGSKITSYVVE
KRDLSKDEWVTVTSNVKDMNYIVTGLFENHEYEFRVSAQNENGIGAPLVSEHPIIARLPFDPPTSPLNLEIVQVGGDYVT
LSWQRPLSDGGGRLRGYIVEKQEEEHDEWFRCNQNPSPPNNYNVPNLIDGRKYRYRVFAVNDAGLSDLAELDQTLFQASG
SGEGPKIVSPLSDLNEEVGRCVTFECEISGSPRPEYRWFKGCKELVDTSKYTLINKGDKQVLIINDLTSDDADEYTCRAT
NSSGTRSTRANLRIKTKPRVFIPPKYHGGYEAQKGETIELKIPYKAYPQGEARWTKDGEKIENNSKFSITTDDKFATLRI
SNASREDYGEYRVVVENSVGSDSGTVNVTVADVPEPPRFPIIENILDEAVILSWKPPALDGGSLVTNYTIEKREAMGGSW
SPCAKSRYTYTTIEGLRAGKQYEFRIIAENKHGQSKPCEPTAPVLIPGDERKRRRGYDVDEQGKIVRGKGTVSSNYDNYV
FDIWKQYYPQPVEIKHDHVLDHYDIHEELGTGAFGVVHRVTERATGNNFAAKFVMTPHESDKETVRKEIQTMSVLRHPTL
VNLHDAFEDDNEMVMIYEFMSGGELFEKVADEHNKMSEDEAVEYMRQVCKGLCHMHENNYVHLDLKPENIMFTTKRSNEL
KLIDFGLTAHLDPKQSVKVTTGTAEFAAPEVAEGKPVGYYTDMWSVGVLSYILLSGLSPFGGENDDETLRNVKSCDWNMD
DSAFSGISEDGKDFIRKLLLADPNTRMTIHQALEHPWLTPGNAPGRDSQIPSSRYTKIRDSIKTKYDAWPEPLPPLGRIS
NYSSLRKHRPQEYSIRDAFWDRSEAQPRFIVKPYGTEVGEGQSANFYCRVIASSPPVVTWHKDDRELKQSVKYMKRYNGN
DYGLTINRVKGDDKGEYTVRAKNSYGTKEEIVFLNVTRHSEPLKFEPLEPMKKAPSPPRVEEFKERRSAPFFTFHLRNRL
IQKNHQCKLTCSLQGNPNPTIEWMKDGHPVDEDRVQVSFRSGVCSLEIFNARVDDAGTYTVTATNDLGVDVSECVLTVQT
KGGEPIPRVSSFRPRRAYDTLSTGTDVERSHSYADMRRRSLIRDVSPDVRSAADDLKTKITNELPSFTAQLSDSETEVGG
SAEFSAAVSGQPEPLIEWLHNGERISESDSRFRASYVAGKATLRISDAKKSDEGQYLCRASNSAGQEQTRATLTVKGDQP
LLNGHAGQAVESELRVTKHLGGEIVNNGESVTFEARVQGTPEEVLWMRNGQELTNGDKTSISQDGETLSFTINSADASDA
GHYQLEVRSKGTNLVSVASLVVVGEKADPPVTRLPSSVSAPLGGSTAFTIEFENVEGLTVQWFRGSEKIEKNERVKSVKT
GNTFKLDIKNVEQDDDGIYVAKVVKEKKAIAKYAAALLLV
;
_struct_ref.pdbx_db_isoform            ? 
# 
_struct_ref_seq.align_id                      1 
_struct_ref_seq.ref_id                        1 
_struct_ref_seq.pdbx_PDB_id_code              1WIT 
_struct_ref_seq.pdbx_strand_id                A 
_struct_ref_seq.seq_align_beg                 1 
_struct_ref_seq.pdbx_seq_align_beg_ins_code   ? 
_struct_ref_seq.seq_align_end                 93 
_struct_ref_seq.pdbx_seq_align_end_ins_code   ? 
_struct_ref_seq.pdbx_db_accession             Q23551 
_struct_ref_seq.db_align_beg                  5001 
_struct_ref_seq.pdbx_db_align_beg_ins_code    ? 
_struct_ref_seq.db_align_end                  5093 
_struct_ref_seq.pdbx_db_align_end_ins_code    ? 
_struct_ref_seq.pdbx_auth_seq_align_beg       1 
_struct_ref_seq.pdbx_auth_seq_align_end       93 
# 
_pdbx_struct_assembly.id                   1 
_pdbx_struct_assembly.details              author_defined_assembly 
_pdbx_struct_assembly.method_details       ? 
_pdbx_struct_assembly.oligomeric_details   monomeric 
_pdbx_struct_assembly.oligomeric_count     1 
# 
_pdbx_struct_assembly_gen.assembly_id       1 
_pdbx_struct_assembly_gen.oper_expression   1 
_pdbx_struct_assembly_gen.asym_id_list      A 
# 
_pdbx_struct_oper_list.id                   1 
_pdbx_struct_oper_list.type                 'identity operation' 
_pdbx_struct_oper_list.name                 1_555 
_pdbx_struct_oper_list.symmetry_operation   x,y,z 
_pdbx_struct_oper_list.matrix[1][1]         1.0000000000 
_pdbx_struct_oper_list.matrix[1][2]         0.0000000000 
_pdbx_struct_oper_list.matrix[1][3]         0.0000000000 
_pdbx_struct_oper_list.vector[1]            0.0000000000 
_pdbx_struct_oper_list.matrix[2][1]         0.0000000000 
_pdbx_struct_oper_list.matrix[2][2]         1.0000000000 
_pdbx_struct_oper_list.matrix[2][3]         0.0000000000 
_pdbx_struct_oper_list.vector[2]            0.0000000000 
_pdbx_struct_oper_list.matrix[3][1]         0.0000000000 
_pdbx_struct_oper_list.matrix[3][2]         0.0000000000 
_pdbx_struct_oper_list.matrix[3][3]         1.0000000000 
_pdbx_struct_oper_list.vector[3]            0.0000000000 
# 
_struct_biol.id   1 
# 
_struct_conf.conf_type_id            HELX_P 
_struct_conf.id                      HELX_P1 
_struct_conf.pdbx_PDB_helix_id       1 
_struct_conf.beg_label_comp_id       ARG 
_struct_conf.beg_label_asym_id       A 
_struct_conf.beg_label_seq_id        67 
_struct_conf.pdbx_beg_PDB_ins_code   ? 
_struct_conf.end_label_comp_id       ASP 
_struct_conf.end_label_asym_id       A 
_struct_conf.end_label_seq_id        69 
_struct_conf.pdbx_end_PDB_ins_code   ? 
_struct_conf.beg_auth_comp_id        ARG 
_struct_conf.beg_auth_asym_id        A 
_struct_conf.beg_auth_seq_id         67 
_struct_conf.end_auth_comp_id        ASP 
_struct_conf.end_auth_asym_id        A 
_struct_conf.end_auth_seq_id         69 
_struct_conf.pdbx_PDB_helix_class    5 
_struct_conf.details                 ? 
_struct_conf.pdbx_PDB_helix_length   3 
# 
_struct_conf_type.id          HELX_P 
_struct_conf_type.criteria    ? 
_struct_conf_type.reference   ? 
# 
_struct_mon_prot_cis.pdbx_id                1 
_struct_mon_prot_cis.label_comp_id          ALA 
_struct_mon_prot_cis.label_seq_id           29 
_struct_mon_prot_cis.label_asym_id          A 
_struct_mon_prot_cis.label_alt_id           . 
_struct_mon_prot_cis.pdbx_PDB_ins_code      ? 
_struct_mon_prot_cis.auth_comp_id           ALA 
_struct_mon_prot_cis.auth_seq_id            29 
_struct_mon_prot_cis.auth_asym_id           A 
_struct_mon_prot_cis.pdbx_label_comp_id_2   PRO 
_struct_mon_prot_cis.pdbx_label_seq_id_2    30 
_struct_mon_prot_cis.pdbx_label_asym_id_2   A 
_struct_mon_prot_cis.pdbx_PDB_ins_code_2    ? 
_struct_mon_prot_cis.pdbx_auth_comp_id_2    PRO 
_struct_mon_prot_cis.pdbx_auth_seq_id_2     30 
_struct_mon_prot_cis.pdbx_auth_asym_id_2    A 
_struct_mon_prot_cis.pdbx_PDB_model_num     1 
_struct_mon_prot_cis.pdbx_omega_angle       0.91 
# 
loop_
_struct_sheet.id 
_struct_sheet.type 
_struct_sheet.number_strands 
_struct_sheet.details 
S1 ? 4 ? 
S2 ? 5 ? 
# 
loop_
_struct_sheet_order.sheet_id 
_struct_sheet_order.range_id_1 
_struct_sheet_order.range_id_2 
_struct_sheet_order.offset 
_struct_sheet_order.sense 
S1 1 2 ? anti-parallel 
S1 2 3 ? anti-parallel 
S1 3 4 ? anti-parallel 
S2 1 2 ? parallel      
S2 2 3 ? anti-parallel 
S2 3 4 ? anti-parallel 
S2 4 5 ? anti-parallel 
# 
loop_
_struct_sheet_range.sheet_id 
_struct_sheet_range.id 
_struct_sheet_range.beg_label_comp_id 
_struct_sheet_range.beg_label_asym_id 
_struct_sheet_range.beg_label_seq_id 
_struct_sheet_range.pdbx_beg_PDB_ins_code 
_struct_sheet_range.end_label_comp_id 
_struct_sheet_range.end_label_asym_id 
_struct_sheet_range.end_label_seq_id 
_struct_sheet_range.pdbx_end_PDB_ins_code 
_struct_sheet_range.beg_auth_comp_id 
_struct_sheet_range.beg_auth_asym_id 
_struct_sheet_range.beg_auth_seq_id 
_struct_sheet_range.end_auth_comp_id 
_struct_sheet_range.end_auth_asym_id 
_struct_sheet_range.end_auth_seq_id 
S1 1 LYS A 4  ? LEU A 6  ? LYS A 4  LEU A 6  
S1 2 HIS A 20 ? ILE A 27 ? HIS A 20 ILE A 27 
S1 3 THR A 57 ? PHE A 62 ? THR A 57 PHE A 62 
S1 4 LEU A 50 ? LYS A 54 ? LEU A 50 LYS A 54 
S2 1 ARG A 10 ? ILE A 14 ? ARG A 10 ILE A 14 
S2 2 GLY A 82 ? GLN A 93 ? GLY A 82 GLN A 93 
S2 3 GLY A 71 ? ASN A 79 ? GLY A 71 ASN A 79 
S2 4 THR A 33 ? THR A 37 ? THR A 33 THR A 37 
S2 5 ALA A 44 ? LEU A 45 ? ALA A 44 LEU A 45 
# 
loop_
_pdbx_struct_sheet_hbond.sheet_id 
_pdbx_struct_sheet_hbond.range_id_1 
_pdbx_struct_sheet_hbond.range_id_2 
_pdbx_struct_sheet_hbond.range_1_label_atom_id 
_pdbx_struct_sheet_hbond.range_1_label_comp_id 
_pdbx_struct_sheet_hbond.range_1_label_asym_id 
_pdbx_struct_sheet_hbond.range_1_label_seq_id 
_pdbx_struct_sheet_hbond.range_1_PDB_ins_code 
_pdbx_struct_sheet_hbond.range_1_auth_atom_id 
_pdbx_struct_sheet_hbond.range_1_auth_comp_id 
_pdbx_struct_sheet_hbond.range_1_auth_asym_id 
_pdbx_struct_sheet_hbond.range_1_auth_seq_id 
_pdbx_struct_sheet_hbond.range_2_label_atom_id 
_pdbx_struct_sheet_hbond.range_2_label_comp_id 
_pdbx_struct_sheet_hbond.range_2_label_asym_id 
_pdbx_struct_sheet_hbond.range_2_label_seq_id 
_pdbx_struct_sheet_hbond.range_2_PDB_ins_code 
_pdbx_struct_sheet_hbond.range_2_auth_atom_id 
_pdbx_struct_sheet_hbond.range_2_auth_comp_id 
_pdbx_struct_sheet_hbond.range_2_auth_asym_id 
_pdbx_struct_sheet_hbond.range_2_auth_seq_id 
S1 1 2 O LYS A 4  ? O LYS A 4  N ILE A 27 ? N ILE A 27 
S1 2 3 O LEU A 22 ? O LEU A 22 N ILE A 60 ? N ILE A 60 
S1 3 4 O SER A 59 ? O SER A 59 N ASP A 52 ? N ASP A 52 
S2 1 2 O ILE A 12 ? O ILE A 12 N ILE A 91 ? N ILE A 91 
S2 2 3 O ALA A 86 ? O ALA A 86 N LEU A 75 ? N LEU A 75 
S2 3 4 O LYS A 76 ? O LYS A 76 N THR A 35 ? N THR A 35 
S2 4 5 O TRP A 36 ? O TRP A 36 N LEU A 45 ? N LEU A 45 
# 
loop_
_pdbx_validate_torsion.id 
_pdbx_validate_torsion.PDB_model_num 
_pdbx_validate_torsion.auth_comp_id 
_pdbx_validate_torsion.auth_asym_id 
_pdbx_validate_torsion.auth_seq_id 
_pdbx_validate_torsion.PDB_ins_code 
_pdbx_validate_torsion.label_alt_id 
_pdbx_validate_torsion.phi 
_pdbx_validate_torsion.psi 
1  1 LYS A 4  ? ? -100.05 79.08   
2  1 THR A 7  ? ? -38.92  120.30  
3  1 SER A 9  ? ? 59.50   121.55  
4  1 ARG A 10 ? ? -167.58 -82.65  
5  1 ALA A 29 ? ? 176.09  167.93  
6  1 ASP A 31 ? ? 34.85   84.72   
7  1 PRO A 32 ? ? -78.62  -167.86 
8  1 ALA A 46 ? ? 165.21  -52.83  
9  1 LEU A 49 ? ? 176.61  -164.08 
10 1 THR A 57 ? ? -178.64 -168.07 
11 1 THR A 58 ? ? 178.31  154.33  
12 1 PHE A 62 ? ? -141.59 46.16   
13 1 SER A 70 ? ? -46.41  92.79   
14 1 ASN A 79 ? ? -176.48 89.12   
15 1 GLU A 80 ? ? 64.91   -83.13  
# 
loop_
_pdbx_validate_planes.id 
_pdbx_validate_planes.PDB_model_num 
_pdbx_validate_planes.auth_comp_id 
_pdbx_validate_planes.auth_asym_id 
_pdbx_validate_planes.auth_seq_id 
_pdbx_validate_planes.PDB_ins_code 
_pdbx_validate_planes.label_alt_id 
_pdbx_validate_planes.rmsd 
_pdbx_validate_planes.type 
1 1 ARG A 10 ? ? 0.294 'SIDE CHAIN' 
2 1 ARG A 67 ? ? 0.082 'SIDE CHAIN' 
# 
_pdbx_nmr_ensemble.entry_id                             1WIT 
_pdbx_nmr_ensemble.conformers_calculated_total_number   ? 
_pdbx_nmr_ensemble.conformers_submitted_total_number    1 
_pdbx_nmr_ensemble.conformer_selection_criteria         'MINIMIZED AVERAGE' 
# 
_pdbx_nmr_software.classification   refinement 
_pdbx_nmr_software.name             X-PLOR 
_pdbx_nmr_software.version          ? 
_pdbx_nmr_software.authors          BRUNGER 
_pdbx_nmr_software.ordinal          1 
# 
loop_
_chem_comp_atom.comp_id 
_chem_comp_atom.atom_id 
_chem_comp_atom.type_symbol 
_chem_comp_atom.pdbx_aromatic_flag 
_chem_comp_atom.pdbx_stereo_config 
_chem_comp_atom.pdbx_ordinal 
ALA N    N N N 1   
ALA CA   C N S 2   
ALA C    C N N 3   
ALA O    O N N 4   
ALA CB   C N N 5   
ALA OXT  O N N 6   
ALA H    H N N 7   
ALA H2   H N N 8   
ALA HA   H N N 9   
ALA HB1  H N N 10  
ALA HB2  H N N 11  
ALA HB3  H N N 12  
ALA HXT  H N N 13  
ARG N    N N N 14  
ARG CA   C N S 15  
ARG C    C N N 16  
ARG O    O N N 17  
ARG CB   C N N 18  
ARG CG   C N N 19  
ARG CD   C N N 20  
ARG NE   N N N 21  
ARG CZ   C N N 22  
ARG NH1  N N N 23  
ARG NH2  N N N 24  
ARG OXT  O N N 25  
ARG H    H N N 26  
ARG H2   H N N 27  
ARG HA   H N N 28  
ARG HB2  H N N 29  
ARG HB3  H N N 30  
ARG HG2  H N N 31  
ARG HG3  H N N 32  
ARG HD2  H N N 33  
ARG HD3  H N N 34  
ARG HE   H N N 35  
ARG HH11 H N N 36  
ARG HH12 H N N 37  
ARG HH21 H N N 38  
ARG HH22 H N N 39  
ARG HXT  H N N 40  
ASN N    N N N 41  
ASN CA   C N S 42  
ASN C    C N N 43  
ASN O    O N N 44  
ASN CB   C N N 45  
ASN CG   C N N 46  
ASN OD1  O N N 47  
ASN ND2  N N N 48  
ASN OXT  O N N 49  
ASN H    H N N 50  
ASN H2   H N N 51  
ASN HA   H N N 52  
ASN HB2  H N N 53  
ASN HB3  H N N 54  
ASN HD21 H N N 55  
ASN HD22 H N N 56  
ASN HXT  H N N 57  
ASP N    N N N 58  
ASP CA   C N S 59  
ASP C    C N N 60  
ASP O    O N N 61  
ASP CB   C N N 62  
ASP CG   C N N 63  
ASP OD1  O N N 64  
ASP OD2  O N N 65  
ASP OXT  O N N 66  
ASP H    H N N 67  
ASP H2   H N N 68  
ASP HA   H N N 69  
ASP HB2  H N N 70  
ASP HB3  H N N 71  
ASP HD2  H N N 72  
ASP HXT  H N N 73  
GLN N    N N N 74  
GLN CA   C N S 75  
GLN C    C N N 76  
GLN O    O N N 77  
GLN CB   C N N 78  
GLN CG   C N N 79  
GLN CD   C N N 80  
GLN OE1  O N N 81  
GLN NE2  N N N 82  
GLN OXT  O N N 83  
GLN H    H N N 84  
GLN H2   H N N 85  
GLN HA   H N N 86  
GLN HB2  H N N 87  
GLN HB3  H N N 88  
GLN HG2  H N N 89  
GLN HG3  H N N 90  
GLN HE21 H N N 91  
GLN HE22 H N N 92  
GLN HXT  H N N 93  
GLU N    N N N 94  
GLU CA   C N S 95  
GLU C    C N N 96  
GLU O    O N N 97  
GLU CB   C N N 98  
GLU CG   C N N 99  
GLU CD   C N N 100 
GLU OE1  O N N 101 
GLU OE2  O N N 102 
GLU OXT  O N N 103 
GLU H    H N N 104 
GLU H2   H N N 105 
GLU HA   H N N 106 
GLU HB2  H N N 107 
GLU HB3  H N N 108 
GLU HG2  H N N 109 
GLU HG3  H N N 110 
GLU HE2  H N N 111 
GLU HXT  H N N 112 
GLY N    N N N 113 
GLY CA   C N N 114 
GLY C    C N N 115 
GLY O    O N N 116 
GLY OXT  O N N 117 
GLY H    H N N 118 
GLY H2   H N N 119 
GLY HA2  H N N 120 
GLY HA3  H N N 121 
GLY HXT  H N N 122 
HIS N    N N N 123 
HIS CA   C N S 124 
HIS C    C N N 125 
HIS O    O N N 126 
HIS CB   C N N 127 
HIS CG   C Y N 128 
HIS ND1  N Y N 129 
HIS CD2  C Y N 130 
HIS CE1  C Y N 131 
HIS NE2  N Y N 132 
HIS OXT  O N N 133 
HIS H    H N N 134 
HIS H2   H N N 135 
HIS HA   H N N 136 
HIS HB2  H N N 137 
HIS HB3  H N N 138 
HIS HD1  H N N 139 
HIS HD2  H N N 140 
HIS HE1  H N N 141 
HIS HE2  H N N 142 
HIS HXT  H N N 143 
ILE N    N N N 144 
ILE CA   C N S 145 
ILE C    C N N 146 
ILE O    O N N 147 
ILE CB   C N S 148 
ILE CG1  C N N 149 
ILE CG2  C N N 150 
ILE CD1  C N N 151 
ILE OXT  O N N 152 
ILE H    H N N 153 
ILE H2   H N N 154 
ILE HA   H N N 155 
ILE HB   H N N 156 
ILE HG12 H N N 157 
ILE HG13 H N N 158 
ILE HG21 H N N 159 
ILE HG22 H N N 160 
ILE HG23 H N N 161 
ILE HD11 H N N 162 
ILE HD12 H N N 163 
ILE HD13 H N N 164 
ILE HXT  H N N 165 
LEU N    N N N 166 
LEU CA   C N S 167 
LEU C    C N N 168 
LEU O    O N N 169 
LEU CB   C N N 170 
LEU CG   C N N 171 
LEU CD1  C N N 172 
LEU CD2  C N N 173 
LEU OXT  O N N 174 
LEU H    H N N 175 
LEU H2   H N N 176 
LEU HA   H N N 177 
LEU HB2  H N N 178 
LEU HB3  H N N 179 
LEU HG   H N N 180 
LEU HD11 H N N 181 
LEU HD12 H N N 182 
LEU HD13 H N N 183 
LEU HD21 H N N 184 
LEU HD22 H N N 185 
LEU HD23 H N N 186 
LEU HXT  H N N 187 
LYS N    N N N 188 
LYS CA   C N S 189 
LYS C    C N N 190 
LYS O    O N N 191 
LYS CB   C N N 192 
LYS CG   C N N 193 
LYS CD   C N N 194 
LYS CE   C N N 195 
LYS NZ   N N N 196 
LYS OXT  O N N 197 
LYS H    H N N 198 
LYS H2   H N N 199 
LYS HA   H N N 200 
LYS HB2  H N N 201 
LYS HB3  H N N 202 
LYS HG2  H N N 203 
LYS HG3  H N N 204 
LYS HD2  H N N 205 
LYS HD3  H N N 206 
LYS HE2  H N N 207 
LYS HE3  H N N 208 
LYS HZ1  H N N 209 
LYS HZ2  H N N 210 
LYS HZ3  H N N 211 
LYS HXT  H N N 212 
PHE N    N N N 213 
PHE CA   C N S 214 
PHE C    C N N 215 
PHE O    O N N 216 
PHE CB   C N N 217 
PHE CG   C Y N 218 
PHE CD1  C Y N 219 
PHE CD2  C Y N 220 
PHE CE1  C Y N 221 
PHE CE2  C Y N 222 
PHE CZ   C Y N 223 
PHE OXT  O N N 224 
PHE H    H N N 225 
PHE H2   H N N 226 
PHE HA   H N N 227 
PHE HB2  H N N 228 
PHE HB3  H N N 229 
PHE HD1  H N N 230 
PHE HD2  H N N 231 
PHE HE1  H N N 232 
PHE HE2  H N N 233 
PHE HZ   H N N 234 
PHE HXT  H N N 235 
PRO N    N N N 236 
PRO CA   C N S 237 
PRO C    C N N 238 
PRO O    O N N 239 
PRO CB   C N N 240 
PRO CG   C N N 241 
PRO CD   C N N 242 
PRO OXT  O N N 243 
PRO H    H N N 244 
PRO HA   H N N 245 
PRO HB2  H N N 246 
PRO HB3  H N N 247 
PRO HG2  H N N 248 
PRO HG3  H N N 249 
PRO HD2  H N N 250 
PRO HD3  H N N 251 
PRO HXT  H N N 252 
SER N    N N N 253 
SER CA   C N S 254 
SER C    C N N 255 
SER O    O N N 256 
SER CB   C N N 257 
SER OG   O N N 258 
SER OXT  O N N 259 
SER H    H N N 260 
SER H2   H N N 261 
SER HA   H N N 262 
SER HB2  H N N 263 
SER HB3  H N N 264 
SER HG   H N N 265 
SER HXT  H N N 266 
THR N    N N N 267 
THR CA   C N S 268 
THR C    C N N 269 
THR O    O N N 270 
THR CB   C N R 271 
THR OG1  O N N 272 
THR CG2  C N N 273 
THR OXT  O N N 274 
THR H    H N N 275 
THR H2   H N N 276 
THR HA   H N N 277 
THR HB   H N N 278 
THR HG1  H N N 279 
THR HG21 H N N 280 
THR HG22 H N N 281 
THR HG23 H N N 282 
THR HXT  H N N 283 
TRP N    N N N 284 
TRP CA   C N S 285 
TRP C    C N N 286 
TRP O    O N N 287 
TRP CB   C N N 288 
TRP CG   C Y N 289 
TRP CD1  C Y N 290 
TRP CD2  C Y N 291 
TRP NE1  N Y N 292 
TRP CE2  C Y N 293 
TRP CE3  C Y N 294 
TRP CZ2  C Y N 295 
TRP CZ3  C Y N 296 
TRP CH2  C Y N 297 
TRP OXT  O N N 298 
TRP H    H N N 299 
TRP H2   H N N 300 
TRP HA   H N N 301 
TRP HB2  H N N 302 
TRP HB3  H N N 303 
TRP HD1  H N N 304 
TRP HE1  H N N 305 
TRP HE3  H N N 306 
TRP HZ2  H N N 307 
TRP HZ3  H N N 308 
TRP HH2  H N N 309 
TRP HXT  H N N 310 
TYR N    N N N 311 
TYR CA   C N S 312 
TYR C    C N N 313 
TYR O    O N N 314 
TYR CB   C N N 315 
TYR CG   C Y N 316 
TYR CD1  C Y N 317 
TYR CD2  C Y N 318 
TYR CE1  C Y N 319 
TYR CE2  C Y N 320 
TYR CZ   C Y N 321 
TYR OH   O N N 322 
TYR OXT  O N N 323 
TYR H    H N N 324 
TYR H2   H N N 325 
TYR HA   H N N 326 
TYR HB2  H N N 327 
TYR HB3  H N N 328 
TYR HD1  H N N 329 
TYR HD2  H N N 330 
TYR HE1  H N N 331 
TYR HE2  H N N 332 
TYR HH   H N N 333 
TYR HXT  H N N 334 
VAL N    N N N 335 
VAL CA   C N S 336 
VAL C    C N N 337 
VAL O    O N N 338 
VAL CB   C N N 339 
VAL CG1  C N N 340 
VAL CG2  C N N 341 
VAL OXT  O N N 342 
VAL H    H N N 343 
VAL H2   H N N 344 
VAL HA   H N N 345 
VAL HB   H N N 346 
VAL HG11 H N N 347 
VAL HG12 H N N 348 
VAL HG13 H N N 349 
VAL HG21 H N N 350 
VAL HG22 H N N 351 
VAL HG23 H N N 352 
VAL HXT  H N N 353 
# 
loop_
_chem_comp_bond.comp_id 
_chem_comp_bond.atom_id_1 
_chem_comp_bond.atom_id_2 
_chem_comp_bond.value_order 
_chem_comp_bond.pdbx_aromatic_flag 
_chem_comp_bond.pdbx_stereo_config 
_chem_comp_bond.pdbx_ordinal 
ALA N   CA   sing N N 1   
ALA N   H    sing N N 2   
ALA N   H2   sing N N 3   
ALA CA  C    sing N N 4   
ALA CA  CB   sing N N 5   
ALA CA  HA   sing N N 6   
ALA C   O    doub N N 7   
ALA C   OXT  sing N N 8   
ALA CB  HB1  sing N N 9   
ALA CB  HB2  sing N N 10  
ALA CB  HB3  sing N N 11  
ALA OXT HXT  sing N N 12  
ARG N   CA   sing N N 13  
ARG N   H    sing N N 14  
ARG N   H2   sing N N 15  
ARG CA  C    sing N N 16  
ARG CA  CB   sing N N 17  
ARG CA  HA   sing N N 18  
ARG C   O    doub N N 19  
ARG C   OXT  sing N N 20  
ARG CB  CG   sing N N 21  
ARG CB  HB2  sing N N 22  
ARG CB  HB3  sing N N 23  
ARG CG  CD   sing N N 24  
ARG CG  HG2  sing N N 25  
ARG CG  HG3  sing N N 26  
ARG CD  NE   sing N N 27  
ARG CD  HD2  sing N N 28  
ARG CD  HD3  sing N N 29  
ARG NE  CZ   sing N N 30  
ARG NE  HE   sing N N 31  
ARG CZ  NH1  sing N N 32  
ARG CZ  NH2  doub N N 33  
ARG NH1 HH11 sing N N 34  
ARG NH1 HH12 sing N N 35  
ARG NH2 HH21 sing N N 36  
ARG NH2 HH22 sing N N 37  
ARG OXT HXT  sing N N 38  
ASN N   CA   sing N N 39  
ASN N   H    sing N N 40  
ASN N   H2   sing N N 41  
ASN CA  C    sing N N 42  
ASN CA  CB   sing N N 43  
ASN CA  HA   sing N N 44  
ASN C   O    doub N N 45  
ASN C   OXT  sing N N 46  
ASN CB  CG   sing N N 47  
ASN CB  HB2  sing N N 48  
ASN CB  HB3  sing N N 49  
ASN CG  OD1  doub N N 50  
ASN CG  ND2  sing N N 51  
ASN ND2 HD21 sing N N 52  
ASN ND2 HD22 sing N N 53  
ASN OXT HXT  sing N N 54  
ASP N   CA   sing N N 55  
ASP N   H    sing N N 56  
ASP N   H2   sing N N 57  
ASP CA  C    sing N N 58  
ASP CA  CB   sing N N 59  
ASP CA  HA   sing N N 60  
ASP C   O    doub N N 61  
ASP C   OXT  sing N N 62  
ASP CB  CG   sing N N 63  
ASP CB  HB2  sing N N 64  
ASP CB  HB3  sing N N 65  
ASP CG  OD1  doub N N 66  
ASP CG  OD2  sing N N 67  
ASP OD2 HD2  sing N N 68  
ASP OXT HXT  sing N N 69  
GLN N   CA   sing N N 70  
GLN N   H    sing N N 71  
GLN N   H2   sing N N 72  
GLN CA  C    sing N N 73  
GLN CA  CB   sing N N 74  
GLN CA  HA   sing N N 75  
GLN C   O    doub N N 76  
GLN C   OXT  sing N N 77  
GLN CB  CG   sing N N 78  
GLN CB  HB2  sing N N 79  
GLN CB  HB3  sing N N 80  
GLN CG  CD   sing N N 81  
GLN CG  HG2  sing N N 82  
GLN CG  HG3  sing N N 83  
GLN CD  OE1  doub N N 84  
GLN CD  NE2  sing N N 85  
GLN NE2 HE21 sing N N 86  
GLN NE2 HE22 sing N N 87  
GLN OXT HXT  sing N N 88  
GLU N   CA   sing N N 89  
GLU N   H    sing N N 90  
GLU N   H2   sing N N 91  
GLU CA  C    sing N N 92  
GLU CA  CB   sing N N 93  
GLU CA  HA   sing N N 94  
GLU C   O    doub N N 95  
GLU C   OXT  sing N N 96  
GLU CB  CG   sing N N 97  
GLU CB  HB2  sing N N 98  
GLU CB  HB3  sing N N 99  
GLU CG  CD   sing N N 100 
GLU CG  HG2  sing N N 101 
GLU CG  HG3  sing N N 102 
GLU CD  OE1  doub N N 103 
GLU CD  OE2  sing N N 104 
GLU OE2 HE2  sing N N 105 
GLU OXT HXT  sing N N 106 
GLY N   CA   sing N N 107 
GLY N   H    sing N N 108 
GLY N   H2   sing N N 109 
GLY CA  C    sing N N 110 
GLY CA  HA2  sing N N 111 
GLY CA  HA3  sing N N 112 
GLY C   O    doub N N 113 
GLY C   OXT  sing N N 114 
GLY OXT HXT  sing N N 115 
HIS N   CA   sing N N 116 
HIS N   H    sing N N 117 
HIS N   H2   sing N N 118 
HIS CA  C    sing N N 119 
HIS CA  CB   sing N N 120 
HIS CA  HA   sing N N 121 
HIS C   O    doub N N 122 
HIS C   OXT  sing N N 123 
HIS CB  CG   sing N N 124 
HIS CB  HB2  sing N N 125 
HIS CB  HB3  sing N N 126 
HIS CG  ND1  sing Y N 127 
HIS CG  CD2  doub Y N 128 
HIS ND1 CE1  doub Y N 129 
HIS ND1 HD1  sing N N 130 
HIS CD2 NE2  sing Y N 131 
HIS CD2 HD2  sing N N 132 
HIS CE1 NE2  sing Y N 133 
HIS CE1 HE1  sing N N 134 
HIS NE2 HE2  sing N N 135 
HIS OXT HXT  sing N N 136 
ILE N   CA   sing N N 137 
ILE N   H    sing N N 138 
ILE N   H2   sing N N 139 
ILE CA  C    sing N N 140 
ILE CA  CB   sing N N 141 
ILE CA  HA   sing N N 142 
ILE C   O    doub N N 143 
ILE C   OXT  sing N N 144 
ILE CB  CG1  sing N N 145 
ILE CB  CG2  sing N N 146 
ILE CB  HB   sing N N 147 
ILE CG1 CD1  sing N N 148 
ILE CG1 HG12 sing N N 149 
ILE CG1 HG13 sing N N 150 
ILE CG2 HG21 sing N N 151 
ILE CG2 HG22 sing N N 152 
ILE CG2 HG23 sing N N 153 
ILE CD1 HD11 sing N N 154 
ILE CD1 HD12 sing N N 155 
ILE CD1 HD13 sing N N 156 
ILE OXT HXT  sing N N 157 
LEU N   CA   sing N N 158 
LEU N   H    sing N N 159 
LEU N   H2   sing N N 160 
LEU CA  C    sing N N 161 
LEU CA  CB   sing N N 162 
LEU CA  HA   sing N N 163 
LEU C   O    doub N N 164 
LEU C   OXT  sing N N 165 
LEU CB  CG   sing N N 166 
LEU CB  HB2  sing N N 167 
LEU CB  HB3  sing N N 168 
LEU CG  CD1  sing N N 169 
LEU CG  CD2  sing N N 170 
LEU CG  HG   sing N N 171 
LEU CD1 HD11 sing N N 172 
LEU CD1 HD12 sing N N 173 
LEU CD1 HD13 sing N N 174 
LEU CD2 HD21 sing N N 175 
LEU CD2 HD22 sing N N 176 
LEU CD2 HD23 sing N N 177 
LEU OXT HXT  sing N N 178 
LYS N   CA   sing N N 179 
LYS N   H    sing N N 180 
LYS N   H2   sing N N 181 
LYS CA  C    sing N N 182 
LYS CA  CB   sing N N 183 
LYS CA  HA   sing N N 184 
LYS C   O    doub N N 185 
LYS C   OXT  sing N N 186 
LYS CB  CG   sing N N 187 
LYS CB  HB2  sing N N 188 
LYS CB  HB3  sing N N 189 
LYS CG  CD   sing N N 190 
LYS CG  HG2  sing N N 191 
LYS CG  HG3  sing N N 192 
LYS CD  CE   sing N N 193 
LYS CD  HD2  sing N N 194 
LYS CD  HD3  sing N N 195 
LYS CE  NZ   sing N N 196 
LYS CE  HE2  sing N N 197 
LYS CE  HE3  sing N N 198 
LYS NZ  HZ1  sing N N 199 
LYS NZ  HZ2  sing N N 200 
LYS NZ  HZ3  sing N N 201 
LYS OXT HXT  sing N N 202 
PHE N   CA   sing N N 203 
PHE N   H    sing N N 204 
PHE N   H2   sing N N 205 
PHE CA  C    sing N N 206 
PHE CA  CB   sing N N 207 
PHE CA  HA   sing N N 208 
PHE C   O    doub N N 209 
PHE C   OXT  sing N N 210 
PHE CB  CG   sing N N 211 
PHE CB  HB2  sing N N 212 
PHE CB  HB3  sing N N 213 
PHE CG  CD1  doub Y N 214 
PHE CG  CD2  sing Y N 215 
PHE CD1 CE1  sing Y N 216 
PHE CD1 HD1  sing N N 217 
PHE CD2 CE2  doub Y N 218 
PHE CD2 HD2  sing N N 219 
PHE CE1 CZ   doub Y N 220 
PHE CE1 HE1  sing N N 221 
PHE CE2 CZ   sing Y N 222 
PHE CE2 HE2  sing N N 223 
PHE CZ  HZ   sing N N 224 
PHE OXT HXT  sing N N 225 
PRO N   CA   sing N N 226 
PRO N   CD   sing N N 227 
PRO N   H    sing N N 228 
PRO CA  C    sing N N 229 
PRO CA  CB   sing N N 230 
PRO CA  HA   sing N N 231 
PRO C   O    doub N N 232 
PRO C   OXT  sing N N 233 
PRO CB  CG   sing N N 234 
PRO CB  HB2  sing N N 235 
PRO CB  HB3  sing N N 236 
PRO CG  CD   sing N N 237 
PRO CG  HG2  sing N N 238 
PRO CG  HG3  sing N N 239 
PRO CD  HD2  sing N N 240 
PRO CD  HD3  sing N N 241 
PRO OXT HXT  sing N N 242 
SER N   CA   sing N N 243 
SER N   H    sing N N 244 
SER N   H2   sing N N 245 
SER CA  C    sing N N 246 
SER CA  CB   sing N N 247 
SER CA  HA   sing N N 248 
SER C   O    doub N N 249 
SER C   OXT  sing N N 250 
SER CB  OG   sing N N 251 
SER CB  HB2  sing N N 252 
SER CB  HB3  sing N N 253 
SER OG  HG   sing N N 254 
SER OXT HXT  sing N N 255 
THR N   CA   sing N N 256 
THR N   H    sing N N 257 
THR N   H2   sing N N 258 
THR CA  C    sing N N 259 
THR CA  CB   sing N N 260 
THR CA  HA   sing N N 261 
THR C   O    doub N N 262 
THR C   OXT  sing N N 263 
THR CB  OG1  sing N N 264 
THR CB  CG2  sing N N 265 
THR CB  HB   sing N N 266 
THR OG1 HG1  sing N N 267 
THR CG2 HG21 sing N N 268 
THR CG2 HG22 sing N N 269 
THR CG2 HG23 sing N N 270 
THR OXT HXT  sing N N 271 
TRP N   CA   sing N N 272 
TRP N   H    sing N N 273 
TRP N   H2   sing N N 274 
TRP CA  C    sing N N 275 
TRP CA  CB   sing N N 276 
TRP CA  HA   sing N N 277 
TRP C   O    doub N N 278 
TRP C   OXT  sing N N 279 
TRP CB  CG   sing N N 280 
TRP CB  HB2  sing N N 281 
TRP CB  HB3  sing N N 282 
TRP CG  CD1  doub Y N 283 
TRP CG  CD2  sing Y N 284 
TRP CD1 NE1  sing Y N 285 
TRP CD1 HD1  sing N N 286 
TRP CD2 CE2  doub Y N 287 
TRP CD2 CE3  sing Y N 288 
TRP NE1 CE2  sing Y N 289 
TRP NE1 HE1  sing N N 290 
TRP CE2 CZ2  sing Y N 291 
TRP CE3 CZ3  doub Y N 292 
TRP CE3 HE3  sing N N 293 
TRP CZ2 CH2  doub Y N 294 
TRP CZ2 HZ2  sing N N 295 
TRP CZ3 CH2  sing Y N 296 
TRP CZ3 HZ3  sing N N 297 
TRP CH2 HH2  sing N N 298 
TRP OXT HXT  sing N N 299 
TYR N   CA   sing N N 300 
TYR N   H    sing N N 301 
TYR N   H2   sing N N 302 
TYR CA  C    sing N N 303 
TYR CA  CB   sing N N 304 
TYR CA  HA   sing N N 305 
TYR C   O    doub N N 306 
TYR C   OXT  sing N N 307 
TYR CB  CG   sing N N 308 
TYR CB  HB2  sing N N 309 
TYR CB  HB3  sing N N 310 
TYR CG  CD1  doub Y N 311 
TYR CG  CD2  sing Y N 312 
TYR CD1 CE1  sing Y N 313 
TYR CD1 HD1  sing N N 314 
TYR CD2 CE2  doub Y N 315 
TYR CD2 HD2  sing N N 316 
TYR CE1 CZ   doub Y N 317 
TYR CE1 HE1  sing N N 318 
TYR CE2 CZ   sing Y N 319 
TYR CE2 HE2  sing N N 320 
TYR CZ  OH   sing N N 321 
TYR OH  HH   sing N N 322 
TYR OXT HXT  sing N N 323 
VAL N   CA   sing N N 324 
VAL N   H    sing N N 325 
VAL N   H2   sing N N 326 
VAL CA  C    sing N N 327 
VAL CA  CB   sing N N 328 
VAL CA  HA   sing N N 329 
VAL C   O    doub N N 330 
VAL C   OXT  sing N N 331 
VAL CB  CG1  sing N N 332 
VAL CB  CG2  sing N N 333 
VAL CB  HB   sing N N 334 
VAL CG1 HG11 sing N N 335 
VAL CG1 HG12 sing N N 336 
VAL CG1 HG13 sing N N 337 
VAL CG2 HG21 sing N N 338 
VAL CG2 HG22 sing N N 339 
VAL CG2 HG23 sing N N 340 
VAL OXT HXT  sing N N 341 
# 
_atom_sites.entry_id                    1WIT 
_atom_sites.fract_transf_matrix[1][1]   1.000000 
_atom_sites.fract_transf_matrix[1][2]   0.000000 
_atom_sites.fract_transf_matrix[1][3]   0.000000 
_atom_sites.fract_transf_matrix[2][1]   0.000000 
_atom_sites.fract_transf_matrix[2][2]   1.000000 
_atom_sites.fract_transf_matrix[2][3]   0.000000 
_atom_sites.fract_transf_matrix[3][1]   0.000000 
_atom_sites.fract_transf_matrix[3][2]   0.000000 
_atom_sites.fract_transf_matrix[3][3]   1.000000 
_atom_sites.fract_transf_vector[1]      0.00000 
_atom_sites.fract_transf_vector[2]      0.00000 
_atom_sites.fract_transf_vector[3]      0.00000 
# 
loop_
_atom_type.symbol 
C 
H 
N 
O 
# 
loop_
_atom_site.group_PDB 
_atom_site.id 
_atom_site.type_symbol 
_atom_site.label_atom_id 
_atom_site.label_alt_id 
_atom_site.label_comp_id 
_atom_site.label_asym_id 
_atom_site.label_entity_id 
_atom_site.label_seq_id 
_atom_site.pdbx_PDB_ins_code 
_atom_site.Cartn_x 
_atom_site.Cartn_y 
_atom_site.Cartn_z 
_atom_site.occupancy 
_atom_site.B_iso_or_equiv 
_atom_site.pdbx_formal_charge 
_atom_site.auth_seq_id 
_atom_site.auth_comp_id 
_atom_site.auth_asym_id 
_atom_site.auth_atom_id 
_atom_site.pdbx_PDB_model_num 
ATOM 1    N N    . LEU A 1 1  ? -8.469  -15.157 -12.437 1.00 1.45 ? 1  LEU A N    1 
ATOM 2    C CA   . LEU A 1 1  ? -6.997  -14.940 -12.368 1.00 0.80 ? 1  LEU A CA   1 
ATOM 3    C C    . LEU A 1 1  ? -6.618  -14.444 -10.971 1.00 0.60 ? 1  LEU A C    1 
ATOM 4    O O    . LEU A 1 1  ? -6.809  -13.289 -10.639 1.00 0.75 ? 1  LEU A O    1 
ATOM 5    C CB   . LEU A 1 1  ? -6.588  -13.896 -13.408 1.00 1.49 ? 1  LEU A CB   1 
ATOM 6    C CG   . LEU A 1 1  ? -5.112  -14.078 -13.762 1.00 1.92 ? 1  LEU A CG   1 
ATOM 7    C CD1  . LEU A 1 1  ? -4.274  -14.064 -12.482 1.00 2.49 ? 1  LEU A CD1  1 
ATOM 8    C CD2  . LEU A 1 1  ? -4.922  -15.416 -14.480 1.00 2.34 ? 1  LEU A CD2  1 
ATOM 9    H H1   . LEU A 1 1  ? -8.883  -15.030 -11.491 1.00 2.02 ? 1  LEU A H1   1 
ATOM 10   H H2   . LEU A 1 1  ? -8.891  -14.472 -13.096 1.00 1.96 ? 1  LEU A H2   1 
ATOM 11   H H3   . LEU A 1 1  ? -8.663  -16.122 -12.774 1.00 1.85 ? 1  LEU A H3   1 
ATOM 12   H HA   . LEU A 1 1  ? -6.486  -15.870 -12.571 1.00 1.34 ? 1  LEU A HA   1 
ATOM 13   H HB2  . LEU A 1 1  ? -7.190  -14.018 -14.296 1.00 2.11 ? 1  LEU A HB2  1 
ATOM 14   H HB3  . LEU A 1 1  ? -6.739  -12.906 -13.004 1.00 2.14 ? 1  LEU A HB3  1 
ATOM 15   H HG   . LEU A 1 1  ? -4.795  -13.273 -14.407 1.00 2.53 ? 1  LEU A HG   1 
ATOM 16   H HD11 . LEU A 1 1  ? -4.492  -13.170 -11.918 1.00 2.95 ? 1  LEU A HD11 1 
ATOM 17   H HD12 . LEU A 1 1  ? -4.513  -14.933 -11.886 1.00 2.73 ? 1  LEU A HD12 1 
ATOM 18   H HD13 . LEU A 1 1  ? -3.225  -14.081 -12.739 1.00 3.00 ? 1  LEU A HD13 1 
ATOM 19   H HD21 . LEU A 1 1  ? -5.703  -15.546 -15.213 1.00 2.63 ? 1  LEU A HD21 1 
ATOM 20   H HD22 . LEU A 1 1  ? -3.960  -15.428 -14.972 1.00 2.68 ? 1  LEU A HD22 1 
ATOM 21   H HD23 . LEU A 1 1  ? -4.967  -16.221 -13.761 1.00 2.84 ? 1  LEU A HD23 1 
ATOM 22   N N    . LYS A 1 2  ? -6.081  -15.306 -10.151 1.00 0.64 ? 2  LYS A N    1 
ATOM 23   C CA   . LYS A 1 2  ? -5.688  -14.884 -8.777  1.00 0.63 ? 2  LYS A CA   1 
ATOM 24   C C    . LYS A 1 2  ? -4.667  -13.746 -8.864  1.00 0.60 ? 2  LYS A C    1 
ATOM 25   O O    . LYS A 1 2  ? -3.944  -13.638 -9.834  1.00 1.01 ? 2  LYS A O    1 
ATOM 26   C CB   . LYS A 1 2  ? -5.064  -16.071 -8.040  1.00 1.09 ? 2  LYS A CB   1 
ATOM 27   C CG   . LYS A 1 2  ? -6.008  -17.272 -8.110  1.00 1.58 ? 2  LYS A CG   1 
ATOM 28   C CD   . LYS A 1 2  ? -5.267  -18.471 -8.707  1.00 1.86 ? 2  LYS A CD   1 
ATOM 29   C CE   . LYS A 1 2  ? -4.567  -19.246 -7.589  1.00 2.38 ? 2  LYS A CE   1 
ATOM 30   N NZ   . LYS A 1 2  ? -3.917  -20.461 -8.158  1.00 2.90 ? 2  LYS A NZ   1 
ATOM 31   H H    . LYS A 1 2  ? -5.935  -16.230 -10.440 1.00 0.90 ? 2  LYS A H    1 
ATOM 32   H HA   . LYS A 1 2  ? -6.562  -14.546 -8.240  1.00 0.83 ? 2  LYS A HA   1 
ATOM 33   H HB2  . LYS A 1 2  ? -4.121  -16.325 -8.502  1.00 1.55 ? 2  LYS A HB2  1 
ATOM 34   H HB3  . LYS A 1 2  ? -4.899  -15.806 -7.007  1.00 1.75 ? 2  LYS A HB3  1 
ATOM 35   H HG2  . LYS A 1 2  ? -6.351  -17.519 -7.115  1.00 2.22 ? 2  LYS A HG2  1 
ATOM 36   H HG3  . LYS A 1 2  ? -6.855  -17.030 -8.733  1.00 2.09 ? 2  LYS A HG3  1 
ATOM 37   H HD2  . LYS A 1 2  ? -5.972  -19.118 -9.207  1.00 2.41 ? 2  LYS A HD2  1 
ATOM 38   H HD3  . LYS A 1 2  ? -4.531  -18.123 -9.415  1.00 2.07 ? 2  LYS A HD3  1 
ATOM 39   H HE2  . LYS A 1 2  ? -3.818  -18.620 -7.130  1.00 2.83 ? 2  LYS A HE2  1 
ATOM 40   H HE3  . LYS A 1 2  ? -5.295  -19.542 -6.846  1.00 2.73 ? 2  LYS A HE3  1 
ATOM 41   H HZ1  . LYS A 1 2  ? -4.121  -20.517 -9.177  1.00 3.20 ? 2  LYS A HZ1  1 
ATOM 42   H HZ2  . LYS A 1 2  ? -2.890  -20.406 -8.012  1.00 3.26 ? 2  LYS A HZ2  1 
ATOM 43   H HZ3  . LYS A 1 2  ? -4.287  -21.308 -7.682  1.00 3.23 ? 2  LYS A HZ3  1 
ATOM 44   N N    . PRO A 1 3  ? -4.628  -12.941 -7.833  1.00 0.47 ? 3  PRO A N    1 
ATOM 45   C CA   . PRO A 1 3  ? -3.763  -11.751 -7.787  1.00 0.37 ? 3  PRO A CA   1 
ATOM 46   C C    . PRO A 1 3  ? -2.317  -12.146 -7.484  1.00 0.39 ? 3  PRO A C    1 
ATOM 47   O O    . PRO A 1 3  ? -2.015  -12.678 -6.435  1.00 0.71 ? 3  PRO A O    1 
ATOM 48   C CB   . PRO A 1 3  ? -4.354  -10.921 -6.645  1.00 0.36 ? 3  PRO A CB   1 
ATOM 49   C CG   . PRO A 1 3  ? -5.139  -11.907 -5.750  1.00 0.45 ? 3  PRO A CG   1 
ATOM 50   C CD   . PRO A 1 3  ? -5.442  -13.145 -6.617  1.00 0.50 ? 3  PRO A CD   1 
ATOM 51   H HA   . PRO A 1 3  ? -3.821  -11.200 -8.708  1.00 0.40 ? 3  PRO A HA   1 
ATOM 52   H HB2  . PRO A 1 3  ? -3.560  -10.452 -6.081  1.00 0.37 ? 3  PRO A HB2  1 
ATOM 53   H HB3  . PRO A 1 3  ? -5.025  -10.172 -7.037  1.00 0.37 ? 3  PRO A HB3  1 
ATOM 54   H HG2  . PRO A 1 3  ? -4.540  -12.186 -4.895  1.00 0.49 ? 3  PRO A HG2  1 
ATOM 55   H HG3  . PRO A 1 3  ? -6.064  -11.455 -5.425  1.00 0.50 ? 3  PRO A HG3  1 
ATOM 56   H HD2  . PRO A 1 3  ? -5.142  -14.047 -6.103  1.00 0.56 ? 3  PRO A HD2  1 
ATOM 57   H HD3  . PRO A 1 3  ? -6.489  -13.182 -6.873  1.00 0.56 ? 3  PRO A HD3  1 
ATOM 58   N N    . LYS A 1 4  ? -1.419  -11.880 -8.392  1.00 0.37 ? 4  LYS A N    1 
ATOM 59   C CA   . LYS A 1 4  ? 0.006   -12.230 -8.155  1.00 0.39 ? 4  LYS A CA   1 
ATOM 60   C C    . LYS A 1 4  ? 0.754   -10.973 -7.715  1.00 0.34 ? 4  LYS A C    1 
ATOM 61   O O    . LYS A 1 4  ? 1.436   -10.343 -8.497  1.00 0.36 ? 4  LYS A O    1 
ATOM 62   C CB   . LYS A 1 4  ? 0.626   -12.771 -9.445  1.00 0.49 ? 4  LYS A CB   1 
ATOM 63   C CG   . LYS A 1 4  ? 1.209   -14.162 -9.187  1.00 1.09 ? 4  LYS A CG   1 
ATOM 64   C CD   . LYS A 1 4  ? 1.509   -14.847 -10.522 1.00 1.50 ? 4  LYS A CD   1 
ATOM 65   C CE   . LYS A 1 4  ? 1.962   -16.286 -10.268 1.00 2.21 ? 4  LYS A CE   1 
ATOM 66   N NZ   . LYS A 1 4  ? 2.429   -16.893 -11.546 1.00 2.92 ? 4  LYS A NZ   1 
ATOM 67   H H    . LYS A 1 4  ? -1.681  -11.444 -9.228  1.00 0.58 ? 4  LYS A H    1 
ATOM 68   H HA   . LYS A 1 4  ? 0.070   -12.979 -7.379  1.00 0.43 ? 4  LYS A HA   1 
ATOM 69   H HB2  . LYS A 1 4  ? -0.136  -12.836 -10.210 1.00 0.83 ? 4  LYS A HB2  1 
ATOM 70   H HB3  . LYS A 1 4  ? 1.411   -12.109 -9.774  1.00 0.86 ? 4  LYS A HB3  1 
ATOM 71   H HG2  . LYS A 1 4  ? 2.121   -14.069 -8.616  1.00 1.72 ? 4  LYS A HG2  1 
ATOM 72   H HG3  . LYS A 1 4  ? 0.496   -14.755 -8.634  1.00 1.63 ? 4  LYS A HG3  1 
ATOM 73   H HD2  . LYS A 1 4  ? 0.617   -14.852 -11.133 1.00 1.88 ? 4  LYS A HD2  1 
ATOM 74   H HD3  . LYS A 1 4  ? 2.293   -14.310 -11.035 1.00 2.00 ? 4  LYS A HD3  1 
ATOM 75   H HE2  . LYS A 1 4  ? 2.770   -16.287 -9.552  1.00 2.71 ? 4  LYS A HE2  1 
ATOM 76   H HE3  . LYS A 1 4  ? 1.135   -16.859 -9.877  1.00 2.52 ? 4  LYS A HE3  1 
ATOM 77   H HZ1  . LYS A 1 4  ? 2.286   -16.215 -12.324 1.00 3.31 ? 4  LYS A HZ1  1 
ATOM 78   H HZ2  . LYS A 1 4  ? 3.438   -17.128 -11.470 1.00 3.19 ? 4  LYS A HZ2  1 
ATOM 79   H HZ3  . LYS A 1 4  ? 1.888   -17.760 -11.737 1.00 3.36 ? 4  LYS A HZ3  1 
ATOM 80   N N    . ILE A 1 5  ? 0.617   -10.605 -6.468  1.00 0.32 ? 5  ILE A N    1 
ATOM 81   C CA   . ILE A 1 5  ? 1.304   -9.387  -5.952  1.00 0.29 ? 5  ILE A CA   1 
ATOM 82   C C    . ILE A 1 5  ? 2.798   -9.680  -5.779  1.00 0.30 ? 5  ILE A C    1 
ATOM 83   O O    . ILE A 1 5  ? 3.191   -10.520 -4.994  1.00 0.36 ? 5  ILE A O    1 
ATOM 84   C CB   . ILE A 1 5  ? 0.669   -8.988  -4.613  1.00 0.31 ? 5  ILE A CB   1 
ATOM 85   C CG1  . ILE A 1 5  ? 0.993   -7.527  -4.304  1.00 0.45 ? 5  ILE A CG1  1 
ATOM 86   C CG2  . ILE A 1 5  ? 1.202   -9.879  -3.492  1.00 0.35 ? 5  ILE A CG2  1 
ATOM 87   C CD1  . ILE A 1 5  ? -0.297  -6.779  -3.962  1.00 0.35 ? 5  ILE A CD1  1 
ATOM 88   H H    . ILE A 1 5  ? 0.052   -11.134 -5.866  1.00 0.36 ? 5  ILE A H    1 
ATOM 89   H HA   . ILE A 1 5  ? 1.185   -8.581  -6.656  1.00 0.29 ? 5  ILE A HA   1 
ATOM 90   H HB   . ILE A 1 5  ? -0.404  -9.111  -4.680  1.00 0.43 ? 5  ILE A HB   1 
ATOM 91   H HG12 . ILE A 1 5  ? 1.669   -7.480  -3.462  1.00 0.81 ? 5  ILE A HG12 1 
ATOM 92   H HG13 . ILE A 1 5  ? 1.454   -7.069  -5.166  1.00 0.86 ? 5  ILE A HG13 1 
ATOM 93   H HG21 . ILE A 1 5  ? 1.446   -10.852 -3.890  1.00 1.07 ? 5  ILE A HG21 1 
ATOM 94   H HG22 . ILE A 1 5  ? 2.088   -9.431  -3.067  1.00 1.11 ? 5  ILE A HG22 1 
ATOM 95   H HG23 . ILE A 1 5  ? 0.447   -9.981  -2.726  1.00 1.05 ? 5  ILE A HG23 1 
ATOM 96   H HD11 . ILE A 1 5  ? -1.021  -7.473  -3.560  1.00 1.14 ? 5  ILE A HD11 1 
ATOM 97   H HD12 . ILE A 1 5  ? -0.086  -6.015  -3.227  1.00 1.09 ? 5  ILE A HD12 1 
ATOM 98   H HD13 . ILE A 1 5  ? -0.694  -6.319  -4.854  1.00 1.03 ? 5  ILE A HD13 1 
ATOM 99   N N    . LEU A 1 6  ? 3.634   -9.005  -6.526  1.00 0.29 ? 6  LEU A N    1 
ATOM 100  C CA   . LEU A 1 6  ? 5.099   -9.257  -6.421  1.00 0.33 ? 6  LEU A CA   1 
ATOM 101  C C    . LEU A 1 6  ? 5.796   -8.077  -5.739  1.00 0.37 ? 6  LEU A C    1 
ATOM 102  O O    . LEU A 1 6  ? 6.972   -8.146  -5.437  1.00 0.70 ? 6  LEU A O    1 
ATOM 103  C CB   . LEU A 1 6  ? 5.682   -9.448  -7.823  1.00 0.47 ? 6  LEU A CB   1 
ATOM 104  C CG   . LEU A 1 6  ? 5.908   -10.938 -8.082  1.00 1.17 ? 6  LEU A CG   1 
ATOM 105  C CD1  . LEU A 1 6  ? 4.584   -11.593 -8.479  1.00 1.40 ? 6  LEU A CD1  1 
ATOM 106  C CD2  . LEU A 1 6  ? 6.921   -11.112 -9.215  1.00 1.99 ? 6  LEU A CD2  1 
ATOM 107  H H    . LEU A 1 6  ? 3.295   -8.342  -7.162  1.00 0.31 ? 6  LEU A H    1 
ATOM 108  H HA   . LEU A 1 6  ? 5.266   -10.154 -5.843  1.00 0.41 ? 6  LEU A HA   1 
ATOM 109  H HB2  . LEU A 1 6  ? 4.992   -9.055  -8.557  1.00 0.85 ? 6  LEU A HB2  1 
ATOM 110  H HB3  . LEU A 1 6  ? 6.624   -8.925  -7.896  1.00 1.13 ? 6  LEU A HB3  1 
ATOM 111  H HG   . LEU A 1 6  ? 6.285   -11.406 -7.184  1.00 1.65 ? 6  LEU A HG   1 
ATOM 112  H HD11 . LEU A 1 6  ? 3.775   -10.896 -8.320  1.00 1.85 ? 6  LEU A HD11 1 
ATOM 113  H HD12 . LEU A 1 6  ? 4.620   -11.872 -9.522  1.00 1.67 ? 6  LEU A HD12 1 
ATOM 114  H HD13 . LEU A 1 6  ? 4.424   -12.475 -7.877  1.00 1.87 ? 6  LEU A HD13 1 
ATOM 115  H HD21 . LEU A 1 6  ? 7.375   -10.159 -9.441  1.00 2.37 ? 6  LEU A HD21 1 
ATOM 116  H HD22 . LEU A 1 6  ? 7.685   -11.811 -8.910  1.00 2.48 ? 6  LEU A HD22 1 
ATOM 117  H HD23 . LEU A 1 6  ? 6.419   -11.489 -10.093 1.00 2.47 ? 6  LEU A HD23 1 
ATOM 118  N N    . THR A 1 7  ? 5.092   -7.000  -5.497  1.00 0.31 ? 7  THR A N    1 
ATOM 119  C CA   . THR A 1 7  ? 5.729   -5.822  -4.831  1.00 0.42 ? 7  THR A CA   1 
ATOM 120  C C    . THR A 1 7  ? 6.692   -6.306  -3.743  1.00 0.59 ? 7  THR A C    1 
ATOM 121  O O    . THR A 1 7  ? 6.305   -6.988  -2.815  1.00 1.19 ? 7  THR A O    1 
ATOM 122  C CB   . THR A 1 7  ? 4.646   -4.950  -4.197  1.00 0.40 ? 7  THR A CB   1 
ATOM 123  O OG1  . THR A 1 7  ? 5.237   -4.094  -3.228  1.00 0.59 ? 7  THR A OG1  1 
ATOM 124  C CG2  . THR A 1 7  ? 3.608   -5.844  -3.525  1.00 0.40 ? 7  THR A CG2  1 
ATOM 125  H H    . THR A 1 7  ? 4.144   -6.964  -5.755  1.00 0.46 ? 7  THR A H    1 
ATOM 126  H HA   . THR A 1 7  ? 6.273   -5.245  -5.564  1.00 0.61 ? 7  THR A HA   1 
ATOM 127  H HB   . THR A 1 7  ? 4.167   -4.357  -4.959  1.00 0.53 ? 7  THR A HB   1 
ATOM 128  H HG1  . THR A 1 7  ? 6.059   -3.759  -3.591  1.00 0.98 ? 7  THR A HG1  1 
ATOM 129  H HG21 . THR A 1 7  ? 4.083   -6.753  -3.184  1.00 1.12 ? 7  THR A HG21 1 
ATOM 130  H HG22 . THR A 1 7  ? 3.176   -5.326  -2.683  1.00 1.13 ? 7  THR A HG22 1 
ATOM 131  H HG23 . THR A 1 7  ? 2.831   -6.088  -4.235  1.00 1.08 ? 7  THR A HG23 1 
ATOM 132  N N    . ALA A 1 8  ? 7.947   -5.965  -3.858  1.00 0.90 ? 8  ALA A N    1 
ATOM 133  C CA   . ALA A 1 8  ? 8.944   -6.409  -2.840  1.00 1.04 ? 8  ALA A CA   1 
ATOM 134  C C    . ALA A 1 8  ? 8.354   -6.276  -1.441  1.00 0.73 ? 8  ALA A C    1 
ATOM 135  O O    . ALA A 1 8  ? 8.424   -7.179  -0.631  1.00 0.90 ? 8  ALA A O    1 
ATOM 136  C CB   . ALA A 1 8  ? 10.204  -5.547  -2.948  1.00 1.51 ? 8  ALA A CB   1 
ATOM 137  H H    . ALA A 1 8  ? 8.235   -5.421  -4.619  1.00 1.38 ? 8  ALA A H    1 
ATOM 138  H HA   . ALA A 1 8  ? 9.197   -7.434  -3.016  1.00 1.30 ? 8  ALA A HA   1 
ATOM 139  H HB1  . ALA A 1 8  ? 9.928   -4.504  -2.930  1.00 1.93 ? 8  ALA A HB1  1 
ATOM 140  H HB2  . ALA A 1 8  ? 10.859  -5.761  -2.117  1.00 1.77 ? 8  ALA A HB2  1 
ATOM 141  H HB3  . ALA A 1 8  ? 10.713  -5.770  -3.875  1.00 2.06 ? 8  ALA A HB3  1 
ATOM 142  N N    . SER A 1 9  ? 7.775   -5.155  -1.159  1.00 0.69 ? 9  SER A N    1 
ATOM 143  C CA   . SER A 1 9  ? 7.168   -4.937  0.185   1.00 0.97 ? 9  SER A CA   1 
ATOM 144  C C    . SER A 1 9  ? 8.246   -5.082  1.264   1.00 0.60 ? 9  SER A C    1 
ATOM 145  O O    . SER A 1 9  ? 8.882   -6.109  1.389   1.00 0.89 ? 9  SER A O    1 
ATOM 146  C CB   . SER A 1 9  ? 6.069   -5.973  0.418   1.00 1.60 ? 9  SER A CB   1 
ATOM 147  O OG   . SER A 1 9  ? 6.593   -7.053  1.178   1.00 2.39 ? 9  SER A OG   1 
ATOM 148  H H    . SER A 1 9  ? 7.736   -4.454  -1.836  1.00 0.80 ? 9  SER A H    1 
ATOM 149  H HA   . SER A 1 9  ? 6.744   -3.946  0.232   1.00 1.38 ? 9  SER A HA   1 
ATOM 150  H HB2  . SER A 1 9  ? 5.254   -5.520  0.960   1.00 1.79 ? 9  SER A HB2  1 
ATOM 151  H HB3  . SER A 1 9  ? 5.707   -6.332  -0.536  1.00 1.95 ? 9  SER A HB3  1 
ATOM 152  H HG   . SER A 1 9  ? 6.350   -7.870  0.738   1.00 2.81 ? 9  SER A HG   1 
ATOM 153  N N    . ARG A 1 10 ? 8.450   -4.058  2.048   1.00 0.60 ? 10 ARG A N    1 
ATOM 154  C CA   . ARG A 1 10 ? 9.482   -4.127  3.122   1.00 0.60 ? 10 ARG A CA   1 
ATOM 155  C C    . ARG A 1 10 ? 9.301   -2.943  4.065   1.00 0.54 ? 10 ARG A C    1 
ATOM 156  O O    . ARG A 1 10 ? 8.680   -3.045  5.103   1.00 0.75 ? 10 ARG A O    1 
ATOM 157  C CB   . ARG A 1 10 ? 10.878  -4.080  2.498   1.00 0.93 ? 10 ARG A CB   1 
ATOM 158  C CG   . ARG A 1 10 ? 11.611  -5.391  2.793   1.00 1.57 ? 10 ARG A CG   1 
ATOM 159  C CD   . ARG A 1 10 ? 12.916  -5.439  1.996   1.00 1.90 ? 10 ARG A CD   1 
ATOM 160  N NE   . ARG A 1 10 ? 14.053  -5.704  2.922   1.00 2.54 ? 10 ARG A NE   1 
ATOM 161  C CZ   . ARG A 1 10 ? 15.207  -6.084  2.445   1.00 3.14 ? 10 ARG A CZ   1 
ATOM 162  N NH1  . ARG A 1 10 ? 15.929  -5.254  1.744   1.00 3.65 ? 10 ARG A NH1  1 
ATOM 163  N NH2  . ARG A 1 10 ? 15.638  -7.295  2.671   1.00 3.73 ? 10 ARG A NH2  1 
ATOM 164  H H    . ARG A 1 10 ? 7.923   -3.240  1.929   1.00 0.99 ? 10 ARG A H    1 
ATOM 165  H HA   . ARG A 1 10 ? 9.366   -5.038  3.674   1.00 0.82 ? 10 ARG A HA   1 
ATOM 166  H HB2  . ARG A 1 10 ? 10.791  -3.947  1.430   1.00 1.19 ? 10 ARG A HB2  1 
ATOM 167  H HB3  . ARG A 1 10 ? 11.435  -3.257  2.921   1.00 1.27 ? 10 ARG A HB3  1 
ATOM 168  H HG2  . ARG A 1 10 ? 11.830  -5.451  3.850   1.00 2.18 ? 10 ARG A HG2  1 
ATOM 169  H HG3  . ARG A 1 10 ? 10.986  -6.224  2.507   1.00 2.00 ? 10 ARG A HG3  1 
ATOM 170  H HD2  . ARG A 1 10 ? 12.860  -6.228  1.261   1.00 2.19 ? 10 ARG A HD2  1 
ATOM 171  H HD3  . ARG A 1 10 ? 13.068  -4.493  1.498   1.00 2.32 ? 10 ARG A HD3  1 
ATOM 172  H HE   . ARG A 1 10 ? 13.935  -5.590  3.888   1.00 2.95 ? 10 ARG A HE   1 
ATOM 173  H HH11 . ARG A 1 10 ? 15.599  -4.326  1.572   1.00 3.65 ? 10 ARG A HH11 1 
ATOM 174  H HH12 . ARG A 1 10 ? 16.813  -5.545  1.379   1.00 4.31 ? 10 ARG A HH12 1 
ATOM 175  H HH21 . ARG A 1 10 ? 15.085  -7.931  3.208   1.00 3.80 ? 10 ARG A HH21 1 
ATOM 176  H HH22 . ARG A 1 10 ? 16.522  -7.586  2.305   1.00 4.36 ? 10 ARG A HH22 1 
ATOM 177  N N    . LYS A 1 11 ? 9.831   -1.820  3.698   1.00 0.39 ? 11 LYS A N    1 
ATOM 178  C CA   . LYS A 1 11 ? 9.691   -0.605  4.551   1.00 0.35 ? 11 LYS A CA   1 
ATOM 179  C C    . LYS A 1 11 ? 9.678   0.634   3.657   1.00 0.38 ? 11 LYS A C    1 
ATOM 180  O O    . LYS A 1 11 ? 9.706   0.538   2.447   1.00 0.51 ? 11 LYS A O    1 
ATOM 181  C CB   . LYS A 1 11 ? 10.861  -0.511  5.533   1.00 0.45 ? 11 LYS A CB   1 
ATOM 182  C CG   . LYS A 1 11 ? 12.157  -0.917  4.829   1.00 1.13 ? 11 LYS A CG   1 
ATOM 183  C CD   . LYS A 1 11 ? 13.356  -0.498  5.684   1.00 1.55 ? 11 LYS A CD   1 
ATOM 184  C CE   . LYS A 1 11 ? 14.099  -1.744  6.169   1.00 2.01 ? 11 LYS A CE   1 
ATOM 185  N NZ   . LYS A 1 11 ? 14.386  -1.615  7.626   1.00 2.46 ? 11 LYS A NZ   1 
ATOM 186  H H    . LYS A 1 11 ? 10.317  -1.774  2.853   1.00 0.48 ? 11 LYS A H    1 
ATOM 187  H HA   . LYS A 1 11 ? 8.763   -0.659  5.102   1.00 0.35 ? 11 LYS A HA   1 
ATOM 188  H HB2  . LYS A 1 11 ? 10.947  0.507   5.891   1.00 0.92 ? 11 LYS A HB2  1 
ATOM 189  H HB3  . LYS A 1 11 ? 10.684  -1.172  6.368   1.00 0.94 ? 11 LYS A HB3  1 
ATOM 190  H HG2  . LYS A 1 11 ? 12.171  -1.989  4.691   1.00 1.66 ? 11 LYS A HG2  1 
ATOM 191  H HG3  . LYS A 1 11 ? 12.215  -0.429  3.869   1.00 1.58 ? 11 LYS A HG3  1 
ATOM 192  H HD2  . LYS A 1 11 ? 14.022  0.114   5.093   1.00 2.08 ? 11 LYS A HD2  1 
ATOM 193  H HD3  . LYS A 1 11 ? 13.009  0.067   6.537   1.00 1.90 ? 11 LYS A HD3  1 
ATOM 194  H HE2  . LYS A 1 11 ? 13.489  -2.618  5.999   1.00 2.43 ? 11 LYS A HE2  1 
ATOM 195  H HE3  . LYS A 1 11 ? 15.029  -1.843  5.627   1.00 2.55 ? 11 LYS A HE3  1 
ATOM 196  H HZ1  . LYS A 1 11 ? 14.808  -0.683  7.815   1.00 2.81 ? 11 LYS A HZ1  1 
ATOM 197  H HZ2  . LYS A 1 11 ? 13.501  -1.712  8.164   1.00 2.79 ? 11 LYS A HZ2  1 
ATOM 198  H HZ3  . LYS A 1 11 ? 15.048  -2.362  7.917   1.00 2.83 ? 11 LYS A HZ3  1 
ATOM 199  N N    . ILE A 1 12 ? 9.635   1.796   4.243   1.00 0.35 ? 12 ILE A N    1 
ATOM 200  C CA   . ILE A 1 12 ? 9.618   3.041   3.430   1.00 0.46 ? 12 ILE A CA   1 
ATOM 201  C C    . ILE A 1 12 ? 10.206  4.187   4.254   1.00 0.47 ? 12 ILE A C    1 
ATOM 202  O O    . ILE A 1 12 ? 9.546   4.760   5.097   1.00 0.75 ? 12 ILE A O    1 
ATOM 203  C CB   . ILE A 1 12 ? 8.176   3.369   3.044   1.00 0.51 ? 12 ILE A CB   1 
ATOM 204  C CG1  . ILE A 1 12 ? 7.674   2.343   2.028   1.00 0.51 ? 12 ILE A CG1  1 
ATOM 205  C CG2  . ILE A 1 12 ? 8.119   4.760   2.420   1.00 0.71 ? 12 ILE A CG2  1 
ATOM 206  C CD1  . ILE A 1 12 ? 8.497   2.459   0.744   1.00 0.53 ? 12 ILE A CD1  1 
ATOM 207  H H    . ILE A 1 12 ? 9.613   1.851   5.222   1.00 0.31 ? 12 ILE A H    1 
ATOM 208  H HA   . ILE A 1 12 ? 10.208  2.898   2.537   1.00 0.57 ? 12 ILE A HA   1 
ATOM 209  H HB   . ILE A 1 12 ? 7.552   3.342   3.925   1.00 0.49 ? 12 ILE A HB   1 
ATOM 210  H HG12 . ILE A 1 12 ? 7.778   1.348   2.438   1.00 0.65 ? 12 ILE A HG12 1 
ATOM 211  H HG13 . ILE A 1 12 ? 6.635   2.534   1.806   1.00 0.74 ? 12 ILE A HG13 1 
ATOM 212  H HG21 . ILE A 1 12 ? 9.103   5.205   2.437   1.00 1.26 ? 12 ILE A HG21 1 
ATOM 213  H HG22 . ILE A 1 12 ? 7.778   4.678   1.399   1.00 1.15 ? 12 ILE A HG22 1 
ATOM 214  H HG23 . ILE A 1 12 ? 7.435   5.375   2.980   1.00 1.32 ? 12 ILE A HG23 1 
ATOM 215  H HD11 . ILE A 1 12 ? 9.027   3.401   0.739   1.00 1.20 ? 12 ILE A HD11 1 
ATOM 216  H HD12 . ILE A 1 12 ? 9.207   1.646   0.696   1.00 1.10 ? 12 ILE A HD12 1 
ATOM 217  H HD13 . ILE A 1 12 ? 7.838   2.413   -0.111  1.00 1.23 ? 12 ILE A HD13 1 
ATOM 218  N N    . LYS A 1 13 ? 11.445  4.519   4.024   1.00 0.37 ? 13 LYS A N    1 
ATOM 219  C CA   . LYS A 1 13 ? 12.079  5.620   4.803   1.00 0.38 ? 13 LYS A CA   1 
ATOM 220  C C    . LYS A 1 13 ? 11.658  6.976   4.234   1.00 0.34 ? 13 LYS A C    1 
ATOM 221  O O    . LYS A 1 13 ? 12.302  7.518   3.357   1.00 0.46 ? 13 LYS A O    1 
ATOM 222  C CB   . LYS A 1 13 ? 13.601  5.486   4.724   1.00 0.49 ? 13 LYS A CB   1 
ATOM 223  C CG   . LYS A 1 13 ? 14.149  5.063   6.088   1.00 1.40 ? 13 LYS A CG   1 
ATOM 224  C CD   . LYS A 1 13 ? 15.606  5.511   6.216   1.00 1.86 ? 13 LYS A CD   1 
ATOM 225  C CE   . LYS A 1 13 ? 16.503  4.285   6.396   1.00 2.52 ? 13 LYS A CE   1 
ATOM 226  N NZ   . LYS A 1 13 ? 17.875  4.598   5.904   1.00 3.18 ? 13 LYS A NZ   1 
ATOM 227  H H    . LYS A 1 13 ? 11.963  4.040   3.344   1.00 0.51 ? 13 LYS A H    1 
ATOM 228  H HA   . LYS A 1 13 ? 11.768  5.552   5.835   1.00 0.37 ? 13 LYS A HA   1 
ATOM 229  H HB2  . LYS A 1 13 ? 13.859  4.742   3.984   1.00 1.15 ? 13 LYS A HB2  1 
ATOM 230  H HB3  . LYS A 1 13 ? 14.032  6.435   4.445   1.00 1.10 ? 13 LYS A HB3  1 
ATOM 231  H HG2  . LYS A 1 13 ? 13.560  5.521   6.870   1.00 2.03 ? 13 LYS A HG2  1 
ATOM 232  H HG3  . LYS A 1 13 ? 14.095  3.988   6.181   1.00 2.05 ? 13 LYS A HG3  1 
ATOM 233  H HD2  . LYS A 1 13 ? 15.897  6.043   5.323   1.00 2.28 ? 13 LYS A HD2  1 
ATOM 234  H HD3  . LYS A 1 13 ? 15.709  6.160   7.072   1.00 2.22 ? 13 LYS A HD3  1 
ATOM 235  H HE2  . LYS A 1 13 ? 16.548  4.022   7.442   1.00 2.82 ? 13 LYS A HE2  1 
ATOM 236  H HE3  . LYS A 1 13 ? 16.099  3.456   5.833   1.00 2.97 ? 13 LYS A HE3  1 
ATOM 237  H HZ1  . LYS A 1 13 ? 18.186  5.508   6.299   1.00 3.51 ? 13 LYS A HZ1  1 
ATOM 238  H HZ2  . LYS A 1 13 ? 18.530  3.848   6.201   1.00 3.54 ? 13 LYS A HZ2  1 
ATOM 239  H HZ3  . LYS A 1 13 ? 17.866  4.654   4.866   1.00 3.49 ? 13 LYS A HZ3  1 
ATOM 240  N N    . ILE A 1 14 ? 10.593  7.539   4.737   1.00 0.27 ? 14 ILE A N    1 
ATOM 241  C CA   . ILE A 1 14 ? 10.145  8.868   4.236   1.00 0.26 ? 14 ILE A CA   1 
ATOM 242  C C    . ILE A 1 14 ? 10.573  9.939   5.247   1.00 0.28 ? 14 ILE A C    1 
ATOM 243  O O    . ILE A 1 14 ? 10.884  9.640   6.382   1.00 0.50 ? 14 ILE A O    1 
ATOM 244  C CB   . ILE A 1 14 ? 8.618   8.879   4.088   1.00 0.24 ? 14 ILE A CB   1 
ATOM 245  C CG1  . ILE A 1 14 ? 8.132   7.515   3.590   1.00 0.28 ? 14 ILE A CG1  1 
ATOM 246  C CG2  . ILE A 1 14 ? 8.199   9.960   3.087   1.00 0.30 ? 14 ILE A CG2  1 
ATOM 247  C CD1  . ILE A 1 14 ? 6.646   7.608   3.229   1.00 0.31 ? 14 ILE A CD1  1 
ATOM 248  H H    . ILE A 1 14 ? 10.093  7.091   5.453   1.00 0.32 ? 14 ILE A H    1 
ATOM 249  H HA   . ILE A 1 14 ? 10.606  9.068   3.279   1.00 0.31 ? 14 ILE A HA   1 
ATOM 250  H HB   . ILE A 1 14 ? 8.167   9.087   5.042   1.00 0.24 ? 14 ILE A HB   1 
ATOM 251  H HG12 . ILE A 1 14 ? 8.699   7.227   2.718   1.00 0.31 ? 14 ILE A HG12 1 
ATOM 252  H HG13 . ILE A 1 14 ? 8.266   6.779   4.367   1.00 0.30 ? 14 ILE A HG13 1 
ATOM 253  H HG21 . ILE A 1 14 ? 9.031   10.622  2.901   1.00 1.04 ? 14 ILE A HG21 1 
ATOM 254  H HG22 . ILE A 1 14 ? 7.899   9.492   2.162   1.00 1.04 ? 14 ILE A HG22 1 
ATOM 255  H HG23 . ILE A 1 14 ? 7.369   10.526  3.489   1.00 1.09 ? 14 ILE A HG23 1 
ATOM 256  H HD11 . ILE A 1 14 ? 6.169   8.345   3.857   1.00 1.03 ? 14 ILE A HD11 1 
ATOM 257  H HD12 . ILE A 1 14 ? 6.543   7.894   2.194   1.00 1.05 ? 14 ILE A HD12 1 
ATOM 258  H HD13 . ILE A 1 14 ? 6.176   6.651   3.378   1.00 1.12 ? 14 ILE A HD13 1 
ATOM 259  N N    . LYS A 1 15 ? 10.592  11.182  4.855   1.00 0.43 ? 15 LYS A N    1 
ATOM 260  C CA   . LYS A 1 15 ? 10.995  12.251  5.813   1.00 0.47 ? 15 LYS A CA   1 
ATOM 261  C C    . LYS A 1 15 ? 9.737   12.977  6.294   1.00 0.40 ? 15 LYS A C    1 
ATOM 262  O O    . LYS A 1 15 ? 8.643   12.691  5.850   1.00 0.45 ? 15 LYS A O    1 
ATOM 263  C CB   . LYS A 1 15 ? 11.932  13.243  5.119   1.00 0.58 ? 15 LYS A CB   1 
ATOM 264  C CG   . LYS A 1 15 ? 13.294  12.586  4.887   1.00 1.21 ? 15 LYS A CG   1 
ATOM 265  C CD   . LYS A 1 15 ? 14.357  13.295  5.728   1.00 1.55 ? 15 LYS A CD   1 
ATOM 266  C CE   . LYS A 1 15 ? 15.051  14.362  4.879   1.00 1.95 ? 15 LYS A CE   1 
ATOM 267  N NZ   . LYS A 1 15 ? 16.524  14.135  4.903   1.00 2.50 ? 15 LYS A NZ   1 
ATOM 268  H H    . LYS A 1 15 ? 10.341  11.414  3.937   1.00 0.65 ? 15 LYS A H    1 
ATOM 269  H HA   . LYS A 1 15 ? 11.499  11.806  6.658   1.00 0.52 ? 15 LYS A HA   1 
ATOM 270  H HB2  . LYS A 1 15 ? 11.508  13.531  4.173   1.00 0.99 ? 15 LYS A HB2  1 
ATOM 271  H HB3  . LYS A 1 15 ? 12.058  14.118  5.738   1.00 0.90 ? 15 LYS A HB3  1 
ATOM 272  H HG2  . LYS A 1 15 ? 13.245  11.544  5.171   1.00 1.82 ? 15 LYS A HG2  1 
ATOM 273  H HG3  . LYS A 1 15 ? 13.557  12.662  3.842   1.00 1.94 ? 15 LYS A HG3  1 
ATOM 274  H HD2  . LYS A 1 15 ? 13.886  13.762  6.582   1.00 2.09 ? 15 LYS A HD2  1 
ATOM 275  H HD3  . LYS A 1 15 ? 15.087  12.577  6.068   1.00 2.02 ? 15 LYS A HD3  1 
ATOM 276  H HE2  . LYS A 1 15 ? 14.694  14.300  3.862   1.00 2.34 ? 15 LYS A HE2  1 
ATOM 277  H HE3  . LYS A 1 15 ? 14.831  15.340  5.280   1.00 2.26 ? 15 LYS A HE3  1 
ATOM 278  H HZ1  . LYS A 1 15 ? 16.773  13.557  5.729   1.00 2.87 ? 15 LYS A HZ1  1 
ATOM 279  H HZ2  . LYS A 1 15 ? 16.812  13.638  4.036   1.00 2.97 ? 15 LYS A HZ2  1 
ATOM 280  H HZ3  . LYS A 1 15 ? 17.014  15.050  4.958   1.00 2.71 ? 15 LYS A HZ3  1 
ATOM 281  N N    . ALA A 1 16 ? 9.873   13.910  7.195   1.00 0.42 ? 16 ALA A N    1 
ATOM 282  C CA   . ALA A 1 16 ? 8.667   14.634  7.685   1.00 0.40 ? 16 ALA A CA   1 
ATOM 283  C C    . ALA A 1 16 ? 8.329   15.768  6.717   1.00 0.38 ? 16 ALA A C    1 
ATOM 284  O O    . ALA A 1 16 ? 9.201   16.361  6.121   1.00 0.48 ? 16 ALA A O    1 
ATOM 285  C CB   . ALA A 1 16 ? 8.938   15.212  9.072   1.00 0.50 ? 16 ALA A CB   1 
ATOM 286  H H    . ALA A 1 16 ? 10.758  14.133  7.545   1.00 0.54 ? 16 ALA A H    1 
ATOM 287  H HA   . ALA A 1 16 ? 7.837   13.943  7.738   1.00 0.38 ? 16 ALA A HA   1 
ATOM 288  H HB1  . ALA A 1 16 ? 9.312   14.433  9.720   1.00 1.18 ? 16 ALA A HB1  1 
ATOM 289  H HB2  . ALA A 1 16 ? 9.672   16.001  8.997   1.00 1.12 ? 16 ALA A HB2  1 
ATOM 290  H HB3  . ALA A 1 16 ? 8.020   15.611  9.479   1.00 1.10 ? 16 ALA A HB3  1 
ATOM 291  N N    . GLY A 1 17 ? 7.070   16.074  6.558   1.00 0.38 ? 17 GLY A N    1 
ATOM 292  C CA   . GLY A 1 17 ? 6.674   17.168  5.623   1.00 0.42 ? 17 GLY A CA   1 
ATOM 293  C C    . GLY A 1 17 ? 7.261   16.890  4.236   1.00 0.37 ? 17 GLY A C    1 
ATOM 294  O O    . GLY A 1 17 ? 7.624   17.797  3.514   1.00 0.53 ? 17 GLY A O    1 
ATOM 295  H H    . GLY A 1 17 ? 6.385   15.588  7.055   1.00 0.41 ? 17 GLY A H    1 
ATOM 296  H HA2  . GLY A 1 17 ? 5.597   17.213  5.557   1.00 0.45 ? 17 GLY A HA2  1 
ATOM 297  H HA3  . GLY A 1 17 ? 7.054   18.109  5.989   1.00 0.51 ? 17 GLY A HA3  1 
ATOM 298  N N    . PHE A 1 18 ? 7.372   15.642  3.861   1.00 0.33 ? 18 PHE A N    1 
ATOM 299  C CA   . PHE A 1 18 ? 7.956   15.313  2.522   1.00 0.37 ? 18 PHE A CA   1 
ATOM 300  C C    . PHE A 1 18 ? 6.912   14.661  1.617   1.00 0.30 ? 18 PHE A C    1 
ATOM 301  O O    . PHE A 1 18 ? 5.757   14.516  1.969   1.00 0.33 ? 18 PHE A O    1 
ATOM 302  C CB   . PHE A 1 18 ? 9.115   14.331  2.691   1.00 0.45 ? 18 PHE A CB   1 
ATOM 303  C CG   . PHE A 1 18 ? 10.404  15.093  2.840   1.00 0.71 ? 18 PHE A CG   1 
ATOM 304  C CD1  . PHE A 1 18 ? 10.440  16.234  3.639   1.00 1.74 ? 18 PHE A CD1  1 
ATOM 305  C CD2  . PHE A 1 18 ? 11.561  14.650  2.192   1.00 1.35 ? 18 PHE A CD2  1 
ATOM 306  C CE1  . PHE A 1 18 ? 11.637  16.940  3.796   1.00 2.26 ? 18 PHE A CE1  1 
ATOM 307  C CE2  . PHE A 1 18 ? 12.759  15.355  2.347   1.00 1.81 ? 18 PHE A CE2  1 
ATOM 308  C CZ   . PHE A 1 18 ? 12.799  16.501  3.149   1.00 2.01 ? 18 PHE A CZ   1 
ATOM 309  H H    . PHE A 1 18 ? 7.086   14.924  4.465   1.00 0.41 ? 18 PHE A H    1 
ATOM 310  H HA   . PHE A 1 18 ? 8.320   16.216  2.058   1.00 0.46 ? 18 PHE A HA   1 
ATOM 311  H HB2  . PHE A 1 18 ? 8.950   13.727  3.572   1.00 0.89 ? 18 PHE A HB2  1 
ATOM 312  H HB3  . PHE A 1 18 ? 9.174   13.692  1.823   1.00 0.78 ? 18 PHE A HB3  1 
ATOM 313  H HD1  . PHE A 1 18 ? 9.542   16.568  4.132   1.00 2.41 ? 18 PHE A HD1  1 
ATOM 314  H HD2  . PHE A 1 18 ? 11.531  13.766  1.572   1.00 2.04 ? 18 PHE A HD2  1 
ATOM 315  H HE1  . PHE A 1 18 ? 11.666  17.823  4.416   1.00 3.16 ? 18 PHE A HE1  1 
ATOM 316  H HE2  . PHE A 1 18 ? 13.653  15.010  1.852   1.00 2.50 ? 18 PHE A HE2  1 
ATOM 317  H HZ   . PHE A 1 18 ? 13.722  17.046  3.269   1.00 2.54 ? 18 PHE A HZ   1 
ATOM 318  N N    . THR A 1 19 ? 7.335   14.253  0.449   1.00 0.31 ? 19 THR A N    1 
ATOM 319  C CA   . THR A 1 19 ? 6.408   13.590  -0.506  1.00 0.28 ? 19 THR A CA   1 
ATOM 320  C C    . THR A 1 19 ? 6.989   12.230  -0.897  1.00 0.29 ? 19 THR A C    1 
ATOM 321  O O    . THR A 1 19 ? 8.131   12.124  -1.300  1.00 0.53 ? 19 THR A O    1 
ATOM 322  C CB   . THR A 1 19 ? 6.250   14.459  -1.755  1.00 0.31 ? 19 THR A CB   1 
ATOM 323  O OG1  . THR A 1 19 ? 7.509   14.592  -2.400  1.00 0.35 ? 19 THR A OG1  1 
ATOM 324  C CG2  . THR A 1 19 ? 5.729   15.839  -1.354  1.00 0.36 ? 19 THR A CG2  1 
ATOM 325  H H    . THR A 1 19 ? 8.275   14.376  0.203   1.00 0.38 ? 19 THR A H    1 
ATOM 326  H HA   . THR A 1 19 ? 5.448   13.450  -0.036  1.00 0.25 ? 19 THR A HA   1 
ATOM 327  H HB   . THR A 1 19 ? 5.546   13.995  -2.430  1.00 0.33 ? 19 THR A HB   1 
ATOM 328  H HG1  . THR A 1 19 ? 7.353   14.656  -3.346  1.00 0.96 ? 19 THR A HG1  1 
ATOM 329  H HG21 . THR A 1 19 ? 4.913   15.726  -0.655  1.00 1.16 ? 19 THR A HG21 1 
ATOM 330  H HG22 . THR A 1 19 ? 6.525   16.402  -0.889  1.00 1.03 ? 19 THR A HG22 1 
ATOM 331  H HG23 . THR A 1 19 ? 5.381   16.362  -2.232  1.00 1.05 ? 19 THR A HG23 1 
ATOM 332  N N    . HIS A 1 20 ? 6.219   11.187  -0.769  1.00 0.23 ? 20 HIS A N    1 
ATOM 333  C CA   . HIS A 1 20 ? 6.731   9.828   -1.119  1.00 0.22 ? 20 HIS A CA   1 
ATOM 334  C C    . HIS A 1 20 ? 5.920   9.253   -2.281  1.00 0.22 ? 20 HIS A C    1 
ATOM 335  O O    . HIS A 1 20 ? 4.822   9.693   -2.565  1.00 0.26 ? 20 HIS A O    1 
ATOM 336  C CB   . HIS A 1 20 ? 6.567   8.921   0.096   1.00 0.23 ? 20 HIS A CB   1 
ATOM 337  C CG   . HIS A 1 20 ? 7.738   7.997   0.239   1.00 0.26 ? 20 HIS A CG   1 
ATOM 338  N ND1  . HIS A 1 20 ? 9.004   8.446   0.575   1.00 0.27 ? 20 HIS A ND1  1 
ATOM 339  C CD2  . HIS A 1 20 ? 7.828   6.635   0.156   1.00 0.32 ? 20 HIS A CD2  1 
ATOM 340  C CE1  . HIS A 1 20 ? 9.796   7.365   0.688   1.00 0.32 ? 20 HIS A CE1  1 
ATOM 341  N NE2  . HIS A 1 20 ? 9.129   6.234   0.438   1.00 0.36 ? 20 HIS A NE2  1 
ATOM 342  H H    . HIS A 1 20 ? 5.304   11.293  -0.431  1.00 0.38 ? 20 HIS A H    1 
ATOM 343  H HA   . HIS A 1 20 ? 7.773   9.888   -1.392  1.00 0.24 ? 20 HIS A HA   1 
ATOM 344  H HB2  . HIS A 1 20 ? 6.482   9.527   0.984   1.00 0.22 ? 20 HIS A HB2  1 
ATOM 345  H HB3  . HIS A 1 20 ? 5.667   8.335   -0.019  1.00 0.25 ? 20 HIS A HB3  1 
ATOM 346  H HD1  . HIS A 1 20 ? 9.272   9.379   0.708   1.00 0.26 ? 20 HIS A HD1  1 
ATOM 347  H HD2  . HIS A 1 20 ? 7.001   5.973   -0.062  1.00 0.35 ? 20 HIS A HD2  1 
ATOM 348  H HE1  . HIS A 1 20 ? 10.830  7.404   0.989   1.00 0.35 ? 20 HIS A HE1  1 
ATOM 349  N N    . ASN A 1 21 ? 6.444   8.257   -2.943  1.00 0.29 ? 21 ASN A N    1 
ATOM 350  C CA   . ASN A 1 21 ? 5.701   7.637   -4.075  1.00 0.31 ? 21 ASN A CA   1 
ATOM 351  C C    . ASN A 1 21 ? 5.692   6.119   -3.893  1.00 0.28 ? 21 ASN A C    1 
ATOM 352  O O    . ASN A 1 21 ? 6.511   5.407   -4.441  1.00 0.36 ? 21 ASN A O    1 
ATOM 353  C CB   . ASN A 1 21 ? 6.375   7.997   -5.400  1.00 0.36 ? 21 ASN A CB   1 
ATOM 354  C CG   . ASN A 1 21 ? 7.884   8.138   -5.186  1.00 1.14 ? 21 ASN A CG   1 
ATOM 355  O OD1  . ASN A 1 21 ? 8.513   7.265   -4.624  1.00 1.77 ? 21 ASN A OD1  1 
ATOM 356  N ND2  . ASN A 1 21 ? 8.493   9.211   -5.612  1.00 1.98 ? 21 ASN A ND2  1 
ATOM 357  H H    . ASN A 1 21 ? 7.325   7.910   -2.688  1.00 0.38 ? 21 ASN A H    1 
ATOM 358  H HA   . ASN A 1 21 ? 4.686   8.002   -4.075  1.00 0.32 ? 21 ASN A HA   1 
ATOM 359  H HB2  . ASN A 1 21 ? 6.185   7.217   -6.123  1.00 0.89 ? 21 ASN A HB2  1 
ATOM 360  H HB3  . ASN A 1 21 ? 5.975   8.931   -5.765  1.00 0.78 ? 21 ASN A HB3  1 
ATOM 361  H HD21 . ASN A 1 21 ? 7.986   9.916   -6.065  1.00 2.33 ? 21 ASN A HD21 1 
ATOM 362  H HD22 . ASN A 1 21 ? 9.459   9.311   -5.477  1.00 2.57 ? 21 ASN A HD22 1 
ATOM 363  N N    . LEU A 1 22 ? 4.773   5.625   -3.114  1.00 0.25 ? 22 LEU A N    1 
ATOM 364  C CA   . LEU A 1 22 ? 4.691   4.160   -2.863  1.00 0.24 ? 22 LEU A CA   1 
ATOM 365  C C    . LEU A 1 22 ? 4.223   3.429   -4.122  1.00 0.21 ? 22 LEU A C    1 
ATOM 366  O O    . LEU A 1 22 ? 3.264   3.820   -4.759  1.00 0.21 ? 22 LEU A O    1 
ATOM 367  C CB   . LEU A 1 22 ? 3.688   3.930   -1.738  1.00 0.26 ? 22 LEU A CB   1 
ATOM 368  C CG   . LEU A 1 22 ? 3.588   2.442   -1.417  1.00 0.27 ? 22 LEU A CG   1 
ATOM 369  C CD1  . LEU A 1 22 ? 3.234   2.285   0.058   1.00 0.33 ? 22 LEU A CD1  1 
ATOM 370  C CD2  . LEU A 1 22 ? 2.491   1.798   -2.270  1.00 0.25 ? 22 LEU A CD2  1 
ATOM 371  H H    . LEU A 1 22 ? 4.132   6.225   -2.678  1.00 0.29 ? 22 LEU A H    1 
ATOM 372  H HA   . LEU A 1 22 ? 5.659   3.788   -2.563  1.00 0.27 ? 22 LEU A HA   1 
ATOM 373  H HB2  . LEU A 1 22 ? 4.013   4.463   -0.857  1.00 0.32 ? 22 LEU A HB2  1 
ATOM 374  H HB3  . LEU A 1 22 ? 2.721   4.297   -2.043  1.00 0.27 ? 22 LEU A HB3  1 
ATOM 375  H HG   . LEU A 1 22 ? 4.535   1.962   -1.617  1.00 0.31 ? 22 LEU A HG   1 
ATOM 376  H HD11 . LEU A 1 22 ? 3.745   3.048   0.630   1.00 1.03 ? 22 LEU A HD11 1 
ATOM 377  H HD12 . LEU A 1 22 ? 2.165   2.395   0.182   1.00 1.09 ? 22 LEU A HD12 1 
ATOM 378  H HD13 . LEU A 1 22 ? 3.541   1.309   0.402   1.00 1.09 ? 22 LEU A HD13 1 
ATOM 379  H HD21 . LEU A 1 22 ? 2.439   2.288   -3.227  1.00 1.06 ? 22 LEU A HD21 1 
ATOM 380  H HD22 . LEU A 1 22 ? 2.715   0.752   -2.414  1.00 1.04 ? 22 LEU A HD22 1 
ATOM 381  H HD23 . LEU A 1 22 ? 1.541   1.896   -1.766  1.00 1.02 ? 22 LEU A HD23 1 
ATOM 382  N N    . GLU A 1 23 ? 4.885   2.357   -4.475  1.00 0.22 ? 23 GLU A N    1 
ATOM 383  C CA   . GLU A 1 23 ? 4.476   1.588   -5.686  1.00 0.22 ? 23 GLU A CA   1 
ATOM 384  C C    . GLU A 1 23 ? 4.268   0.113   -5.319  1.00 0.20 ? 23 GLU A C    1 
ATOM 385  O O    . GLU A 1 23 ? 4.855   -0.396  -4.384  1.00 0.23 ? 23 GLU A O    1 
ATOM 386  C CB   . GLU A 1 23 ? 5.569   1.699   -6.751  1.00 0.27 ? 23 GLU A CB   1 
ATOM 387  C CG   . GLU A 1 23 ? 5.013   1.248   -8.103  1.00 1.51 ? 23 GLU A CG   1 
ATOM 388  C CD   . GLU A 1 23 ? 6.164   1.057   -9.093  1.00 2.04 ? 23 GLU A CD   1 
ATOM 389  O OE1  . GLU A 1 23 ? 7.274   1.442   -8.762  1.00 2.57 ? 23 GLU A OE1  1 
ATOM 390  O OE2  . GLU A 1 23 ? 5.916   0.531   -10.165 1.00 2.58 ? 23 GLU A OE2  1 
ATOM 391  H H    . GLU A 1 23 ? 5.647   2.054   -3.939  1.00 0.25 ? 23 GLU A H    1 
ATOM 392  H HA   . GLU A 1 23 ? 3.554   1.995   -6.075  1.00 0.22 ? 23 GLU A HA   1 
ATOM 393  H HB2  . GLU A 1 23 ? 5.901   2.725   -6.822  1.00 1.06 ? 23 GLU A HB2  1 
ATOM 394  H HB3  . GLU A 1 23 ? 6.403   1.068   -6.479  1.00 1.00 ? 23 GLU A HB3  1 
ATOM 395  H HG2  . GLU A 1 23 ? 4.484   0.313   -7.981  1.00 2.17 ? 23 GLU A HG2  1 
ATOM 396  H HG3  . GLU A 1 23 ? 4.335   1.997   -8.483  1.00 2.17 ? 23 GLU A HG3  1 
ATOM 397  N N    . VAL A 1 24 ? 3.432   -0.573  -6.053  1.00 0.19 ? 24 VAL A N    1 
ATOM 398  C CA   . VAL A 1 24 ? 3.169   -2.015  -5.766  1.00 0.20 ? 24 VAL A CA   1 
ATOM 399  C C    . VAL A 1 24 ? 2.581   -2.665  -7.024  1.00 0.21 ? 24 VAL A C    1 
ATOM 400  O O    . VAL A 1 24 ? 2.109   -1.985  -7.912  1.00 0.30 ? 24 VAL A O    1 
ATOM 401  C CB   . VAL A 1 24 ? 2.170   -2.131  -4.606  1.00 0.22 ? 24 VAL A CB   1 
ATOM 402  C CG1  . VAL A 1 24 ? 1.531   -3.523  -4.598  1.00 0.27 ? 24 VAL A CG1  1 
ATOM 403  C CG2  . VAL A 1 24 ? 2.903   -1.910  -3.283  1.00 0.25 ? 24 VAL A CG2  1 
ATOM 404  H H    . VAL A 1 24 ? 2.972   -0.136  -6.800  1.00 0.21 ? 24 VAL A H    1 
ATOM 405  H HA   . VAL A 1 24 ? 4.094   -2.508  -5.502  1.00 0.22 ? 24 VAL A HA   1 
ATOM 406  H HB   . VAL A 1 24 ? 1.399   -1.383  -4.721  1.00 0.27 ? 24 VAL A HB   1 
ATOM 407  H HG11 . VAL A 1 24 ? 2.302   -4.274  -4.680  1.00 1.07 ? 24 VAL A HG11 1 
ATOM 408  H HG12 . VAL A 1 24 ? 0.989   -3.663  -3.675  1.00 1.05 ? 24 VAL A HG12 1 
ATOM 409  H HG13 . VAL A 1 24 ? 0.851   -3.613  -5.432  1.00 1.05 ? 24 VAL A HG13 1 
ATOM 410  H HG21 . VAL A 1 24 ? 3.788   -2.527  -3.254  1.00 1.07 ? 24 VAL A HG21 1 
ATOM 411  H HG22 . VAL A 1 24 ? 3.185   -0.871  -3.197  1.00 1.02 ? 24 VAL A HG22 1 
ATOM 412  H HG23 . VAL A 1 24 ? 2.252   -2.176  -2.463  1.00 0.99 ? 24 VAL A HG23 1 
ATOM 413  N N    . ASP A 1 25 ? 2.606   -3.971  -7.117  1.00 0.33 ? 25 ASP A N    1 
ATOM 414  C CA   . ASP A 1 25 ? 2.045   -4.624  -8.335  1.00 0.36 ? 25 ASP A CA   1 
ATOM 415  C C    . ASP A 1 25 ? 1.494   -6.011  -8.006  1.00 0.28 ? 25 ASP A C    1 
ATOM 416  O O    . ASP A 1 25 ? 2.021   -6.723  -7.175  1.00 0.33 ? 25 ASP A O    1 
ATOM 417  C CB   . ASP A 1 25 ? 3.142   -4.753  -9.394  1.00 0.46 ? 25 ASP A CB   1 
ATOM 418  C CG   . ASP A 1 25 ? 2.567   -4.418  -10.771 1.00 1.37 ? 25 ASP A CG   1 
ATOM 419  O OD1  . ASP A 1 25 ? 1.736   -5.176  -11.244 1.00 2.09 ? 25 ASP A OD1  1 
ATOM 420  O OD2  . ASP A 1 25 ? 2.967   -3.410  -11.330 1.00 2.16 ? 25 ASP A OD2  1 
ATOM 421  H H    . ASP A 1 25 ? 2.991   -4.512  -6.398  1.00 0.48 ? 25 ASP A H    1 
ATOM 422  H HA   . ASP A 1 25 ? 1.250   -4.020  -8.721  1.00 0.44 ? 25 ASP A HA   1 
ATOM 423  H HB2  . ASP A 1 25 ? 3.947   -4.069  -9.164  1.00 1.14 ? 25 ASP A HB2  1 
ATOM 424  H HB3  . ASP A 1 25 ? 3.520   -5.764  -9.400  1.00 0.99 ? 25 ASP A HB3  1 
ATOM 425  N N    . PHE A 1 26 ? 0.436   -6.401  -8.671  1.00 0.26 ? 26 PHE A N    1 
ATOM 426  C CA   . PHE A 1 26 ? -0.149  -7.747  -8.420  1.00 0.27 ? 26 PHE A CA   1 
ATOM 427  C C    . PHE A 1 26 ? -1.068  -8.134  -9.578  1.00 0.37 ? 26 PHE A C    1 
ATOM 428  O O    . PHE A 1 26 ? -1.965  -7.402  -9.947  1.00 0.57 ? 26 PHE A O    1 
ATOM 429  C CB   . PHE A 1 26 ? -0.932  -7.748  -7.102  1.00 0.37 ? 26 PHE A CB   1 
ATOM 430  C CG   . PHE A 1 26 ? -2.116  -6.817  -7.194  1.00 0.29 ? 26 PHE A CG   1 
ATOM 431  C CD1  . PHE A 1 26 ? -3.335  -7.284  -7.698  1.00 1.17 ? 26 PHE A CD1  1 
ATOM 432  C CD2  . PHE A 1 26 ? -1.998  -5.490  -6.762  1.00 1.26 ? 26 PHE A CD2  1 
ATOM 433  C CE1  . PHE A 1 26 ? -4.436  -6.424  -7.774  1.00 1.17 ? 26 PHE A CE1  1 
ATOM 434  C CE2  . PHE A 1 26 ? -3.099  -4.630  -6.837  1.00 1.25 ? 26 PHE A CE2  1 
ATOM 435  C CZ   . PHE A 1 26 ? -4.319  -5.098  -7.342  1.00 0.25 ? 26 PHE A CZ   1 
ATOM 436  H H    . PHE A 1 26 ? 0.036   -5.810  -9.348  1.00 0.33 ? 26 PHE A H    1 
ATOM 437  H HA   . PHE A 1 26 ? 0.649   -8.465  -8.360  1.00 0.25 ? 26 PHE A HA   1 
ATOM 438  H HB2  . PHE A 1 26 ? -1.280  -8.749  -6.894  1.00 0.48 ? 26 PHE A HB2  1 
ATOM 439  H HB3  . PHE A 1 26 ? -0.282  -7.423  -6.302  1.00 0.46 ? 26 PHE A HB3  1 
ATOM 440  H HD1  . PHE A 1 26 ? -3.427  -8.309  -8.029  1.00 2.07 ? 26 PHE A HD1  1 
ATOM 441  H HD2  . PHE A 1 26 ? -1.056  -5.129  -6.373  1.00 2.18 ? 26 PHE A HD2  1 
ATOM 442  H HE1  . PHE A 1 26 ? -5.377  -6.784  -8.164  1.00 2.08 ? 26 PHE A HE1  1 
ATOM 443  H HE2  . PHE A 1 26 ? -3.008  -3.607  -6.502  1.00 2.15 ? 26 PHE A HE2  1 
ATOM 444  H HZ   . PHE A 1 26 ? -5.169  -4.435  -7.398  1.00 0.29 ? 26 PHE A HZ   1 
ATOM 445  N N    . ILE A 1 27 ? -0.838  -9.279  -10.164 1.00 0.40 ? 27 ILE A N    1 
ATOM 446  C CA   . ILE A 1 27 ? -1.685  -9.715  -11.315 1.00 0.51 ? 27 ILE A CA   1 
ATOM 447  C C    . ILE A 1 27 ? -2.998  -10.314 -10.805 1.00 0.53 ? 27 ILE A C    1 
ATOM 448  O O    . ILE A 1 27 ? -3.132  -11.513 -10.659 1.00 1.13 ? 27 ILE A O    1 
ATOM 449  C CB   . ILE A 1 27 ? -0.922  -10.758 -12.136 1.00 0.68 ? 27 ILE A CB   1 
ATOM 450  C CG1  . ILE A 1 27 ? 0.126   -10.047 -12.988 1.00 0.66 ? 27 ILE A CG1  1 
ATOM 451  C CG2  . ILE A 1 27 ? -1.890  -11.513 -13.052 1.00 1.06 ? 27 ILE A CG2  1 
ATOM 452  C CD1  . ILE A 1 27 ? 1.042   -9.219  -12.085 1.00 0.63 ? 27 ILE A CD1  1 
ATOM 453  H H    . ILE A 1 27 ? -0.098  -9.849  -9.852  1.00 0.48 ? 27 ILE A H    1 
ATOM 454  H HA   . ILE A 1 27 ? -1.903  -8.861  -11.939 1.00 0.57 ? 27 ILE A HA   1 
ATOM 455  H HB   . ILE A 1 27 ? -0.436  -11.456 -11.470 1.00 1.00 ? 27 ILE A HB   1 
ATOM 456  H HG12 . ILE A 1 27 ? 0.711   -10.779 -13.524 1.00 1.21 ? 27 ILE A HG12 1 
ATOM 457  H HG13 . ILE A 1 27 ? -0.369  -9.393  -13.690 1.00 0.96 ? 27 ILE A HG13 1 
ATOM 458  H HG21 . ILE A 1 27 ? -2.620  -10.824 -13.451 1.00 1.64 ? 27 ILE A HG21 1 
ATOM 459  H HG22 . ILE A 1 27 ? -1.340  -11.964 -13.865 1.00 1.38 ? 27 ILE A HG22 1 
ATOM 460  H HG23 . ILE A 1 27 ? -2.394  -12.284 -12.488 1.00 1.64 ? 27 ILE A HG23 1 
ATOM 461  H HD11 . ILE A 1 27 ? 1.407   -9.838  -11.279 1.00 1.40 ? 27 ILE A HD11 1 
ATOM 462  H HD12 . ILE A 1 27 ? 1.876   -8.848  -12.661 1.00 1.24 ? 27 ILE A HD12 1 
ATOM 463  H HD13 . ILE A 1 27 ? 0.488   -8.387  -11.677 1.00 1.08 ? 27 ILE A HD13 1 
ATOM 464  N N    . GLY A 1 28 ? -3.971  -9.489  -10.547 1.00 0.44 ? 28 GLY A N    1 
ATOM 465  C CA   . GLY A 1 28 ? -5.279  -10.008 -10.055 1.00 0.48 ? 28 GLY A CA   1 
ATOM 466  C C    . GLY A 1 28 ? -6.387  -9.645  -11.044 1.00 0.49 ? 28 GLY A C    1 
ATOM 467  O O    . GLY A 1 28 ? -6.345  -8.616  -11.689 1.00 0.58 ? 28 GLY A O    1 
ATOM 468  H H    . GLY A 1 28 ? -3.843  -8.526  -10.684 1.00 0.88 ? 28 GLY A H    1 
ATOM 469  H HA2  . GLY A 1 28 ? -5.223  -11.083 -9.956  1.00 0.54 ? 28 GLY A HA2  1 
ATOM 470  H HA3  . GLY A 1 28 ? -5.501  -9.570  -9.094  1.00 0.53 ? 28 GLY A HA3  1 
ATOM 471  N N    . ALA A 1 29 ? -7.381  -10.481 -11.168 1.00 0.51 ? 29 ALA A N    1 
ATOM 472  C CA   . ALA A 1 29 ? -8.492  -10.179 -12.113 1.00 0.57 ? 29 ALA A CA   1 
ATOM 473  C C    . ALA A 1 29 ? -9.478  -11.354 -12.144 1.00 0.58 ? 29 ALA A C    1 
ATOM 474  O O    . ALA A 1 29 ? -9.193  -12.414 -11.625 1.00 0.59 ? 29 ALA A O    1 
ATOM 475  C CB   . ALA A 1 29 ? -7.922  -9.941  -13.512 1.00 0.70 ? 29 ALA A CB   1 
ATOM 476  H H    . ALA A 1 29 ? -7.398  -11.307 -10.638 1.00 0.54 ? 29 ALA A H    1 
ATOM 477  H HA   . ALA A 1 29 ? -9.009  -9.290  -11.781 1.00 0.61 ? 29 ALA A HA   1 
ATOM 478  H HB1  . ALA A 1 29 ? -6.847  -10.040 -13.485 1.00 1.30 ? 29 ALA A HB1  1 
ATOM 479  H HB2  . ALA A 1 29 ? -8.335  -10.666 -14.197 1.00 1.20 ? 29 ALA A HB2  1 
ATOM 480  H HB3  . ALA A 1 29 ? -8.185  -8.944  -13.840 1.00 1.26 ? 29 ALA A HB3  1 
ATOM 481  N N    . PRO A 1 30 ? -10.619 -11.115 -12.742 1.00 0.66 ? 30 PRO A N    1 
ATOM 482  C CA   . PRO A 1 30 ? -10.943 -9.820  -13.366 1.00 0.76 ? 30 PRO A CA   1 
ATOM 483  C C    . PRO A 1 30 ? -11.243 -8.775  -12.295 1.00 0.81 ? 30 PRO A C    1 
ATOM 484  O O    . PRO A 1 30 ? -11.828 -9.066  -11.271 1.00 1.71 ? 30 PRO A O    1 
ATOM 485  C CB   . PRO A 1 30 ? -12.186 -10.116 -14.202 1.00 0.85 ? 30 PRO A CB   1 
ATOM 486  C CG   . PRO A 1 30 ? -12.826 -11.371 -13.579 1.00 0.82 ? 30 PRO A CG   1 
ATOM 487  C CD   . PRO A 1 30 ? -11.699 -12.114 -12.835 1.00 0.73 ? 30 PRO A CD   1 
ATOM 488  H HA   . PRO A 1 30 ? -10.141 -9.491  -14.006 1.00 0.81 ? 30 PRO A HA   1 
ATOM 489  H HB2  . PRO A 1 30 ? -12.872 -9.281  -14.155 1.00 0.92 ? 30 PRO A HB2  1 
ATOM 490  H HB3  . PRO A 1 30 ? -11.909 -10.317 -15.225 1.00 0.92 ? 30 PRO A HB3  1 
ATOM 491  H HG2  . PRO A 1 30 ? -13.598 -11.075 -12.885 1.00 0.85 ? 30 PRO A HG2  1 
ATOM 492  H HG3  . PRO A 1 30 ? -13.235 -12.002 -14.350 1.00 0.89 ? 30 PRO A HG3  1 
ATOM 493  H HD2  . PRO A 1 30 ? -12.030 -12.413 -11.850 1.00 0.74 ? 30 PRO A HD2  1 
ATOM 494  H HD3  . PRO A 1 30 ? -11.368 -12.970 -13.403 1.00 0.77 ? 30 PRO A HD3  1 
ATOM 495  N N    . ASP A 1 31 ? -10.843 -7.564  -12.543 1.00 0.77 ? 31 ASP A N    1 
ATOM 496  C CA   . ASP A 1 31 ? -11.081 -6.455  -11.571 1.00 0.68 ? 31 ASP A CA   1 
ATOM 497  C C    . ASP A 1 31 ? -10.986 -6.975  -10.131 1.00 0.54 ? 31 ASP A C    1 
ATOM 498  O O    . ASP A 1 31 ? -11.988 -7.302  -9.527  1.00 0.59 ? 31 ASP A O    1 
ATOM 499  C CB   . ASP A 1 31 ? -12.471 -5.863  -11.807 1.00 0.76 ? 31 ASP A CB   1 
ATOM 500  C CG   . ASP A 1 31 ? -12.414 -4.343  -11.641 1.00 1.37 ? 31 ASP A CG   1 
ATOM 501  O OD1  . ASP A 1 31 ? -11.757 -3.704  -12.445 1.00 2.16 ? 31 ASP A OD1  1 
ATOM 502  O OD2  . ASP A 1 31 ? -13.029 -3.845  -10.712 1.00 1.91 ? 31 ASP A OD2  1 
ATOM 503  H H    . ASP A 1 31 ? -10.385 -7.378  -13.384 1.00 1.48 ? 31 ASP A H    1 
ATOM 504  H HA   . ASP A 1 31 ? -10.336 -5.689  -11.723 1.00 0.72 ? 31 ASP A HA   1 
ATOM 505  H HB2  . ASP A 1 31 ? -12.801 -6.105  -12.807 1.00 1.16 ? 31 ASP A HB2  1 
ATOM 506  H HB3  . ASP A 1 31 ? -13.165 -6.275  -11.089 1.00 1.07 ? 31 ASP A HB3  1 
ATOM 507  N N    . PRO A 1 32 ? -9.781  -7.031  -9.623  1.00 0.44 ? 32 PRO A N    1 
ATOM 508  C CA   . PRO A 1 32 ? -9.519  -7.501  -8.252  1.00 0.40 ? 32 PRO A CA   1 
ATOM 509  C C    . PRO A 1 32 ? -9.843  -6.397  -7.243  1.00 0.41 ? 32 PRO A C    1 
ATOM 510  O O    . PRO A 1 32 ? -10.449 -5.397  -7.574  1.00 0.59 ? 32 PRO A O    1 
ATOM 511  C CB   . PRO A 1 32 ? -8.018  -7.801  -8.256  1.00 0.41 ? 32 PRO A CB   1 
ATOM 512  C CG   . PRO A 1 32 ? -7.413  -6.962  -9.406  1.00 0.45 ? 32 PRO A CG   1 
ATOM 513  C CD   . PRO A 1 32 ? -8.569  -6.632  -10.368 1.00 0.49 ? 32 PRO A CD   1 
ATOM 514  H HA   . PRO A 1 32 ? -10.077 -8.396  -8.036  1.00 0.47 ? 32 PRO A HA   1 
ATOM 515  H HB2  . PRO A 1 32 ? -7.580  -7.514  -7.308  1.00 0.46 ? 32 PRO A HB2  1 
ATOM 516  H HB3  . PRO A 1 32 ? -7.848  -8.850  -8.442  1.00 0.45 ? 32 PRO A HB3  1 
ATOM 517  H HG2  . PRO A 1 32 ? -6.987  -6.050  -9.008  1.00 0.51 ? 32 PRO A HG2  1 
ATOM 518  H HG3  . PRO A 1 32 ? -6.658  -7.530  -9.923  1.00 0.50 ? 32 PRO A HG3  1 
ATOM 519  H HD2  . PRO A 1 32 ? -8.588  -5.573  -10.588 1.00 0.55 ? 32 PRO A HD2  1 
ATOM 520  H HD3  . PRO A 1 32 ? -8.484  -7.208  -11.276 1.00 0.55 ? 32 PRO A HD3  1 
ATOM 521  N N    . THR A 1 33 ? -9.437  -6.570  -6.018  1.00 0.35 ? 33 THR A N    1 
ATOM 522  C CA   . THR A 1 33 ? -9.713  -5.533  -4.987  1.00 0.39 ? 33 THR A CA   1 
ATOM 523  C C    . THR A 1 33 ? -8.470  -5.348  -4.113  1.00 0.34 ? 33 THR A C    1 
ATOM 524  O O    . THR A 1 33 ? -8.062  -6.246  -3.402  1.00 0.57 ? 33 THR A O    1 
ATOM 525  C CB   . THR A 1 33 ? -10.890 -5.975  -4.115  1.00 0.49 ? 33 THR A CB   1 
ATOM 526  O OG1  . THR A 1 33 ? -12.090 -5.909  -4.873  1.00 0.67 ? 33 THR A OG1  1 
ATOM 527  C CG2  . THR A 1 33 ? -11.000 -5.052  -2.901  1.00 0.58 ? 33 THR A CG2  1 
ATOM 528  H H    . THR A 1 33 ? -8.948  -7.384  -5.775  1.00 0.41 ? 33 THR A H    1 
ATOM 529  H HA   . THR A 1 33 ? -9.954  -4.598  -5.472  1.00 0.45 ? 33 THR A HA   1 
ATOM 530  H HB   . THR A 1 33 ? -10.730 -6.988  -3.779  1.00 0.50 ? 33 THR A HB   1 
ATOM 531  H HG1  . THR A 1 33 ? -12.822 -5.802  -4.261  1.00 1.17 ? 33 THR A HG1  1 
ATOM 532  H HG21 . THR A 1 33 ? -10.287 -4.246  -2.997  1.00 1.10 ? 33 THR A HG21 1 
ATOM 533  H HG22 . THR A 1 33 ? -11.998 -4.647  -2.846  1.00 1.08 ? 33 THR A HG22 1 
ATOM 534  H HG23 . THR A 1 33 ? -10.789 -5.613  -2.002  1.00 1.13 ? 33 THR A HG23 1 
ATOM 535  N N    . ALA A 1 34 ? -7.866  -4.193  -4.160  1.00 0.41 ? 34 ALA A N    1 
ATOM 536  C CA   . ALA A 1 34 ? -6.653  -3.952  -3.331  1.00 0.35 ? 34 ALA A CA   1 
ATOM 537  C C    . ALA A 1 34 ? -6.972  -2.907  -2.262  1.00 0.35 ? 34 ALA A C    1 
ATOM 538  O O    . ALA A 1 34 ? -7.446  -1.827  -2.556  1.00 0.47 ? 34 ALA A O    1 
ATOM 539  C CB   . ALA A 1 34 ? -5.513  -3.448  -4.219  1.00 0.36 ? 34 ALA A CB   1 
ATOM 540  H H    . ALA A 1 34 ? -8.213  -3.483  -4.741  1.00 0.68 ? 34 ALA A H    1 
ATOM 541  H HA   . ALA A 1 34 ? -6.356  -4.874  -2.854  1.00 0.35 ? 34 ALA A HA   1 
ATOM 542  H HB1  . ALA A 1 34 ? -5.911  -3.141  -5.176  1.00 1.05 ? 34 ALA A HB1  1 
ATOM 543  H HB2  . ALA A 1 34 ? -5.030  -2.606  -3.743  1.00 1.05 ? 34 ALA A HB2  1 
ATOM 544  H HB3  . ALA A 1 34 ? -4.794  -4.241  -4.366  1.00 1.09 ? 34 ALA A HB3  1 
ATOM 545  N N    . THR A 1 35 ? -6.717  -3.219  -1.022  1.00 0.38 ? 35 THR A N    1 
ATOM 546  C CA   . THR A 1 35 ? -7.009  -2.247  0.066   1.00 0.38 ? 35 THR A CA   1 
ATOM 547  C C    . THR A 1 35 ? -5.697  -1.770  0.692   1.00 0.34 ? 35 THR A C    1 
ATOM 548  O O    . THR A 1 35 ? -4.870  -2.561  1.108   1.00 0.41 ? 35 THR A O    1 
ATOM 549  C CB   . THR A 1 35 ? -7.870  -2.921  1.137   1.00 0.48 ? 35 THR A CB   1 
ATOM 550  O OG1  . THR A 1 35 ? -9.088  -3.362  0.554   1.00 0.94 ? 35 THR A OG1  1 
ATOM 551  C CG2  . THR A 1 35 ? -8.169  -1.924  2.256   1.00 0.85 ? 35 THR A CG2  1 
ATOM 552  H H    . THR A 1 35 ? -6.338  -4.094  -0.807  1.00 0.49 ? 35 THR A H    1 
ATOM 553  H HA   . THR A 1 35 ? -7.541  -1.401  -0.342  1.00 0.39 ? 35 THR A HA   1 
ATOM 554  H HB   . THR A 1 35 ? -7.340  -3.767  1.546   1.00 0.86 ? 35 THR A HB   1 
ATOM 555  H HG1  . THR A 1 35 ? -9.725  -3.491  1.261   1.00 1.28 ? 35 THR A HG1  1 
ATOM 556  H HG21 . THR A 1 35 ? -7.470  -1.103  2.202   1.00 1.42 ? 35 THR A HG21 1 
ATOM 557  H HG22 . THR A 1 35 ? -9.175  -1.548  2.145   1.00 1.32 ? 35 THR A HG22 1 
ATOM 558  H HG23 . THR A 1 35 ? -8.073  -2.416  3.213   1.00 1.54 ? 35 THR A HG23 1 
ATOM 559  N N    . TRP A 1 36 ? -5.505  -0.480  0.764   1.00 0.28 ? 36 TRP A N    1 
ATOM 560  C CA   . TRP A 1 36 ? -4.254  0.060   1.365   1.00 0.24 ? 36 TRP A CA   1 
ATOM 561  C C    . TRP A 1 36 ? -4.478  0.287   2.869   1.00 0.25 ? 36 TRP A C    1 
ATOM 562  O O    . TRP A 1 36 ? -5.081  1.264   3.300   1.00 0.31 ? 36 TRP A O    1 
ATOM 563  C CB   . TRP A 1 36 ? -3.884  1.369   0.663   1.00 0.24 ? 36 TRP A CB   1 
ATOM 564  C CG   . TRP A 1 36 ? -3.021  1.058   -0.525  1.00 0.24 ? 36 TRP A CG   1 
ATOM 565  C CD1  . TRP A 1 36 ? -3.404  1.152   -1.824  1.00 0.25 ? 36 TRP A CD1  1 
ATOM 566  C CD2  . TRP A 1 36 ? -1.641  0.591   -0.547  1.00 0.24 ? 36 TRP A CD2  1 
ATOM 567  N NE1  . TRP A 1 36 ? -2.343  0.787   -2.632  1.00 0.25 ? 36 TRP A NE1  1 
ATOM 568  C CE2  . TRP A 1 36 ? -1.236  0.431   -1.893  1.00 0.25 ? 36 TRP A CE2  1 
ATOM 569  C CE3  . TRP A 1 36 ? -0.711  0.296   0.461   1.00 0.24 ? 36 TRP A CE3  1 
ATOM 570  C CZ2  . TRP A 1 36 ? 0.047   -0.004  -2.225  1.00 0.26 ? 36 TRP A CZ2  1 
ATOM 571  C CZ3  . TRP A 1 36 ? 0.580   -0.144  0.129   1.00 0.26 ? 36 TRP A CZ3  1 
ATOM 572  C CH2  . TRP A 1 36 ? 0.958   -0.293  -1.208  1.00 0.26 ? 36 TRP A CH2  1 
ATOM 573  H H    . TRP A 1 36 ? -6.188  0.135   0.425   1.00 0.31 ? 36 TRP A H    1 
ATOM 574  H HA   . TRP A 1 36 ? -3.454  -0.653  1.229   1.00 0.25 ? 36 TRP A HA   1 
ATOM 575  H HB2  . TRP A 1 36 ? -4.782  1.872   0.337   1.00 0.27 ? 36 TRP A HB2  1 
ATOM 576  H HB3  . TRP A 1 36 ? -3.340  2.004   1.346   1.00 0.25 ? 36 TRP A HB3  1 
ATOM 577  H HD1  . TRP A 1 36 ? -4.373  1.461   -2.174  1.00 0.26 ? 36 TRP A HD1  1 
ATOM 578  H HE1  . TRP A 1 36 ? -2.359  0.774   -3.611  1.00 0.27 ? 36 TRP A HE1  1 
ATOM 579  H HE3  . TRP A 1 36 ? -0.994  0.398   1.496   1.00 0.25 ? 36 TRP A HE3  1 
ATOM 580  H HZ2  . TRP A 1 36 ? 0.334   -0.116  -3.258  1.00 0.27 ? 36 TRP A HZ2  1 
ATOM 581  H HZ3  . TRP A 1 36 ? 1.286   -0.370  0.909   1.00 0.27 ? 36 TRP A HZ3  1 
ATOM 582  H HH2  . TRP A 1 36 ? 1.952   -0.634  -1.453  1.00 0.28 ? 36 TRP A HH2  1 
ATOM 583  N N    . THR A 1 37 ? -4.016  -0.627  3.678   1.00 0.24 ? 37 THR A N    1 
ATOM 584  C CA   . THR A 1 37 ? -4.221  -0.474  5.140   1.00 0.28 ? 37 THR A CA   1 
ATOM 585  C C    . THR A 1 37 ? -2.931  -0.034  5.820   1.00 0.27 ? 37 THR A C    1 
ATOM 586  O O    . THR A 1 37 ? -1.884  0.066   5.208   1.00 0.33 ? 37 THR A O    1 
ATOM 587  C CB   . THR A 1 37 ? -4.699  -1.796  5.751   1.00 0.35 ? 37 THR A CB   1 
ATOM 588  O OG1  . THR A 1 37 ? -4.508  -2.846  4.813   1.00 0.39 ? 37 THR A OG1  1 
ATOM 589  C CG2  . THR A 1 37 ? -6.182  -1.691  6.107   1.00 0.41 ? 37 THR A CG2  1 
ATOM 590  H H    . THR A 1 37 ? -3.553  -1.412  3.322   1.00 0.24 ? 37 THR A H    1 
ATOM 591  H HA   . THR A 1 37 ? -4.967  0.284   5.299   1.00 0.29 ? 37 THR A HA   1 
ATOM 592  H HB   . THR A 1 37 ? -4.134  -2.003  6.647   1.00 0.43 ? 37 THR A HB   1 
ATOM 593  H HG1  . THR A 1 37 ? -4.526  -3.679  5.291   1.00 0.87 ? 37 THR A HG1  1 
ATOM 594  H HG21 . THR A 1 37 ? -6.532  -0.690  5.904   1.00 1.12 ? 37 THR A HG21 1 
ATOM 595  H HG22 . THR A 1 37 ? -6.746  -2.396  5.514   1.00 1.13 ? 37 THR A HG22 1 
ATOM 596  H HG23 . THR A 1 37 ? -6.318  -1.914  7.156   1.00 1.04 ? 37 THR A HG23 1 
ATOM 597  N N    . VAL A 1 38 ? -3.012  0.257   7.084   1.00 0.40 ? 38 VAL A N    1 
ATOM 598  C CA   . VAL A 1 38 ? -1.818  0.733   7.815   1.00 0.41 ? 38 VAL A CA   1 
ATOM 599  C C    . VAL A 1 38 ? -1.562  -0.137  9.056   1.00 0.48 ? 38 VAL A C    1 
ATOM 600  O O    . VAL A 1 38 ? -1.588  0.325   10.179  1.00 1.27 ? 38 VAL A O    1 
ATOM 601  C CB   . VAL A 1 38 ? -2.079  2.185   8.206   1.00 0.40 ? 38 VAL A CB   1 
ATOM 602  C CG1  . VAL A 1 38 ? -3.017  2.250   9.405   1.00 0.39 ? 38 VAL A CG1  1 
ATOM 603  C CG2  . VAL A 1 38 ? -0.766  2.871   8.541   1.00 0.49 ? 38 VAL A CG2  1 
ATOM 604  H H    . VAL A 1 38 ? -3.869  0.188   7.546   1.00 0.53 ? 38 VAL A H    1 
ATOM 605  H HA   . VAL A 1 38 ? -0.959  0.689   7.164   1.00 0.48 ? 38 VAL A HA   1 
ATOM 606  H HB   . VAL A 1 38 ? -2.542  2.690   7.376   1.00 0.49 ? 38 VAL A HB   1 
ATOM 607  H HG11 . VAL A 1 38 ? -3.680  1.400   9.380   1.00 1.07 ? 38 VAL A HG11 1 
ATOM 608  H HG12 . VAL A 1 38 ? -2.439  2.233   10.318  1.00 1.07 ? 38 VAL A HG12 1 
ATOM 609  H HG13 . VAL A 1 38 ? -3.596  3.160   9.361   1.00 1.09 ? 38 VAL A HG13 1 
ATOM 610  H HG21 . VAL A 1 38 ? -0.034  2.127   8.814   1.00 1.10 ? 38 VAL A HG21 1 
ATOM 611  H HG22 . VAL A 1 38 ? -0.424  3.418   7.674   1.00 1.20 ? 38 VAL A HG22 1 
ATOM 612  H HG23 . VAL A 1 38 ? -0.918  3.551   9.364   1.00 1.12 ? 38 VAL A HG23 1 
ATOM 613  N N    . GLY A 1 39 ? -1.293  -1.396  8.854   1.00 0.96 ? 39 GLY A N    1 
ATOM 614  C CA   . GLY A 1 39 ? -1.016  -2.300  10.007  1.00 1.03 ? 39 GLY A CA   1 
ATOM 615  C C    . GLY A 1 39 ? -2.065  -2.090  11.100  1.00 1.32 ? 39 GLY A C    1 
ATOM 616  O O    . GLY A 1 39 ? -3.186  -1.703  10.834  1.00 2.16 ? 39 GLY A O    1 
ATOM 617  H H    . GLY A 1 39 ? -1.257  -1.746  7.942   1.00 1.66 ? 39 GLY A H    1 
ATOM 618  H HA2  . GLY A 1 39 ? -1.046  -3.327  9.672   1.00 1.47 ? 39 GLY A HA2  1 
ATOM 619  H HA3  . GLY A 1 39 ? -0.038  -2.081  10.407  1.00 1.47 ? 39 GLY A HA3  1 
ATOM 620  N N    . ASP A 1 40 ? -1.706  -2.345  12.330  1.00 1.65 ? 40 ASP A N    1 
ATOM 621  C CA   . ASP A 1 40 ? -2.672  -2.167  13.449  1.00 2.54 ? 40 ASP A CA   1 
ATOM 622  C C    . ASP A 1 40 ? -3.741  -3.263  13.398  1.00 2.24 ? 40 ASP A C    1 
ATOM 623  O O    . ASP A 1 40 ? -4.637  -3.306  14.216  1.00 3.00 ? 40 ASP A O    1 
ATOM 624  C CB   . ASP A 1 40 ? -3.332  -0.800  13.319  1.00 3.44 ? 40 ASP A CB   1 
ATOM 625  C CG   . ASP A 1 40 ? -3.329  -0.098  14.678  1.00 4.28 ? 40 ASP A CG   1 
ATOM 626  O OD1  . ASP A 1 40 ? -4.033  -0.557  15.562  1.00 4.79 ? 40 ASP A OD1  1 
ATOM 627  O OD2  . ASP A 1 40 ? -2.623  0.887   14.812  1.00 4.78 ? 40 ASP A OD2  1 
ATOM 628  H H    . ASP A 1 40 ? -0.800  -2.653  12.517  1.00 1.87 ? 40 ASP A H    1 
ATOM 629  H HA   . ASP A 1 40 ? -2.146  -2.222  14.390  1.00 3.17 ? 40 ASP A HA   1 
ATOM 630  H HB2  . ASP A 1 40 ? -2.780  -0.209  12.603  1.00 3.71 ? 40 ASP A HB2  1 
ATOM 631  H HB3  . ASP A 1 40 ? -4.348  -0.923  12.980  1.00 3.65 ? 40 ASP A HB3  1 
ATOM 632  N N    . SER A 1 41 ? -3.652  -4.151  12.445  1.00 1.52 ? 41 SER A N    1 
ATOM 633  C CA   . SER A 1 41 ? -4.659  -5.244  12.347  1.00 1.74 ? 41 SER A CA   1 
ATOM 634  C C    . SER A 1 41 ? -6.054  -4.641  12.170  1.00 1.37 ? 41 SER A C    1 
ATOM 635  O O    . SER A 1 41 ? -6.995  -5.026  12.834  1.00 1.81 ? 41 SER A O    1 
ATOM 636  C CB   . SER A 1 41 ? -4.624  -6.084  13.623  1.00 2.40 ? 41 SER A CB   1 
ATOM 637  O OG   . SER A 1 41 ? -4.955  -7.430  13.309  1.00 2.77 ? 41 SER A OG   1 
ATOM 638  H H    . SER A 1 41 ? -2.923  -4.102  11.797  1.00 1.34 ? 41 SER A H    1 
ATOM 639  H HA   . SER A 1 41 ? -4.428  -5.871  11.498  1.00 2.05 ? 41 SER A HA   1 
ATOM 640  H HB2  . SER A 1 41 ? -3.635  -6.052  14.049  1.00 2.88 ? 41 SER A HB2  1 
ATOM 641  H HB3  . SER A 1 41 ? -5.334  -5.684  14.335  1.00 2.60 ? 41 SER A HB3  1 
ATOM 642  H HG   . SER A 1 41 ? -5.866  -7.449  13.007  1.00 2.99 ? 41 SER A HG   1 
ATOM 643  N N    . GLY A 1 42 ? -6.194  -3.701  11.277  1.00 0.86 ? 42 GLY A N    1 
ATOM 644  C CA   . GLY A 1 42 ? -7.529  -3.077  11.059  1.00 0.98 ? 42 GLY A CA   1 
ATOM 645  C C    . GLY A 1 42 ? -7.351  -1.602  10.694  1.00 0.88 ? 42 GLY A C    1 
ATOM 646  O O    . GLY A 1 42 ? -8.229  -0.983  10.127  1.00 1.26 ? 42 GLY A O    1 
ATOM 647  H H    . GLY A 1 42 ? -5.423  -3.405  10.750  1.00 0.85 ? 42 GLY A H    1 
ATOM 648  H HA2  . GLY A 1 42 ? -8.038  -3.589  10.254  1.00 1.20 ? 42 GLY A HA2  1 
ATOM 649  H HA3  . GLY A 1 42 ? -8.115  -3.152  11.962  1.00 1.22 ? 42 GLY A HA3  1 
ATOM 650  N N    . ALA A 1 43 ? -6.220  -1.036  11.014  1.00 0.56 ? 43 ALA A N    1 
ATOM 651  C CA   . ALA A 1 43 ? -5.984  0.390   10.686  1.00 0.52 ? 43 ALA A CA   1 
ATOM 652  C C    . ALA A 1 43 ? -5.842  0.535   9.172   1.00 0.49 ? 43 ALA A C    1 
ATOM 653  O O    . ALA A 1 43 ? -5.616  -0.430  8.470   1.00 0.50 ? 43 ALA A O    1 
ATOM 654  C CB   . ALA A 1 43 ? -4.704  0.871   11.377  1.00 0.56 ? 43 ALA A CB   1 
ATOM 655  H H    . ALA A 1 43 ? -5.529  -1.548  11.465  1.00 0.63 ? 43 ALA A H    1 
ATOM 656  H HA   . ALA A 1 43 ? -6.819  0.972   11.030  1.00 0.59 ? 43 ALA A HA   1 
ATOM 657  H HB1  . ALA A 1 43 ? -3.868  0.266   11.051  1.00 1.08 ? 43 ALA A HB1  1 
ATOM 658  H HB2  . ALA A 1 43 ? -4.520  1.904   11.120  1.00 1.24 ? 43 ALA A HB2  1 
ATOM 659  H HB3  . ALA A 1 43 ? -4.816  0.783   12.446  1.00 1.06 ? 43 ALA A HB3  1 
ATOM 660  N N    . ALA A 1 44 ? -5.975  1.726   8.657   1.00 0.56 ? 44 ALA A N    1 
ATOM 661  C CA   . ALA A 1 44 ? -5.844  1.908   7.185   1.00 0.57 ? 44 ALA A CA   1 
ATOM 662  C C    . ALA A 1 44 ? -5.101  3.211   6.893   1.00 0.44 ? 44 ALA A C    1 
ATOM 663  O O    . ALA A 1 44 ? -4.854  4.001   7.782   1.00 0.52 ? 44 ALA A O    1 
ATOM 664  C CB   . ALA A 1 44 ? -7.235  1.956   6.548   1.00 0.70 ? 44 ALA A CB   1 
ATOM 665  H H    . ALA A 1 44 ? -6.160  2.494   9.235   1.00 0.65 ? 44 ALA A H    1 
ATOM 666  H HA   . ALA A 1 44 ? -5.290  1.084   6.778   1.00 0.69 ? 44 ALA A HA   1 
ATOM 667  H HB1  . ALA A 1 44 ? -7.850  1.174   6.968   1.00 1.21 ? 44 ALA A HB1  1 
ATOM 668  H HB2  . ALA A 1 44 ? -7.689  2.916   6.745   1.00 1.22 ? 44 ALA A HB2  1 
ATOM 669  H HB3  . ALA A 1 44 ? -7.147  1.811   5.481   1.00 1.28 ? 44 ALA A HB3  1 
ATOM 670  N N    . LEU A 1 45 ? -4.751  3.459   5.655   1.00 0.39 ? 45 LEU A N    1 
ATOM 671  C CA   . LEU A 1 45 ? -4.036  4.740   5.355   1.00 0.51 ? 45 LEU A CA   1 
ATOM 672  C C    . LEU A 1 45 ? -4.545  5.326   4.039   1.00 0.79 ? 45 LEU A C    1 
ATOM 673  O O    . LEU A 1 45 ? -4.914  4.613   3.127   1.00 1.39 ? 45 LEU A O    1 
ATOM 674  C CB   . LEU A 1 45 ? -2.510  4.530   5.321   1.00 0.94 ? 45 LEU A CB   1 
ATOM 675  C CG   . LEU A 1 45 ? -2.071  3.729   4.097   1.00 0.37 ? 45 LEU A CG   1 
ATOM 676  C CD1  . LEU A 1 45 ? -2.963  2.523   3.929   1.00 0.80 ? 45 LEU A CD1  1 
ATOM 677  C CD2  . LEU A 1 45 ? -2.132  4.606   2.845   1.00 0.68 ? 45 LEU A CD2  1 
ATOM 678  H H    . LEU A 1 45 ? -4.970  2.820   4.937   1.00 0.41 ? 45 LEU A H    1 
ATOM 679  H HA   . LEU A 1 45 ? -4.258  5.445   6.143   1.00 0.89 ? 45 LEU A HA   1 
ATOM 680  H HB2  . LEU A 1 45 ? -2.022  5.491   5.306   1.00 1.71 ? 45 LEU A HB2  1 
ATOM 681  H HB3  . LEU A 1 45 ? -2.214  4.000   6.210   1.00 1.63 ? 45 LEU A HB3  1 
ATOM 682  H HG   . LEU A 1 45 ? -1.068  3.387   4.250   1.00 0.70 ? 45 LEU A HG   1 
ATOM 683  H HD11 . LEU A 1 45 ? -3.186  2.109   4.903   1.00 1.45 ? 45 LEU A HD11 1 
ATOM 684  H HD12 . LEU A 1 45 ? -3.874  2.828   3.445   1.00 1.35 ? 45 LEU A HD12 1 
ATOM 685  H HD13 . LEU A 1 45 ? -2.459  1.782   3.326   1.00 1.35 ? 45 LEU A HD13 1 
ATOM 686  H HD21 . LEU A 1 45 ? -2.412  5.611   3.122   1.00 1.29 ? 45 LEU A HD21 1 
ATOM 687  H HD22 . LEU A 1 45 ? -1.163  4.620   2.368   1.00 1.34 ? 45 LEU A HD22 1 
ATOM 688  H HD23 . LEU A 1 45 ? -2.865  4.204   2.159   1.00 1.18 ? 45 LEU A HD23 1 
ATOM 689  N N    . ALA A 1 46 ? -4.590  6.629   3.945   1.00 1.01 ? 46 ALA A N    1 
ATOM 690  C CA   . ALA A 1 46 ? -5.099  7.272   2.703   1.00 1.54 ? 46 ALA A CA   1 
ATOM 691  C C    . ALA A 1 46 ? -5.400  8.757   2.960   1.00 1.14 ? 46 ALA A C    1 
ATOM 692  O O    . ALA A 1 46 ? -4.924  9.610   2.238   1.00 1.12 ? 46 ALA A O    1 
ATOM 693  C CB   . ALA A 1 46 ? -6.380  6.566   2.255   1.00 2.34 ? 46 ALA A CB   1 
ATOM 694  H H    . ALA A 1 46 ? -4.299  7.182   4.699   1.00 1.21 ? 46 ALA A H    1 
ATOM 695  H HA   . ALA A 1 46 ? -4.354  7.187   1.926   1.00 1.99 ? 46 ALA A HA   1 
ATOM 696  H HB1  . ALA A 1 46 ? -6.717  5.901   3.035   1.00 2.57 ? 46 ALA A HB1  1 
ATOM 697  H HB2  . ALA A 1 46 ? -7.144  7.302   2.053   1.00 2.84 ? 46 ALA A HB2  1 
ATOM 698  H HB3  . ALA A 1 46 ? -6.183  5.998   1.357   1.00 2.81 ? 46 ALA A HB3  1 
ATOM 699  N N    . PRO A 1 47 ? -6.183  9.033   3.977   1.00 1.15 ? 47 PRO A N    1 
ATOM 700  C CA   . PRO A 1 47 ? -6.557  10.418  4.321   1.00 1.23 ? 47 PRO A CA   1 
ATOM 701  C C    . PRO A 1 47 ? -5.352  11.177  4.879   1.00 1.09 ? 47 PRO A C    1 
ATOM 702  O O    . PRO A 1 47 ? -5.389  12.378  5.061   1.00 1.63 ? 47 PRO A O    1 
ATOM 703  C CB   . PRO A 1 47 ? -7.675  10.252  5.354   1.00 1.59 ? 47 PRO A CB   1 
ATOM 704  C CG   . PRO A 1 47 ? -7.519  8.831   5.939   1.00 1.66 ? 47 PRO A CG   1 
ATOM 705  C CD   . PRO A 1 47 ? -6.750  8.011   4.886   1.00 1.46 ? 47 PRO A CD   1 
ATOM 706  H HA   . PRO A 1 47 ? -6.942  10.925  3.450   1.00 1.44 ? 47 PRO A HA   1 
ATOM 707  H HB2  . PRO A 1 47 ? -7.568  10.993  6.136   1.00 1.78 ? 47 PRO A HB2  1 
ATOM 708  H HB3  . PRO A 1 47 ? -8.639  10.347  4.880   1.00 1.82 ? 47 PRO A HB3  1 
ATOM 709  H HG2  . PRO A 1 47 ? -6.961  8.872   6.864   1.00 1.81 ? 47 PRO A HG2  1 
ATOM 710  H HG3  . PRO A 1 47 ? -8.489  8.391   6.108   1.00 1.91 ? 47 PRO A HG3  1 
ATOM 711  H HD2  . PRO A 1 47 ? -5.970  7.442   5.364   1.00 1.60 ? 47 PRO A HD2  1 
ATOM 712  H HD3  . PRO A 1 47 ? -7.421  7.360   4.346   1.00 1.64 ? 47 PRO A HD3  1 
ATOM 713  N N    . GLU A 1 48 ? -4.272  10.488  5.116   1.00 0.85 ? 48 GLU A N    1 
ATOM 714  C CA   . GLU A 1 48 ? -3.047  11.168  5.619   1.00 0.94 ? 48 GLU A CA   1 
ATOM 715  C C    . GLU A 1 48 ? -2.038  11.217  4.474   1.00 0.83 ? 48 GLU A C    1 
ATOM 716  O O    . GLU A 1 48 ? -0.847  11.346  4.677   1.00 1.19 ? 48 GLU A O    1 
ATOM 717  C CB   . GLU A 1 48 ? -2.461  10.380  6.793   1.00 1.25 ? 48 GLU A CB   1 
ATOM 718  C CG   . GLU A 1 48 ? -2.908  11.016  8.111   1.00 1.82 ? 48 GLU A CG   1 
ATOM 719  C CD   . GLU A 1 48 ? -1.735  11.769  8.741   1.00 2.20 ? 48 GLU A CD   1 
ATOM 720  O OE1  . GLU A 1 48 ? -0.999  11.155  9.496   1.00 2.72 ? 48 GLU A OE1  1 
ATOM 721  O OE2  . GLU A 1 48 ? -1.592  12.947  8.456   1.00 2.68 ? 48 GLU A OE2  1 
ATOM 722  H H    . GLU A 1 48 ? -4.257  9.525   4.935   1.00 1.12 ? 48 GLU A H    1 
ATOM 723  H HA   . GLU A 1 48 ? -3.288  12.175  5.933   1.00 1.04 ? 48 GLU A HA   1 
ATOM 724  H HB2  . GLU A 1 48 ? -2.808  9.358   6.750   1.00 1.65 ? 48 GLU A HB2  1 
ATOM 725  H HB3  . GLU A 1 48 ? -1.382  10.398  6.736   1.00 1.59 ? 48 GLU A HB3  1 
ATOM 726  H HG2  . GLU A 1 48 ? -3.719  11.705  7.921   1.00 2.46 ? 48 GLU A HG2  1 
ATOM 727  H HG3  . GLU A 1 48 ? -3.242  10.244  8.788   1.00 2.29 ? 48 GLU A HG3  1 
ATOM 728  N N    . LEU A 1 49 ? -2.520  11.098  3.266   1.00 0.51 ? 49 LEU A N    1 
ATOM 729  C CA   . LEU A 1 49 ? -1.624  11.117  2.085   1.00 0.42 ? 49 LEU A CA   1 
ATOM 730  C C    . LEU A 1 49 ? -2.466  10.873  0.834   1.00 0.45 ? 49 LEU A C    1 
ATOM 731  O O    . LEU A 1 49 ? -3.676  10.981  0.860   1.00 0.54 ? 49 LEU A O    1 
ATOM 732  C CB   . LEU A 1 49 ? -0.573  10.017  2.236   1.00 0.49 ? 49 LEU A CB   1 
ATOM 733  C CG   . LEU A 1 49 ? -1.245  8.717   2.680   1.00 0.47 ? 49 LEU A CG   1 
ATOM 734  C CD1  . LEU A 1 49 ? -1.388  7.772   1.486   1.00 0.64 ? 49 LEU A CD1  1 
ATOM 735  C CD2  . LEU A 1 49 ? -0.386  8.048   3.750   1.00 0.83 ? 49 LEU A CD2  1 
ATOM 736  H H    . LEU A 1 49 ? -3.483  10.985  3.134   1.00 0.60 ? 49 LEU A H    1 
ATOM 737  H HA   . LEU A 1 49 ? -1.137  12.071  2.008   1.00 0.39 ? 49 LEU A HA   1 
ATOM 738  H HB2  . LEU A 1 49 ? -0.075  9.864   1.296   1.00 0.70 ? 49 LEU A HB2  1 
ATOM 739  H HB3  . LEU A 1 49 ? 0.152   10.314  2.981   1.00 0.68 ? 49 LEU A HB3  1 
ATOM 740  H HG   . LEU A 1 49 ? -2.223  8.934   3.085   1.00 0.72 ? 49 LEU A HG   1 
ATOM 741  H HD11 . LEU A 1 49 ? -0.426  7.642   1.014   1.00 1.36 ? 49 LEU A HD11 1 
ATOM 742  H HD12 . LEU A 1 49 ? -1.753  6.814   1.826   1.00 1.14 ? 49 LEU A HD12 1 
ATOM 743  H HD13 . LEU A 1 49 ? -2.085  8.192   0.777   1.00 1.23 ? 49 LEU A HD13 1 
ATOM 744  H HD21 . LEU A 1 49 ? 0.643   8.028   3.422   1.00 1.35 ? 49 LEU A HD21 1 
ATOM 745  H HD22 . LEU A 1 49 ? -0.460  8.606   4.671   1.00 1.40 ? 49 LEU A HD22 1 
ATOM 746  H HD23 . LEU A 1 49 ? -0.733  7.038   3.911   1.00 1.41 ? 49 LEU A HD23 1 
ATOM 747  N N    . LEU A 1 50 ? -1.849  10.540  -0.257  1.00 0.41 ? 50 LEU A N    1 
ATOM 748  C CA   . LEU A 1 50 ? -2.633  10.281  -1.499  1.00 0.49 ? 50 LEU A CA   1 
ATOM 749  C C    . LEU A 1 50 ? -2.568  8.783   -1.800  1.00 0.51 ? 50 LEU A C    1 
ATOM 750  O O    . LEU A 1 50 ? -1.726  8.082   -1.276  1.00 1.04 ? 50 LEU A O    1 
ATOM 751  C CB   . LEU A 1 50 ? -2.029  11.072  -2.661  1.00 0.49 ? 50 LEU A CB   1 
ATOM 752  C CG   . LEU A 1 50 ? -2.775  12.390  -2.851  1.00 1.21 ? 50 LEU A CG   1 
ATOM 753  C CD1  . LEU A 1 50 ? -2.081  13.206  -3.947  1.00 1.70 ? 50 LEU A CD1  1 
ATOM 754  C CD2  . LEU A 1 50 ? -4.219  12.102  -3.265  1.00 2.10 ? 50 LEU A CD2  1 
ATOM 755  H H    . LEU A 1 50 ? -0.873  10.451  -0.260  1.00 0.38 ? 50 LEU A H    1 
ATOM 756  H HA   . LEU A 1 50 ? -3.661  10.578  -1.349  1.00 0.56 ? 50 LEU A HA   1 
ATOM 757  H HB2  . LEU A 1 50 ? -0.996  11.282  -2.447  1.00 1.05 ? 50 LEU A HB2  1 
ATOM 758  H HB3  . LEU A 1 50 ? -2.100  10.489  -3.567  1.00 1.18 ? 50 LEU A HB3  1 
ATOM 759  H HG   . LEU A 1 50 ? -2.765  12.946  -1.925  1.00 2.02 ? 50 LEU A HG   1 
ATOM 760  H HD11 . LEU A 1 50 ? -1.189  12.687  -4.276  1.00 2.19 ? 50 LEU A HD11 1 
ATOM 761  H HD12 . LEU A 1 50 ? -2.752  13.332  -4.783  1.00 2.18 ? 50 LEU A HD12 1 
ATOM 762  H HD13 . LEU A 1 50 ? -1.809  14.175  -3.555  1.00 2.13 ? 50 LEU A HD13 1 
ATOM 763  H HD21 . LEU A 1 50 ? -4.224  11.431  -4.110  1.00 2.71 ? 50 LEU A HD21 1 
ATOM 764  H HD22 . LEU A 1 50 ? -4.745  11.645  -2.439  1.00 2.51 ? 50 LEU A HD22 1 
ATOM 765  H HD23 . LEU A 1 50 ? -4.706  13.027  -3.535  1.00 2.56 ? 50 LEU A HD23 1 
ATOM 766  N N    . VAL A 1 51 ? -3.446  8.270   -2.619  1.00 0.34 ? 51 VAL A N    1 
ATOM 767  C CA   . VAL A 1 51 ? -3.398  6.808   -2.905  1.00 0.31 ? 51 VAL A CA   1 
ATOM 768  C C    . VAL A 1 51 ? -3.950  6.505   -4.300  1.00 0.34 ? 51 VAL A C    1 
ATOM 769  O O    . VAL A 1 51 ? -4.917  7.092   -4.744  1.00 0.51 ? 51 VAL A O    1 
ATOM 770  C CB   . VAL A 1 51 ? -4.228  6.060   -1.862  1.00 0.34 ? 51 VAL A CB   1 
ATOM 771  C CG1  . VAL A 1 51 ? -4.158  4.556   -2.137  1.00 0.34 ? 51 VAL A CG1  1 
ATOM 772  C CG2  . VAL A 1 51 ? -3.664  6.347   -0.470  1.00 0.33 ? 51 VAL A CG2  1 
ATOM 773  H H    . VAL A 1 51 ? -4.130  8.837   -3.032  1.00 0.71 ? 51 VAL A H    1 
ATOM 774  H HA   . VAL A 1 51 ? -2.375  6.472   -2.847  1.00 0.28 ? 51 VAL A HA   1 
ATOM 775  H HB   . VAL A 1 51 ? -5.255  6.388   -1.914  1.00 0.38 ? 51 VAL A HB   1 
ATOM 776  H HG11 . VAL A 1 51 ? -4.031  4.390   -3.196  1.00 1.12 ? 51 VAL A HG11 1 
ATOM 777  H HG12 . VAL A 1 51 ? -3.321  4.131   -1.604  1.00 1.04 ? 51 VAL A HG12 1 
ATOM 778  H HG13 . VAL A 1 51 ? -5.073  4.087   -1.805  1.00 1.06 ? 51 VAL A HG13 1 
ATOM 779  H HG21 . VAL A 1 51 ? -2.586  6.326   -0.509  1.00 1.04 ? 51 VAL A HG21 1 
ATOM 780  H HG22 . VAL A 1 51 ? -3.994  7.323   -0.143  1.00 1.07 ? 51 VAL A HG22 1 
ATOM 781  H HG23 . VAL A 1 51 ? -4.016  5.597   0.222   1.00 1.04 ? 51 VAL A HG23 1 
ATOM 782  N N    . ASP A 1 52 ? -3.343  5.572   -4.980  1.00 0.28 ? 52 ASP A N    1 
ATOM 783  C CA   . ASP A 1 52 ? -3.816  5.186   -6.338  1.00 0.30 ? 52 ASP A CA   1 
ATOM 784  C C    . ASP A 1 52 ? -3.725  3.664   -6.459  1.00 0.28 ? 52 ASP A C    1 
ATOM 785  O O    . ASP A 1 52 ? -2.965  3.025   -5.757  1.00 0.29 ? 52 ASP A O    1 
ATOM 786  C CB   . ASP A 1 52 ? -2.928  5.841   -7.400  1.00 0.34 ? 52 ASP A CB   1 
ATOM 787  C CG   . ASP A 1 52 ? -2.949  7.359   -7.220  1.00 1.15 ? 52 ASP A CG   1 
ATOM 788  O OD1  . ASP A 1 52 ? -2.354  7.831   -6.266  1.00 1.89 ? 52 ASP A OD1  1 
ATOM 789  O OD2  . ASP A 1 52 ? -3.562  8.025   -8.039  1.00 1.91 ? 52 ASP A OD2  1 
ATOM 790  H H    . ASP A 1 52 ? -2.573  5.109   -4.586  1.00 0.33 ? 52 ASP A H    1 
ATOM 791  H HA   . ASP A 1 52 ? -4.840  5.502   -6.471  1.00 0.33 ? 52 ASP A HA   1 
ATOM 792  H HB2  . ASP A 1 52 ? -1.915  5.479   -7.294  1.00 0.95 ? 52 ASP A HB2  1 
ATOM 793  H HB3  . ASP A 1 52 ? -3.299  5.591   -8.383  1.00 0.92 ? 52 ASP A HB3  1 
ATOM 794  N N    . ALA A 1 53 ? -4.488  3.059   -7.322  1.00 0.29 ? 53 ALA A N    1 
ATOM 795  C CA   . ALA A 1 53 ? -4.404  1.579   -7.425  1.00 0.28 ? 53 ALA A CA   1 
ATOM 796  C C    . ALA A 1 53 ? -4.951  1.093   -8.770  1.00 0.32 ? 53 ALA A C    1 
ATOM 797  O O    . ALA A 1 53 ? -5.872  1.657   -9.327  1.00 0.43 ? 53 ALA A O    1 
ATOM 798  C CB   . ALA A 1 53 ? -5.197  0.958   -6.277  1.00 0.29 ? 53 ALA A CB   1 
ATOM 799  H H    . ALA A 1 53 ? -5.108  3.567   -7.885  1.00 0.35 ? 53 ALA A H    1 
ATOM 800  H HA   . ALA A 1 53 ? -3.372  1.282   -7.337  1.00 0.27 ? 53 ALA A HA   1 
ATOM 801  H HB1  . ALA A 1 53 ? -6.219  1.303   -6.315  1.00 1.05 ? 53 ALA A HB1  1 
ATOM 802  H HB2  . ALA A 1 53 ? -5.173  -0.119  -6.367  1.00 1.04 ? 53 ALA A HB2  1 
ATOM 803  H HB3  . ALA A 1 53 ? -4.748  1.253   -5.333  1.00 1.01 ? 53 ALA A HB3  1 
ATOM 804  N N    . LYS A 1 54 ? -4.372  0.043   -9.292  1.00 0.35 ? 54 LYS A N    1 
ATOM 805  C CA   . LYS A 1 54 ? -4.827  -0.505  -10.606 1.00 0.41 ? 54 LYS A CA   1 
ATOM 806  C C    . LYS A 1 54 ? -5.227  -1.982  -10.453 1.00 0.40 ? 54 LYS A C    1 
ATOM 807  O O    . LYS A 1 54 ? -4.828  -2.659  -9.528  1.00 0.42 ? 54 LYS A O    1 
ATOM 808  C CB   . LYS A 1 54 ? -3.693  -0.385  -11.625 1.00 0.56 ? 54 LYS A CB   1 
ATOM 809  C CG   . LYS A 1 54 ? -3.916  0.856   -12.493 1.00 1.26 ? 54 LYS A CG   1 
ATOM 810  C CD   . LYS A 1 54 ? -2.816  0.944   -13.552 1.00 1.72 ? 54 LYS A CD   1 
ATOM 811  C CE   . LYS A 1 54 ? -2.943  2.266   -14.312 1.00 2.32 ? 54 LYS A CE   1 
ATOM 812  N NZ   . LYS A 1 54 ? -1.749  2.455   -15.183 1.00 2.79 ? 54 LYS A NZ   1 
ATOM 813  H H    . LYS A 1 54 ? -3.632  -0.380  -8.819  1.00 0.42 ? 54 LYS A H    1 
ATOM 814  H HA   . LYS A 1 54 ? -5.679  0.061   -10.952 1.00 0.48 ? 54 LYS A HA   1 
ATOM 815  H HB2  . LYS A 1 54 ? -2.750  -0.297  -11.105 1.00 1.02 ? 54 LYS A HB2  1 
ATOM 816  H HB3  . LYS A 1 54 ? -3.678  -1.263  -12.253 1.00 0.94 ? 54 LYS A HB3  1 
ATOM 817  H HG2  . LYS A 1 54 ? -4.879  0.788   -12.977 1.00 1.88 ? 54 LYS A HG2  1 
ATOM 818  H HG3  . LYS A 1 54 ? -3.886  1.739   -11.872 1.00 1.81 ? 54 LYS A HG3  1 
ATOM 819  H HD2  . LYS A 1 54 ? -1.849  0.896   -13.071 1.00 2.14 ? 54 LYS A HD2  1 
ATOM 820  H HD3  . LYS A 1 54 ? -2.915  0.122   -14.243 1.00 2.23 ? 54 LYS A HD3  1 
ATOM 821  H HE2  . LYS A 1 54 ? -3.834  2.246   -14.920 1.00 2.71 ? 54 LYS A HE2  1 
ATOM 822  H HE3  . LYS A 1 54 ? -3.006  3.081   -13.607 1.00 2.80 ? 54 LYS A HE3  1 
ATOM 823  H HZ1  . LYS A 1 54 ? -0.885  2.277   -14.633 1.00 3.13 ? 54 LYS A HZ1  1 
ATOM 824  H HZ2  . LYS A 1 54 ? -1.793  1.789   -15.980 1.00 3.10 ? 54 LYS A HZ2  1 
ATOM 825  H HZ3  . LYS A 1 54 ? -1.736  3.431   -15.546 1.00 3.11 ? 54 LYS A HZ3  1 
ATOM 826  N N    . SER A 1 55 ? -6.027  -2.476  -11.354 1.00 0.45 ? 55 SER A N    1 
ATOM 827  C CA   . SER A 1 55 ? -6.484  -3.896  -11.272 1.00 0.54 ? 55 SER A CA   1 
ATOM 828  C C    . SER A 1 55 ? -5.305  -4.865  -11.092 1.00 0.42 ? 55 SER A C    1 
ATOM 829  O O    . SER A 1 55 ? -5.321  -5.711  -10.223 1.00 0.63 ? 55 SER A O    1 
ATOM 830  C CB   . SER A 1 55 ? -7.234  -4.255  -12.555 1.00 0.71 ? 55 SER A CB   1 
ATOM 831  O OG   . SER A 1 55 ? -7.896  -3.098  -13.050 1.00 1.48 ? 55 SER A OG   1 
ATOM 832  H H    . SER A 1 55 ? -6.343  -1.907  -12.087 1.00 0.47 ? 55 SER A H    1 
ATOM 833  H HA   . SER A 1 55 ? -7.156  -4.001  -10.433 1.00 0.77 ? 55 SER A HA   1 
ATOM 834  H HB2  . SER A 1 55 ? -6.536  -4.608  -13.295 1.00 1.17 ? 55 SER A HB2  1 
ATOM 835  H HB3  . SER A 1 55 ? -7.955  -5.033  -12.343 1.00 1.38 ? 55 SER A HB3  1 
ATOM 836  H HG   . SER A 1 55 ? -7.885  -3.138  -14.009 1.00 1.78 ? 55 SER A HG   1 
ATOM 837  N N    . SER A 1 56 ? -4.299  -4.779  -11.918 1.00 0.32 ? 56 SER A N    1 
ATOM 838  C CA   . SER A 1 56 ? -3.157  -5.735  -11.788 1.00 0.50 ? 56 SER A CA   1 
ATOM 839  C C    . SER A 1 56 ? -1.986  -5.084  -11.052 1.00 0.45 ? 56 SER A C    1 
ATOM 840  O O    . SER A 1 56 ? -0.849  -5.488  -11.199 1.00 0.67 ? 56 SER A O    1 
ATOM 841  C CB   . SER A 1 56 ? -2.697  -6.162  -13.182 1.00 0.70 ? 56 SER A CB   1 
ATOM 842  O OG   . SER A 1 56 ? -3.821  -6.211  -14.052 1.00 1.21 ? 56 SER A OG   1 
ATOM 843  H H    . SER A 1 56 ? -4.301  -4.109  -12.629 1.00 0.37 ? 56 SER A H    1 
ATOM 844  H HA   . SER A 1 56 ? -3.482  -6.606  -11.240 1.00 0.64 ? 56 SER A HA   1 
ATOM 845  H HB2  . SER A 1 56 ? -1.985  -5.449  -13.563 1.00 1.08 ? 56 SER A HB2  1 
ATOM 846  H HB3  . SER A 1 56 ? -2.232  -7.138  -13.123 1.00 1.18 ? 56 SER A HB3  1 
ATOM 847  H HG   . SER A 1 56 ? -3.499  -6.358  -14.944 1.00 1.49 ? 56 SER A HG   1 
ATOM 848  N N    . THR A 1 57 ? -2.241  -4.084  -10.262 1.00 0.29 ? 57 THR A N    1 
ATOM 849  C CA   . THR A 1 57 ? -1.118  -3.425  -9.535  1.00 0.25 ? 57 THR A CA   1 
ATOM 850  C C    . THR A 1 57 ? -1.680  -2.316  -8.659  1.00 0.24 ? 57 THR A C    1 
ATOM 851  O O    . THR A 1 57 ? -2.870  -2.212  -8.476  1.00 0.27 ? 57 THR A O    1 
ATOM 852  C CB   . THR A 1 57 ? -0.156  -2.818  -10.565 1.00 0.28 ? 57 THR A CB   1 
ATOM 853  O OG1  . THR A 1 57 ? 1.051   -2.420  -9.934  1.00 0.27 ? 57 THR A OG1  1 
ATOM 854  C CG2  . THR A 1 57 ? -0.814  -1.598  -11.205 1.00 0.32 ? 57 THR A CG2  1 
ATOM 855  H H    . THR A 1 57 ? -3.164  -3.761  -10.150 1.00 0.35 ? 57 THR A H    1 
ATOM 856  H HA   . THR A 1 57 ? -0.598  -4.145  -8.926  1.00 0.24 ? 57 THR A HA   1 
ATOM 857  H HB   . THR A 1 57 ? 0.060   -3.547  -11.331 1.00 0.30 ? 57 THR A HB   1 
ATOM 858  H HG1  . THR A 1 57 ? 1.583   -1.952  -10.581 1.00 0.56 ? 57 THR A HG1  1 
ATOM 859  H HG21 . THR A 1 57 ? -1.115  -0.905  -10.428 1.00 1.08 ? 57 THR A HG21 1 
ATOM 860  H HG22 . THR A 1 57 ? -0.111  -1.117  -11.868 1.00 1.07 ? 57 THR A HG22 1 
ATOM 861  H HG23 . THR A 1 57 ? -1.681  -1.914  -11.764 1.00 1.04 ? 57 THR A HG23 1 
ATOM 862  N N    . THR A 1 58 ? -0.841  -1.476  -8.132  1.00 0.22 ? 58 THR A N    1 
ATOM 863  C CA   . THR A 1 58 ? -1.350  -0.362  -7.302  1.00 0.23 ? 58 THR A CA   1 
ATOM 864  C C    . THR A 1 58 ? -0.178  0.452   -6.767  1.00 0.22 ? 58 THR A C    1 
ATOM 865  O O    . THR A 1 58 ? 0.917   -0.043  -6.608  1.00 0.28 ? 58 THR A O    1 
ATOM 866  C CB   . THR A 1 58 ? -2.171  -0.905  -6.129  1.00 0.26 ? 58 THR A CB   1 
ATOM 867  O OG1  . THR A 1 58 ? -2.898  0.159   -5.536  1.00 0.29 ? 58 THR A OG1  1 
ATOM 868  C CG2  . THR A 1 58 ? -1.236  -1.516  -5.091  1.00 0.26 ? 58 THR A CG2  1 
ATOM 869  H H    . THR A 1 58 ? 0.119   -1.567  -8.293  1.00 0.23 ? 58 THR A H    1 
ATOM 870  H HA   . THR A 1 58 ? -1.972  0.269   -7.917  1.00 0.26 ? 58 THR A HA   1 
ATOM 871  H HB   . THR A 1 58 ? -2.856  -1.659  -6.480  1.00 0.32 ? 58 THR A HB   1 
ATOM 872  H HG1  . THR A 1 58 ? -2.323  0.926   -5.495  1.00 0.80 ? 58 THR A HG1  1 
ATOM 873  H HG21 . THR A 1 58 ? -0.527  -0.771  -4.765  1.00 1.04 ? 58 THR A HG21 1 
ATOM 874  H HG22 . THR A 1 58 ? -1.815  -1.858  -4.244  1.00 1.07 ? 58 THR A HG22 1 
ATOM 875  H HG23 . THR A 1 58 ? -0.707  -2.349  -5.533  1.00 1.03 ? 58 THR A HG23 1 
ATOM 876  N N    . SER A 1 59 ? -0.409  1.697   -6.475  1.00 0.23 ? 59 SER A N    1 
ATOM 877  C CA   . SER A 1 59 ? 0.676   2.554   -5.933  1.00 0.21 ? 59 SER A CA   1 
ATOM 878  C C    . SER A 1 59 ? 0.025   3.703   -5.195  1.00 0.21 ? 59 SER A C    1 
ATOM 879  O O    . SER A 1 59 ? -1.014  4.191   -5.586  1.00 0.24 ? 59 SER A O    1 
ATOM 880  C CB   . SER A 1 59 ? 1.551   3.083   -7.070  1.00 0.24 ? 59 SER A CB   1 
ATOM 881  O OG   . SER A 1 59 ? 0.719   3.536   -8.130  1.00 1.02 ? 59 SER A OG   1 
ATOM 882  H H    . SER A 1 59 ? -1.309  2.070   -6.601  1.00 0.28 ? 59 SER A H    1 
ATOM 883  H HA   . SER A 1 59 ? 1.272   1.983   -5.236  1.00 0.20 ? 59 SER A HA   1 
ATOM 884  H HB2  . SER A 1 59 ? 2.151   3.904   -6.713  1.00 0.75 ? 59 SER A HB2  1 
ATOM 885  H HB3  . SER A 1 59 ? 2.200   2.292   -7.420  1.00 0.80 ? 59 SER A HB3  1 
ATOM 886  H HG   . SER A 1 59 ? -0.125  3.799   -7.755  1.00 1.19 ? 59 SER A HG   1 
ATOM 887  N N    . ILE A 1 60 ? 0.590   4.127   -4.114  1.00 0.19 ? 60 ILE A N    1 
ATOM 888  C CA   . ILE A 1 60 ? -0.070  5.212   -3.366  1.00 0.20 ? 60 ILE A CA   1 
ATOM 889  C C    . ILE A 1 60 ? 0.911   6.340   -3.066  1.00 0.24 ? 60 ILE A C    1 
ATOM 890  O O    . ILE A 1 60 ? 2.115   6.178   -3.111  1.00 0.48 ? 60 ILE A O    1 
ATOM 891  C CB   . ILE A 1 60 ? -0.713  4.609   -2.111  1.00 0.20 ? 60 ILE A CB   1 
ATOM 892  C CG1  . ILE A 1 60 ? 0.330   4.378   -1.017  1.00 0.23 ? 60 ILE A CG1  1 
ATOM 893  C CG2  . ILE A 1 60 ? -1.330  3.251   -2.486  1.00 0.22 ? 60 ILE A CG2  1 
ATOM 894  C CD1  . ILE A 1 60 ? -0.342  3.719   0.190   1.00 0.27 ? 60 ILE A CD1  1 
ATOM 895  H H    . ILE A 1 60 ? 1.418   3.719   -3.784  1.00 0.19 ? 60 ILE A H    1 
ATOM 896  H HA   . ILE A 1 60 ? -0.849  5.621   -3.997  1.00 0.23 ? 60 ILE A HA   1 
ATOM 897  H HB   . ILE A 1 60 ? -1.487  5.269   -1.746  1.00 0.22 ? 60 ILE A HB   1 
ATOM 898  H HG12 . ILE A 1 60 ? 1.109   3.727   -1.390  1.00 0.24 ? 60 ILE A HG12 1 
ATOM 899  H HG13 . ILE A 1 60 ? 0.754   5.323   -0.720  1.00 0.25 ? 60 ILE A HG13 1 
ATOM 900  H HG21 . ILE A 1 60 ? -0.611  2.672   -3.059  1.00 1.05 ? 60 ILE A HG21 1 
ATOM 901  H HG22 . ILE A 1 60 ? -1.585  2.714   -1.586  1.00 1.05 ? 60 ILE A HG22 1 
ATOM 902  H HG23 . ILE A 1 60 ? -2.224  3.404   -3.081  1.00 1.03 ? 60 ILE A HG23 1 
ATOM 903  H HD11 . ILE A 1 60 ? -1.167  4.331   0.523   1.00 1.01 ? 60 ILE A HD11 1 
ATOM 904  H HD12 . ILE A 1 60 ? -0.711  2.740   -0.089  1.00 1.07 ? 60 ILE A HD12 1 
ATOM 905  H HD13 . ILE A 1 60 ? 0.374   3.616   0.991   1.00 1.04 ? 60 ILE A HD13 1 
ATOM 906  N N    . PHE A 1 61 ? 0.379   7.509   -2.862  1.00 0.29 ? 61 PHE A N    1 
ATOM 907  C CA   . PHE A 1 61 ? 1.222   8.718   -2.671  1.00 0.36 ? 61 PHE A CA   1 
ATOM 908  C C    . PHE A 1 61 ? 1.348   9.162   -1.214  1.00 0.21 ? 61 PHE A C    1 
ATOM 909  O O    . PHE A 1 61 ? 0.511   8.882   -0.384  1.00 0.27 ? 61 PHE A O    1 
ATOM 910  C CB   . PHE A 1 61 ? 0.535   9.832   -3.433  1.00 0.65 ? 61 PHE A CB   1 
ATOM 911  C CG   . PHE A 1 61 ? 1.156   9.984   -4.776  1.00 0.34 ? 61 PHE A CG   1 
ATOM 912  C CD1  . PHE A 1 61 ? 1.301   8.870   -5.599  1.00 0.53 ? 61 PHE A CD1  1 
ATOM 913  C CD2  . PHE A 1 61 ? 1.574   11.239  -5.201  1.00 0.71 ? 61 PHE A CD2  1 
ATOM 914  C CE1  . PHE A 1 61 ? 1.867   9.009   -6.859  1.00 0.79 ? 61 PHE A CE1  1 
ATOM 915  C CE2  . PHE A 1 61 ? 2.144   11.392  -6.457  1.00 1.03 ? 61 PHE A CE2  1 
ATOM 916  C CZ   . PHE A 1 61 ? 2.295   10.275  -7.297  1.00 1.00 ? 61 PHE A CZ   1 
ATOM 917  H H    . PHE A 1 61 ? -0.593  7.606   -2.912  1.00 0.46 ? 61 PHE A H    1 
ATOM 918  H HA   . PHE A 1 61 ? 2.200   8.557   -3.092  1.00 0.47 ? 61 PHE A HA   1 
ATOM 919  H HB2  . PHE A 1 61 ? -0.506  9.585   -3.552  1.00 1.00 ? 61 PHE A HB2  1 
ATOM 920  H HB3  . PHE A 1 61 ? 0.624   10.750  -2.891  1.00 1.06 ? 61 PHE A HB3  1 
ATOM 921  H HD1  . PHE A 1 61 ? 0.975   7.900   -5.258  1.00 0.85 ? 61 PHE A HD1  1 
ATOM 922  H HD2  . PHE A 1 61 ? 1.457   12.095  -4.554  1.00 0.98 ? 61 PHE A HD2  1 
ATOM 923  H HE1  . PHE A 1 61 ? 1.973   8.142   -7.491  1.00 1.08 ? 61 PHE A HE1  1 
ATOM 924  H HE2  . PHE A 1 61 ? 2.464   12.368  -6.775  1.00 1.44 ? 61 PHE A HE2  1 
ATOM 925  H HZ   . PHE A 1 61 ? 2.737   10.389  -8.277  1.00 1.36 ? 61 PHE A HZ   1 
ATOM 926  N N    . PHE A 1 62 ? 2.390   9.916   -0.936  1.00 0.25 ? 62 PHE A N    1 
ATOM 927  C CA   . PHE A 1 62 ? 2.612   10.468  0.434   1.00 0.18 ? 62 PHE A CA   1 
ATOM 928  C C    . PHE A 1 62 ? 3.168   11.898  0.314   1.00 0.22 ? 62 PHE A C    1 
ATOM 929  O O    . PHE A 1 62 ? 4.116   12.229  0.995   1.00 0.25 ? 62 PHE A O    1 
ATOM 930  C CB   . PHE A 1 62 ? 3.678   9.673   1.187   1.00 0.27 ? 62 PHE A CB   1 
ATOM 931  C CG   . PHE A 1 62 ? 3.289   8.234   1.410   1.00 0.28 ? 62 PHE A CG   1 
ATOM 932  C CD1  . PHE A 1 62 ? 3.036   7.385   0.327   1.00 0.55 ? 62 PHE A CD1  1 
ATOM 933  C CD2  . PHE A 1 62 ? 3.216   7.742   2.718   1.00 0.63 ? 62 PHE A CD2  1 
ATOM 934  C CE1  . PHE A 1 62 ? 2.707   6.043   0.556   1.00 0.59 ? 62 PHE A CE1  1 
ATOM 935  C CE2  . PHE A 1 62 ? 2.885   6.405   2.947   1.00 0.71 ? 62 PHE A CE2  1 
ATOM 936  C CZ   . PHE A 1 62 ? 2.629   5.555   1.867   1.00 0.48 ? 62 PHE A CZ   1 
ATOM 937  H H    . PHE A 1 62 ? 3.018   10.147  -1.653  1.00 0.41 ? 62 PHE A H    1 
ATOM 938  H HA   . PHE A 1 62 ? 1.684   10.474  0.992   1.00 0.19 ? 62 PHE A HA   1 
ATOM 939  H HB2  . PHE A 1 62 ? 4.584   9.705   0.622   1.00 0.38 ? 62 PHE A HB2  1 
ATOM 940  H HB3  . PHE A 1 62 ? 3.849   10.142  2.144   1.00 0.35 ? 62 PHE A HB3  1 
ATOM 941  H HD1  . PHE A 1 62 ? 3.097   7.761   -0.681  1.00 0.90 ? 62 PHE A HD1  1 
ATOM 942  H HD2  . PHE A 1 62 ? 3.419   8.399   3.554   1.00 0.96 ? 62 PHE A HD2  1 
ATOM 943  H HE1  . PHE A 1 62 ? 2.515   5.386   -0.276  1.00 0.91 ? 62 PHE A HE1  1 
ATOM 944  H HE2  . PHE A 1 62 ? 2.828   6.029   3.957   1.00 1.08 ? 62 PHE A HE2  1 
ATOM 945  H HZ   . PHE A 1 62 ? 2.377   4.521   2.043   1.00 0.58 ? 62 PHE A HZ   1 
ATOM 946  N N    . PRO A 1 63 ? 2.579   12.707  -0.531  1.00 0.32 ? 63 PRO A N    1 
ATOM 947  C CA   . PRO A 1 63 ? 3.028   14.099  -0.720  1.00 0.39 ? 63 PRO A CA   1 
ATOM 948  C C    . PRO A 1 63 ? 2.853   14.880  0.579   1.00 0.32 ? 63 PRO A C    1 
ATOM 949  O O    . PRO A 1 63 ? 3.375   15.964  0.750   1.00 0.38 ? 63 PRO A O    1 
ATOM 950  C CB   . PRO A 1 63 ? 2.131   14.619  -1.849  1.00 0.54 ? 63 PRO A CB   1 
ATOM 951  C CG   . PRO A 1 63 ? 0.903   13.689  -1.863  1.00 0.55 ? 63 PRO A CG   1 
ATOM 952  C CD   . PRO A 1 63 ? 1.418   12.335  -1.350  1.00 0.44 ? 63 PRO A CD   1 
ATOM 953  H HA   . PRO A 1 63 ? 4.055   14.119  -1.032  1.00 0.45 ? 63 PRO A HA   1 
ATOM 954  H HB2  . PRO A 1 63 ? 1.831   15.640  -1.647  1.00 0.56 ? 63 PRO A HB2  1 
ATOM 955  H HB3  . PRO A 1 63 ? 2.645   14.558  -2.797  1.00 0.63 ? 63 PRO A HB3  1 
ATOM 956  H HG2  . PRO A 1 63 ? 0.139   14.074  -1.200  1.00 0.56 ? 63 PRO A HG2  1 
ATOM 957  H HG3  . PRO A 1 63 ? 0.521   13.582  -2.866  1.00 0.68 ? 63 PRO A HG3  1 
ATOM 958  H HD2  . PRO A 1 63 ? 0.666   11.832  -0.760  1.00 0.44 ? 63 PRO A HD2  1 
ATOM 959  H HD3  . PRO A 1 63 ? 1.740   11.722  -2.177  1.00 0.50 ? 63 PRO A HD3  1 
ATOM 960  N N    . SER A 1 64 ? 2.140   14.313  1.504   1.00 0.25 ? 64 SER A N    1 
ATOM 961  C CA   . SER A 1 64 ? 1.938   14.979  2.816   1.00 0.27 ? 64 SER A CA   1 
ATOM 962  C C    . SER A 1 64 ? 2.435   14.042  3.921   1.00 0.25 ? 64 SER A C    1 
ATOM 963  O O    . SER A 1 64 ? 1.756   13.816  4.903   1.00 0.31 ? 64 SER A O    1 
ATOM 964  C CB   . SER A 1 64 ? 0.449   15.266  3.024   1.00 0.37 ? 64 SER A CB   1 
ATOM 965  O OG   . SER A 1 64 ? 0.258   16.666  3.171   1.00 1.09 ? 64 SER A OG   1 
ATOM 966  H H    . SER A 1 64 ? 1.748   13.434  1.337   1.00 0.25 ? 64 SER A H    1 
ATOM 967  H HA   . SER A 1 64 ? 2.495   15.904  2.845   1.00 0.28 ? 64 SER A HA   1 
ATOM 968  H HB2  . SER A 1 64 ? -0.108  14.919  2.171   1.00 0.81 ? 64 SER A HB2  1 
ATOM 969  H HB3  . SER A 1 64 ? 0.104   14.748  3.911   1.00 0.83 ? 64 SER A HB3  1 
ATOM 970  H HG   . SER A 1 64 ? 0.580   17.095  2.376   1.00 1.43 ? 64 SER A HG   1 
ATOM 971  N N    . ALA A 1 65 ? 3.612   13.482  3.771   1.00 0.22 ? 65 ALA A N    1 
ATOM 972  C CA   . ALA A 1 65 ? 4.124   12.558  4.819   1.00 0.25 ? 65 ALA A CA   1 
ATOM 973  C C    . ALA A 1 65 ? 4.763   13.356  5.947   1.00 0.28 ? 65 ALA A C    1 
ATOM 974  O O    . ALA A 1 65 ? 5.438   14.345  5.722   1.00 0.30 ? 65 ALA A O    1 
ATOM 975  C CB   . ALA A 1 65 ? 5.168   11.615  4.229   1.00 0.30 ? 65 ALA A CB   1 
ATOM 976  H H    . ALA A 1 65 ? 4.152   13.666  2.972   1.00 0.24 ? 65 ALA A H    1 
ATOM 977  H HA   . ALA A 1 65 ? 3.303   11.978  5.214   1.00 0.29 ? 65 ALA A HA   1 
ATOM 978  H HB1  . ALA A 1 65 ? 5.859   12.176  3.618   1.00 1.05 ? 65 ALA A HB1  1 
ATOM 979  H HB2  . ALA A 1 65 ? 5.706   11.136  5.035   1.00 1.08 ? 65 ALA A HB2  1 
ATOM 980  H HB3  . ALA A 1 65 ? 4.678   10.865  3.628   1.00 1.04 ? 65 ALA A HB3  1 
ATOM 981  N N    . LYS A 1 66 ? 4.556   12.915  7.157   1.00 0.32 ? 66 LYS A N    1 
ATOM 982  C CA   . LYS A 1 66 ? 5.137   13.618  8.335   1.00 0.37 ? 66 LYS A CA   1 
ATOM 983  C C    . LYS A 1 66 ? 5.441   12.598  9.434   1.00 0.31 ? 66 LYS A C    1 
ATOM 984  O O    . LYS A 1 66 ? 5.117   11.434  9.320   1.00 0.30 ? 66 LYS A O    1 
ATOM 985  C CB   . LYS A 1 66 ? 4.135   14.647  8.861   1.00 0.47 ? 66 LYS A CB   1 
ATOM 986  C CG   . LYS A 1 66 ? 4.351   15.983  8.149   1.00 1.21 ? 66 LYS A CG   1 
ATOM 987  C CD   . LYS A 1 66 ? 3.138   16.886  8.381   1.00 1.54 ? 66 LYS A CD   1 
ATOM 988  C CE   . LYS A 1 66 ? 2.789   16.900  9.871   1.00 2.01 ? 66 LYS A CE   1 
ATOM 989  N NZ   . LYS A 1 66 ? 2.143   18.197  10.218  1.00 2.49 ? 66 LYS A NZ   1 
ATOM 990  H H    . LYS A 1 66 ? 4.018   12.107  7.289   1.00 0.33 ? 66 LYS A H    1 
ATOM 991  H HA   . LYS A 1 66 ? 6.046   14.114  8.047   1.00 0.47 ? 66 LYS A HA   1 
ATOM 992  H HB2  . LYS A 1 66 ? 3.130   14.298  8.675   1.00 1.07 ? 66 LYS A HB2  1 
ATOM 993  H HB3  . LYS A 1 66 ? 4.279   14.780  9.923   1.00 0.94 ? 66 LYS A HB3  1 
ATOM 994  H HG2  . LYS A 1 66 ? 5.237   16.462  8.541   1.00 1.81 ? 66 LYS A HG2  1 
ATOM 995  H HG3  . LYS A 1 66 ? 4.472   15.813  7.090   1.00 1.84 ? 66 LYS A HG3  1 
ATOM 996  H HD2  . LYS A 1 66 ? 3.368   17.891  8.055   1.00 1.98 ? 66 LYS A HD2  1 
ATOM 997  H HD3  . LYS A 1 66 ? 2.295   16.510  7.821   1.00 2.06 ? 66 LYS A HD3  1 
ATOM 998  H HE2  . LYS A 1 66 ? 2.110   16.090  10.089  1.00 2.47 ? 66 LYS A HE2  1 
ATOM 999  H HE3  . LYS A 1 66 ? 3.691   16.780  10.452  1.00 2.47 ? 66 LYS A HE3  1 
ATOM 1000 H HZ1  . LYS A 1 66 ? 1.365   18.386  9.555   1.00 2.78 ? 66 LYS A HZ1  1 
ATOM 1001 H HZ2  . LYS A 1 66 ? 1.768   18.148  11.188  1.00 2.83 ? 66 LYS A HZ2  1 
ATOM 1002 H HZ3  . LYS A 1 66 ? 2.843   18.962  10.155  1.00 2.91 ? 66 LYS A HZ3  1 
ATOM 1003 N N    . ARG A 1 67 ? 6.062   13.026  10.498  1.00 0.36 ? 67 ARG A N    1 
ATOM 1004 C CA   . ARG A 1 67 ? 6.389   12.078  11.601  1.00 0.38 ? 67 ARG A CA   1 
ATOM 1005 C C    . ARG A 1 67 ? 5.182   11.181  11.888  1.00 0.39 ? 67 ARG A C    1 
ATOM 1006 O O    . ARG A 1 67 ? 5.317   9.994   12.109  1.00 0.44 ? 67 ARG A O    1 
ATOM 1007 C CB   . ARG A 1 67 ? 6.747   12.868  12.861  1.00 0.43 ? 67 ARG A CB   1 
ATOM 1008 C CG   . ARG A 1 67 ? 7.019   11.897  14.012  1.00 1.54 ? 67 ARG A CG   1 
ATOM 1009 C CD   . ARG A 1 67 ? 6.755   12.598  15.345  1.00 2.04 ? 67 ARG A CD   1 
ATOM 1010 N NE   . ARG A 1 67 ? 7.948   12.449  16.227  1.00 2.73 ? 67 ARG A NE   1 
ATOM 1011 C CZ   . ARG A 1 67 ? 8.154   13.299  17.196  1.00 3.38 ? 67 ARG A CZ   1 
ATOM 1012 N NH1  . ARG A 1 67 ? 7.191   14.086  17.591  1.00 4.08 ? 67 ARG A NH1  1 
ATOM 1013 N NH2  . ARG A 1 67 ? 9.325   13.360  17.771  1.00 3.80 ? 67 ARG A NH2  1 
ATOM 1014 H H    . ARG A 1 67 ? 6.316   13.969  10.572  1.00 0.43 ? 67 ARG A H    1 
ATOM 1015 H HA   . ARG A 1 67 ? 7.229   11.467  11.312  1.00 0.43 ? 67 ARG A HA   1 
ATOM 1016 H HB2  . ARG A 1 67 ? 7.630   13.462  12.673  1.00 1.14 ? 67 ARG A HB2  1 
ATOM 1017 H HB3  . ARG A 1 67 ? 5.926   13.517  13.125  1.00 1.01 ? 67 ARG A HB3  1 
ATOM 1018 H HG2  . ARG A 1 67 ? 6.368   11.039  13.920  1.00 2.12 ? 67 ARG A HG2  1 
ATOM 1019 H HG3  . ARG A 1 67 ? 8.048   11.575  13.975  1.00 2.22 ? 67 ARG A HG3  1 
ATOM 1020 H HD2  . ARG A 1 67 ? 6.565   13.647  15.170  1.00 2.33 ? 67 ARG A HD2  1 
ATOM 1021 H HD3  . ARG A 1 67 ? 5.896   12.152  15.824  1.00 2.42 ? 67 ARG A HD3  1 
ATOM 1022 H HE   . ARG A 1 67 ? 8.578   11.714  16.078  1.00 3.12 ? 67 ARG A HE   1 
ATOM 1023 H HH11 . ARG A 1 67 ? 6.295   14.040  17.150  1.00 4.24 ? 67 ARG A HH11 1 
ATOM 1024 H HH12 . ARG A 1 67 ? 7.351   14.736  18.333  1.00 4.72 ? 67 ARG A HH12 1 
ATOM 1025 H HH21 . ARG A 1 67 ? 10.063  12.758  17.467  1.00 3.74 ? 67 ARG A HH21 1 
ATOM 1026 H HH22 . ARG A 1 67 ? 9.483   14.010  18.513  1.00 4.49 ? 67 ARG A HH22 1 
ATOM 1027 N N    . ALA A 1 68 ? 4.002   11.739  11.895  1.00 0.41 ? 68 ALA A N    1 
ATOM 1028 C CA   . ALA A 1 68 ? 2.791   10.925  12.175  1.00 0.50 ? 68 ALA A CA   1 
ATOM 1029 C C    . ALA A 1 68 ? 2.683   9.777   11.168  1.00 0.45 ? 68 ALA A C    1 
ATOM 1030 O O    . ALA A 1 68 ? 2.395   8.651   11.525  1.00 0.50 ? 68 ALA A O    1 
ATOM 1031 C CB   . ALA A 1 68 ? 1.547   11.809  12.069  1.00 0.61 ? 68 ALA A CB   1 
ATOM 1032 H H    . ALA A 1 68 ? 3.914   12.696  11.724  1.00 0.42 ? 68 ALA A H    1 
ATOM 1033 H HA   . ALA A 1 68 ? 2.860   10.526  13.171  1.00 0.57 ? 68 ALA A HA   1 
ATOM 1034 H HB1  . ALA A 1 68 ? 1.658   12.666  12.718  1.00 1.19 ? 68 ALA A HB1  1 
ATOM 1035 H HB2  . ALA A 1 68 ? 1.430   12.143  11.050  1.00 1.04 ? 68 ALA A HB2  1 
ATOM 1036 H HB3  . ALA A 1 68 ? 0.677   11.244  12.366  1.00 1.32 ? 68 ALA A HB3  1 
ATOM 1037 N N    . ASP A 1 69 ? 2.904   10.051  9.912   1.00 0.40 ? 69 ASP A N    1 
ATOM 1038 C CA   . ASP A 1 69 ? 2.805   8.975   8.883   1.00 0.39 ? 69 ASP A CA   1 
ATOM 1039 C C    . ASP A 1 69 ? 3.523   7.718   9.378   1.00 0.34 ? 69 ASP A C    1 
ATOM 1040 O O    . ASP A 1 69 ? 3.216   6.616   8.969   1.00 0.37 ? 69 ASP A O    1 
ATOM 1041 C CB   . ASP A 1 69 ? 3.453   9.454   7.582   1.00 0.45 ? 69 ASP A CB   1 
ATOM 1042 C CG   . ASP A 1 69 ? 2.368   9.936   6.619   1.00 0.95 ? 69 ASP A CG   1 
ATOM 1043 O OD1  . ASP A 1 69 ? 1.464   10.620  7.069   1.00 1.65 ? 69 ASP A OD1  1 
ATOM 1044 O OD2  . ASP A 1 69 ? 2.457   9.613   5.445   1.00 1.67 ? 69 ASP A OD2  1 
ATOM 1045 H H    . ASP A 1 69 ? 3.131   10.967  9.642   1.00 0.40 ? 69 ASP A H    1 
ATOM 1046 H HA   . ASP A 1 69 ? 1.765   8.748   8.702   1.00 0.44 ? 69 ASP A HA   1 
ATOM 1047 H HB2  . ASP A 1 69 ? 4.133   10.265  7.797   1.00 0.79 ? 69 ASP A HB2  1 
ATOM 1048 H HB3  . ASP A 1 69 ? 3.997   8.638   7.130   1.00 0.88 ? 69 ASP A HB3  1 
ATOM 1049 N N    . SER A 1 70 ? 4.479   7.873   10.253  1.00 0.33 ? 70 SER A N    1 
ATOM 1050 C CA   . SER A 1 70 ? 5.218   6.685   10.770  1.00 0.33 ? 70 SER A CA   1 
ATOM 1051 C C    . SER A 1 70 ? 4.228   5.582   11.154  1.00 0.30 ? 70 SER A C    1 
ATOM 1052 O O    . SER A 1 70 ? 3.729   5.539   12.261  1.00 0.33 ? 70 SER A O    1 
ATOM 1053 C CB   . SER A 1 70 ? 6.030   7.088   12.002  1.00 0.40 ? 70 SER A CB   1 
ATOM 1054 O OG   . SER A 1 70 ? 5.161   7.199   13.122  1.00 1.39 ? 70 SER A OG   1 
ATOM 1055 H H    . SER A 1 70 ? 4.712   8.772   10.568  1.00 0.37 ? 70 SER A H    1 
ATOM 1056 H HA   . SER A 1 70 ? 5.886   6.318   10.006  1.00 0.36 ? 70 SER A HA   1 
ATOM 1057 H HB2  . SER A 1 70 ? 6.775   6.336   12.206  1.00 1.08 ? 70 SER A HB2  1 
ATOM 1058 H HB3  . SER A 1 70 ? 6.518   8.035   11.816  1.00 1.03 ? 70 SER A HB3  1 
ATOM 1059 H HG   . SER A 1 70 ? 5.654   6.946   13.906  1.00 1.72 ? 70 SER A HG   1 
ATOM 1060 N N    . GLY A 1 71 ? 3.942   4.685   10.248  1.00 0.30 ? 71 GLY A N    1 
ATOM 1061 C CA   . GLY A 1 71 ? 2.988   3.582   10.562  1.00 0.32 ? 71 GLY A CA   1 
ATOM 1062 C C    . GLY A 1 71 ? 3.324   2.353   9.713   1.00 0.31 ? 71 GLY A C    1 
ATOM 1063 O O    . GLY A 1 71 ? 4.234   2.372   8.904   1.00 0.37 ? 71 GLY A O    1 
ATOM 1064 H H    . GLY A 1 71 ? 4.354   4.735   9.361   1.00 0.32 ? 71 GLY A H    1 
ATOM 1065 H HA2  . GLY A 1 71 ? 3.064   3.330   11.610  1.00 0.36 ? 71 GLY A HA2  1 
ATOM 1066 H HA3  . GLY A 1 71 ? 1.981   3.904   10.342  1.00 0.35 ? 71 GLY A HA3  1 
ATOM 1067 N N    . ASN A 1 72 ? 2.593   1.284   9.884   1.00 0.29 ? 72 ASN A N    1 
ATOM 1068 C CA   . ASN A 1 72 ? 2.869   0.062   9.082   1.00 0.31 ? 72 ASN A CA   1 
ATOM 1069 C C    . ASN A 1 72 ? 1.884   0.006   7.918   1.00 0.29 ? 72 ASN A C    1 
ATOM 1070 O O    . ASN A 1 72 ? 0.779   -0.473  8.050   1.00 0.35 ? 72 ASN A O    1 
ATOM 1071 C CB   . ASN A 1 72 ? 2.697   -1.178  9.962   1.00 0.36 ? 72 ASN A CB   1 
ATOM 1072 C CG   . ASN A 1 72 ? 3.937   -1.355  10.841  1.00 1.15 ? 72 ASN A CG   1 
ATOM 1073 O OD1  . ASN A 1 72 ? 4.822   -0.523  10.837  1.00 1.95 ? 72 ASN A OD1  1 
ATOM 1074 N ND2  . ASN A 1 72 ? 4.040   -2.412  11.599  1.00 1.80 ? 72 ASN A ND2  1 
ATOM 1075 H H    . ASN A 1 72 ? 1.860   1.287   10.534  1.00 0.30 ? 72 ASN A H    1 
ATOM 1076 H HA   . ASN A 1 72 ? 3.879   0.100   8.701   1.00 0.31 ? 72 ASN A HA   1 
ATOM 1077 H HB2  . ASN A 1 72 ? 1.825   -1.057  10.588  1.00 0.84 ? 72 ASN A HB2  1 
ATOM 1078 H HB3  . ASN A 1 72 ? 2.575   -2.049  9.337   1.00 0.87 ? 72 ASN A HB3  1 
ATOM 1079 H HD21 . ASN A 1 72 ? 3.326   -3.083  11.602  1.00 2.10 ? 72 ASN A HD21 1 
ATOM 1080 H HD22 . ASN A 1 72 ? 4.829   -2.534  12.166  1.00 2.40 ? 72 ASN A HD22 1 
ATOM 1081 N N    . TYR A 1 73 ? 2.275   0.497   6.778   1.00 0.25 ? 73 TYR A N    1 
ATOM 1082 C CA   . TYR A 1 73 ? 1.358   0.479   5.609   1.00 0.26 ? 73 TYR A CA   1 
ATOM 1083 C C    . TYR A 1 73 ? 1.207   -0.960  5.118   1.00 0.27 ? 73 TYR A C    1 
ATOM 1084 O O    . TYR A 1 73 ? 2.018   -1.463  4.370   1.00 0.37 ? 73 TYR A O    1 
ATOM 1085 C CB   . TYR A 1 73 ? 1.929   1.373   4.504   1.00 0.27 ? 73 TYR A CB   1 
ATOM 1086 C CG   . TYR A 1 73 ? 1.582   2.810   4.820   1.00 0.30 ? 73 TYR A CG   1 
ATOM 1087 C CD1  . TYR A 1 73 ? 1.715   3.285   6.131   1.00 0.77 ? 73 TYR A CD1  1 
ATOM 1088 C CD2  . TYR A 1 73 ? 1.105   3.661   3.815   1.00 0.68 ? 73 TYR A CD2  1 
ATOM 1089 C CE1  . TYR A 1 73 ? 1.378   4.605   6.438   1.00 0.80 ? 73 TYR A CE1  1 
ATOM 1090 C CE2  . TYR A 1 73 ? 0.761   4.985   4.126   1.00 0.70 ? 73 TYR A CE2  1 
ATOM 1091 C CZ   . TYR A 1 73 ? 0.898   5.455   5.437   1.00 0.41 ? 73 TYR A CZ   1 
ATOM 1092 O OH   . TYR A 1 73 ? 0.559   6.757   5.746   1.00 0.48 ? 73 TYR A OH   1 
ATOM 1093 H H    . TYR A 1 73 ? 3.172   0.881   6.690   1.00 0.25 ? 73 TYR A H    1 
ATOM 1094 H HA   . TYR A 1 73 ? 0.391   0.855   5.909   1.00 0.27 ? 73 TYR A HA   1 
ATOM 1095 H HB2  . TYR A 1 73 ? 3.003   1.258   4.462   1.00 0.28 ? 73 TYR A HB2  1 
ATOM 1096 H HB3  . TYR A 1 73 ? 1.496   1.097   3.553   1.00 0.30 ? 73 TYR A HB3  1 
ATOM 1097 H HD1  . TYR A 1 73 ? 2.085   2.635   6.906   1.00 1.25 ? 73 TYR A HD1  1 
ATOM 1098 H HD2  . TYR A 1 73 ? 1.000   3.301   2.802   1.00 1.14 ? 73 TYR A HD2  1 
ATOM 1099 H HE1  . TYR A 1 73 ? 1.483   4.966   7.449   1.00 1.27 ? 73 TYR A HE1  1 
ATOM 1100 H HE2  . TYR A 1 73 ? 0.388   5.642   3.356   1.00 1.17 ? 73 TYR A HE2  1 
ATOM 1101 H HH   . TYR A 1 73 ? 1.059   7.017   6.523   1.00 0.61 ? 73 TYR A HH   1 
ATOM 1102 N N    . LYS A 1 74 ? 0.167   -1.625  5.544   1.00 0.25 ? 74 LYS A N    1 
ATOM 1103 C CA   . LYS A 1 74 ? -0.048  -3.036  5.116   1.00 0.27 ? 74 LYS A CA   1 
ATOM 1104 C C    . LYS A 1 74 ? -1.129  -3.068  4.044   1.00 0.25 ? 74 LYS A C    1 
ATOM 1105 O O    . LYS A 1 74 ? -2.248  -2.659  4.272   1.00 0.47 ? 74 LYS A O    1 
ATOM 1106 C CB   . LYS A 1 74 ? -0.497  -3.872  6.317   1.00 0.31 ? 74 LYS A CB   1 
ATOM 1107 C CG   . LYS A 1 74 ? 0.187   -5.240  6.271   1.00 0.99 ? 74 LYS A CG   1 
ATOM 1108 C CD   . LYS A 1 74 ? -0.802  -6.321  6.714   1.00 1.17 ? 74 LYS A CD   1 
ATOM 1109 C CE   . LYS A 1 74 ? -0.423  -6.820  8.110   1.00 1.82 ? 74 LYS A CE   1 
ATOM 1110 N NZ   . LYS A 1 74 ? 0.273   -8.132  7.998   1.00 2.16 ? 74 LYS A NZ   1 
ATOM 1111 H H    . LYS A 1 74 ? -0.477  -1.192  6.146   1.00 0.29 ? 74 LYS A H    1 
ATOM 1112 H HA   . LYS A 1 74 ? 0.872   -3.438  4.717   1.00 0.29 ? 74 LYS A HA   1 
ATOM 1113 H HB2  . LYS A 1 74 ? -0.226  -3.364  7.231   1.00 0.70 ? 74 LYS A HB2  1 
ATOM 1114 H HB3  . LYS A 1 74 ? -1.567  -4.006  6.282   1.00 0.74 ? 74 LYS A HB3  1 
ATOM 1115 H HG2  . LYS A 1 74 ? 0.517   -5.445  5.263   1.00 1.61 ? 74 LYS A HG2  1 
ATOM 1116 H HG3  . LYS A 1 74 ? 1.038   -5.240  6.936   1.00 1.70 ? 74 LYS A HG3  1 
ATOM 1117 H HD2  . LYS A 1 74 ? -1.800  -5.907  6.737   1.00 1.71 ? 74 LYS A HD2  1 
ATOM 1118 H HD3  . LYS A 1 74 ? -0.770  -7.146  6.018   1.00 1.71 ? 74 LYS A HD3  1 
ATOM 1119 H HE2  . LYS A 1 74 ? 0.233   -6.103  8.583   1.00 2.36 ? 74 LYS A HE2  1 
ATOM 1120 H HE3  . LYS A 1 74 ? -1.316  -6.936  8.706   1.00 2.43 ? 74 LYS A HE3  1 
ATOM 1121 H HZ1  . LYS A 1 74 ? 0.753   -8.191  7.076   1.00 2.57 ? 74 LYS A HZ1  1 
ATOM 1122 H HZ2  . LYS A 1 74 ? 0.973   -8.220  8.760   1.00 2.48 ? 74 LYS A HZ2  1 
ATOM 1123 H HZ3  . LYS A 1 74 ? -0.421  -8.901  8.077   1.00 2.49 ? 74 LYS A HZ3  1 
ATOM 1124 N N    . LEU A 1 75 ? -0.808  -3.541  2.875   1.00 0.24 ? 75 LEU A N    1 
ATOM 1125 C CA   . LEU A 1 75 ? -1.828  -3.581  1.795   1.00 0.24 ? 75 LEU A CA   1 
ATOM 1126 C C    . LEU A 1 75 ? -2.246  -5.030  1.536   1.00 0.25 ? 75 LEU A C    1 
ATOM 1127 O O    . LEU A 1 75 ? -1.441  -5.937  1.585   1.00 0.28 ? 75 LEU A O    1 
ATOM 1128 C CB   . LEU A 1 75 ? -1.228  -2.952  0.532   1.00 0.30 ? 75 LEU A CB   1 
ATOM 1129 C CG   . LEU A 1 75 ? -1.973  -3.422  -0.716  1.00 0.24 ? 75 LEU A CG   1 
ATOM 1130 C CD1  . LEU A 1 75 ? -2.378  -2.216  -1.560  1.00 0.23 ? 75 LEU A CD1  1 
ATOM 1131 C CD2  . LEU A 1 75 ? -1.048  -4.320  -1.534  1.00 0.26 ? 75 LEU A CD2  1 
ATOM 1132 H H    . LEU A 1 75 ? 0.104   -3.865  2.705   1.00 0.43 ? 75 LEU A H    1 
ATOM 1133 H HA   . LEU A 1 75 ? -2.693  -3.010  2.100   1.00 0.25 ? 75 LEU A HA   1 
ATOM 1134 H HB2  . LEU A 1 75 ? -1.304  -1.883  0.604   1.00 0.37 ? 75 LEU A HB2  1 
ATOM 1135 H HB3  . LEU A 1 75 ? -0.189  -3.232  0.453   1.00 0.38 ? 75 LEU A HB3  1 
ATOM 1136 H HG   . LEU A 1 75 ? -2.854  -3.967  -0.425  1.00 0.25 ? 75 LEU A HG   1 
ATOM 1137 H HD11 . LEU A 1 75 ? -2.738  -1.429  -0.915  1.00 1.06 ? 75 LEU A HD11 1 
ATOM 1138 H HD12 . LEU A 1 75 ? -1.522  -1.864  -2.117  1.00 1.06 ? 75 LEU A HD12 1 
ATOM 1139 H HD13 . LEU A 1 75 ? -3.160  -2.503  -2.247  1.00 1.01 ? 75 LEU A HD13 1 
ATOM 1140 H HD21 . LEU A 1 75 ? -0.031  -3.964  -1.437  1.00 0.98 ? 75 LEU A HD21 1 
ATOM 1141 H HD22 . LEU A 1 75 ? -1.113  -5.334  -1.168  1.00 0.96 ? 75 LEU A HD22 1 
ATOM 1142 H HD23 . LEU A 1 75 ? -1.344  -4.290  -2.573  1.00 1.05 ? 75 LEU A HD23 1 
ATOM 1143 N N    . LYS A 1 76 ? -3.503  -5.252  1.267   1.00 0.25 ? 76 LYS A N    1 
ATOM 1144 C CA   . LYS A 1 76 ? -3.978  -6.642  1.010   1.00 0.29 ? 76 LYS A CA   1 
ATOM 1145 C C    . LYS A 1 76 ? -4.897  -6.641  -0.211  1.00 0.28 ? 76 LYS A C    1 
ATOM 1146 O O    . LYS A 1 76 ? -5.930  -6.005  -0.216  1.00 0.33 ? 76 LYS A O    1 
ATOM 1147 C CB   . LYS A 1 76 ? -4.749  -7.152  2.229   1.00 0.35 ? 76 LYS A CB   1 
ATOM 1148 C CG   . LYS A 1 76 ? -3.763  -7.674  3.276   1.00 1.42 ? 76 LYS A CG   1 
ATOM 1149 C CD   . LYS A 1 76 ? -4.511  -8.521  4.307   1.00 1.78 ? 76 LYS A CD   1 
ATOM 1150 C CE   . LYS A 1 76 ? -5.582  -7.670  4.993   1.00 2.17 ? 76 LYS A CE   1 
ATOM 1151 N NZ   . LYS A 1 76 ? -6.681  -8.552  5.478   1.00 2.64 ? 76 LYS A NZ   1 
ATOM 1152 H H    . LYS A 1 76 ? -4.138  -4.502  1.237   1.00 0.26 ? 76 LYS A H    1 
ATOM 1153 H HA   . LYS A 1 76 ? -3.129  -7.284  0.823   1.00 0.31 ? 76 LYS A HA   1 
ATOM 1154 H HB2  . LYS A 1 76 ? -5.330  -6.344  2.649   1.00 1.05 ? 76 LYS A HB2  1 
ATOM 1155 H HB3  . LYS A 1 76 ? -5.408  -7.953  1.928   1.00 1.10 ? 76 LYS A HB3  1 
ATOM 1156 H HG2  . LYS A 1 76 ? -3.011  -8.278  2.790   1.00 2.07 ? 76 LYS A HG2  1 
ATOM 1157 H HG3  . LYS A 1 76 ? -3.290  -6.840  3.774   1.00 2.10 ? 76 LYS A HG3  1 
ATOM 1158 H HD2  . LYS A 1 76 ? -4.979  -9.360  3.811   1.00 2.26 ? 76 LYS A HD2  1 
ATOM 1159 H HD3  . LYS A 1 76 ? -3.815  -8.885  5.048   1.00 2.23 ? 76 LYS A HD3  1 
ATOM 1160 H HE2  . LYS A 1 76 ? -5.144  -7.148  5.830   1.00 2.65 ? 76 LYS A HE2  1 
ATOM 1161 H HE3  . LYS A 1 76 ? -5.979  -6.954  4.289   1.00 2.47 ? 76 LYS A HE3  1 
ATOM 1162 H HZ1  . LYS A 1 76 ? -6.548  -9.512  5.100   1.00 3.02 ? 76 LYS A HZ1  1 
ATOM 1163 H HZ2  . LYS A 1 76 ? -6.670  -8.582  6.516   1.00 2.94 ? 76 LYS A HZ2  1 
ATOM 1164 H HZ3  . LYS A 1 76 ? -7.595  -8.176  5.154   1.00 2.93 ? 76 LYS A HZ3  1 
ATOM 1165 N N    . VAL A 1 77 ? -4.535  -7.347  -1.247  1.00 0.26 ? 77 VAL A N    1 
ATOM 1166 C CA   . VAL A 1 77 ? -5.402  -7.370  -2.459  1.00 0.27 ? 77 VAL A CA   1 
ATOM 1167 C C    . VAL A 1 77 ? -6.008  -8.767  -2.626  1.00 0.33 ? 77 VAL A C    1 
ATOM 1168 O O    . VAL A 1 77 ? -5.574  -9.717  -2.009  1.00 0.57 ? 77 VAL A O    1 
ATOM 1169 C CB   . VAL A 1 77 ? -4.569  -6.980  -3.694  1.00 0.27 ? 77 VAL A CB   1 
ATOM 1170 C CG1  . VAL A 1 77 ? -3.494  -5.972  -3.282  1.00 0.30 ? 77 VAL A CG1  1 
ATOM 1171 C CG2  . VAL A 1 77 ? -3.884  -8.211  -4.300  1.00 0.32 ? 77 VAL A CG2  1 
ATOM 1172 H H    . VAL A 1 77 ? -3.698  -7.860  -1.228  1.00 0.29 ? 77 VAL A H    1 
ATOM 1173 H HA   . VAL A 1 77 ? -6.201  -6.655  -2.331  1.00 0.27 ? 77 VAL A HA   1 
ATOM 1174 H HB   . VAL A 1 77 ? -5.217  -6.528  -4.430  1.00 0.28 ? 77 VAL A HB   1 
ATOM 1175 H HG11 . VAL A 1 77 ? -3.845  -5.393  -2.441  1.00 1.12 ? 77 VAL A HG11 1 
ATOM 1176 H HG12 . VAL A 1 77 ? -2.592  -6.499  -3.005  1.00 1.06 ? 77 VAL A HG12 1 
ATOM 1177 H HG13 . VAL A 1 77 ? -3.283  -5.313  -4.111  1.00 1.01 ? 77 VAL A HG13 1 
ATOM 1178 H HG21 . VAL A 1 77 ? -4.621  -8.977  -4.491  1.00 1.09 ? 77 VAL A HG21 1 
ATOM 1179 H HG22 . VAL A 1 77 ? -3.410  -7.931  -5.230  1.00 1.02 ? 77 VAL A HG22 1 
ATOM 1180 H HG23 . VAL A 1 77 ? -3.138  -8.588  -3.614  1.00 1.11 ? 77 VAL A HG23 1 
ATOM 1181 N N    . LYS A 1 78 ? -7.014  -8.898  -3.447  1.00 0.30 ? 78 LYS A N    1 
ATOM 1182 C CA   . LYS A 1 78 ? -7.645  -10.236 -3.641  1.00 0.35 ? 78 LYS A CA   1 
ATOM 1183 C C    . LYS A 1 78 ? -8.378  -10.269 -4.983  1.00 0.36 ? 78 LYS A C    1 
ATOM 1184 O O    . LYS A 1 78 ? -8.314  -9.337  -5.758  1.00 0.51 ? 78 LYS A O    1 
ATOM 1185 C CB   . LYS A 1 78 ? -8.642  -10.514 -2.507  1.00 0.42 ? 78 LYS A CB   1 
ATOM 1186 C CG   . LYS A 1 78 ? -9.145  -9.196  -1.911  1.00 1.43 ? 78 LYS A CG   1 
ATOM 1187 C CD   . LYS A 1 78 ? -9.870  -9.475  -0.592  1.00 1.72 ? 78 LYS A CD   1 
ATOM 1188 C CE   . LYS A 1 78 ? -11.104 -10.339 -0.857  1.00 2.30 ? 78 LYS A CE   1 
ATOM 1189 N NZ   . LYS A 1 78 ? -12.089 -10.150 0.245   1.00 2.69 ? 78 LYS A NZ   1 
ATOM 1190 H H    . LYS A 1 78 ? -7.358  -8.117  -3.932  1.00 0.43 ? 78 LYS A H    1 
ATOM 1191 H HA   . LYS A 1 78 ? -6.877  -10.996 -3.636  1.00 0.40 ? 78 LYS A HA   1 
ATOM 1192 H HB2  . LYS A 1 78 ? -9.478  -11.074 -2.897  1.00 1.20 ? 78 LYS A HB2  1 
ATOM 1193 H HB3  . LYS A 1 78 ? -8.152  -11.091 -1.735  1.00 1.07 ? 78 LYS A HB3  1 
ATOM 1194 H HG2  . LYS A 1 78 ? -8.307  -8.540  -1.727  1.00 2.10 ? 78 LYS A HG2  1 
ATOM 1195 H HG3  . LYS A 1 78 ? -9.827  -8.725  -2.602  1.00 2.12 ? 78 LYS A HG3  1 
ATOM 1196 H HD2  . LYS A 1 78 ? -9.203  -9.994  0.081   1.00 2.17 ? 78 LYS A HD2  1 
ATOM 1197 H HD3  . LYS A 1 78 ? -10.176 -8.541  -0.145  1.00 2.04 ? 78 LYS A HD3  1 
ATOM 1198 H HE2  . LYS A 1 78 ? -11.553 -10.048 -1.795  1.00 2.76 ? 78 LYS A HE2  1 
ATOM 1199 H HE3  . LYS A 1 78 ? -10.812 -11.378 -0.904  1.00 2.77 ? 78 LYS A HE3  1 
ATOM 1200 H HZ1  . LYS A 1 78 ? -11.770 -9.379  0.867   1.00 2.81 ? 78 LYS A HZ1  1 
ATOM 1201 H HZ2  . LYS A 1 78 ? -13.018 -9.910  -0.157  1.00 3.14 ? 78 LYS A HZ2  1 
ATOM 1202 H HZ3  . LYS A 1 78 ? -12.169 -11.029 0.794   1.00 3.04 ? 78 LYS A HZ3  1 
ATOM 1203 N N    . ASN A 1 79 ? -9.075  -11.337 -5.266  1.00 0.37 ? 79 ASN A N    1 
ATOM 1204 C CA   . ASN A 1 79 ? -9.807  -11.421 -6.561  1.00 0.43 ? 79 ASN A CA   1 
ATOM 1205 C C    . ASN A 1 79 ? -10.614 -12.721 -6.623  1.00 0.47 ? 79 ASN A C    1 
ATOM 1206 O O    . ASN A 1 79 ? -10.142 -13.731 -7.101  1.00 0.85 ? 79 ASN A O    1 
ATOM 1207 C CB   . ASN A 1 79 ? -8.803  -11.390 -7.716  1.00 0.59 ? 79 ASN A CB   1 
ATOM 1208 C CG   . ASN A 1 79 ? -9.535  -11.056 -9.017  1.00 1.08 ? 79 ASN A CG   1 
ATOM 1209 O OD1  . ASN A 1 79 ? -9.290  -10.028 -9.618  1.00 1.95 ? 79 ASN A OD1  1 
ATOM 1210 N ND2  . ASN A 1 79 ? -10.428 -11.885 -9.482  1.00 1.77 ? 79 ASN A ND2  1 
ATOM 1211 H H    . ASN A 1 79 ? -9.114  -12.082 -4.631  1.00 0.45 ? 79 ASN A H    1 
ATOM 1212 H HA   . ASN A 1 79 ? -10.478 -10.579 -6.648  1.00 0.50 ? 79 ASN A HA   1 
ATOM 1213 H HB2  . ASN A 1 79 ? -8.053  -10.638 -7.519  1.00 1.28 ? 79 ASN A HB2  1 
ATOM 1214 H HB3  . ASN A 1 79 ? -8.332  -12.356 -7.809  1.00 1.20 ? 79 ASN A HB3  1 
ATOM 1215 H HD21 . ASN A 1 79 ? -10.626 -12.714 -8.996  1.00 2.09 ? 79 ASN A HD21 1 
ATOM 1216 H HD22 . ASN A 1 79 ? -10.902 -11.680 -10.313 1.00 2.42 ? 79 ASN A HD22 1 
ATOM 1217 N N    . GLU A 1 80 ? -11.831 -12.693 -6.152  1.00 0.78 ? 80 GLU A N    1 
ATOM 1218 C CA   . GLU A 1 80 ? -12.689 -13.913 -6.188  1.00 0.88 ? 80 GLU A CA   1 
ATOM 1219 C C    . GLU A 1 80 ? -12.095 -15.011 -5.289  1.00 0.95 ? 80 GLU A C    1 
ATOM 1220 O O    . GLU A 1 80 ? -12.501 -15.171 -4.156  1.00 1.64 ? 80 GLU A O    1 
ATOM 1221 C CB   . GLU A 1 80 ? -12.810 -14.407 -7.632  1.00 1.06 ? 80 GLU A CB   1 
ATOM 1222 C CG   . GLU A 1 80 ? -14.143 -15.134 -7.813  1.00 1.76 ? 80 GLU A CG   1 
ATOM 1223 C CD   . GLU A 1 80 ? -14.546 -15.102 -9.288  1.00 2.23 ? 80 GLU A CD   1 
ATOM 1224 O OE1  . GLU A 1 80 ? -14.913 -14.038 -9.759  1.00 2.72 ? 80 GLU A OE1  1 
ATOM 1225 O OE2  . GLU A 1 80 ? -14.479 -16.142 -9.922  1.00 2.78 ? 80 GLU A OE2  1 
ATOM 1226 H H    . GLU A 1 80 ? -12.190 -11.860 -5.783  1.00 1.18 ? 80 GLU A H    1 
ATOM 1227 H HA   . GLU A 1 80 ? -13.673 -13.659 -5.821  1.00 1.22 ? 80 GLU A HA   1 
ATOM 1228 H HB2  . GLU A 1 80 ? -12.770 -13.560 -8.301  1.00 1.45 ? 80 GLU A HB2  1 
ATOM 1229 H HB3  . GLU A 1 80 ? -12.002 -15.081 -7.861  1.00 1.29 ? 80 GLU A HB3  1 
ATOM 1230 H HG2  . GLU A 1 80 ? -14.041 -16.160 -7.489  1.00 2.27 ? 80 GLU A HG2  1 
ATOM 1231 H HG3  . GLU A 1 80 ? -14.904 -14.644 -7.224  1.00 2.29 ? 80 GLU A HG3  1 
ATOM 1232 N N    . LEU A 1 81 ? -11.147 -15.772 -5.774  1.00 0.86 ? 81 LEU A N    1 
ATOM 1233 C CA   . LEU A 1 81 ? -10.558 -16.847 -4.926  1.00 1.24 ? 81 LEU A CA   1 
ATOM 1234 C C    . LEU A 1 81 ? -9.052  -16.628 -4.792  1.00 1.07 ? 81 LEU A C    1 
ATOM 1235 O O    . LEU A 1 81 ? -8.392  -17.256 -3.989  1.00 1.63 ? 81 LEU A O    1 
ATOM 1236 C CB   . LEU A 1 81 ? -10.823 -18.209 -5.572  1.00 1.68 ? 81 LEU A CB   1 
ATOM 1237 C CG   . LEU A 1 81 ? -12.328 -18.474 -5.608  1.00 2.07 ? 81 LEU A CG   1 
ATOM 1238 C CD1  . LEU A 1 81 ? -12.810 -18.488 -7.059  1.00 2.69 ? 81 LEU A CD1  1 
ATOM 1239 C CD2  . LEU A 1 81 ? -12.622 -19.830 -4.960  1.00 2.72 ? 81 LEU A CD2  1 
ATOM 1240 H H    . LEU A 1 81 ? -10.826 -15.642 -6.686  1.00 1.11 ? 81 LEU A H    1 
ATOM 1241 H HA   . LEU A 1 81 ? -11.010 -16.818 -3.949  1.00 1.56 ? 81 LEU A HA   1 
ATOM 1242 H HB2  . LEU A 1 81 ? -10.431 -18.211 -6.579  1.00 2.04 ? 81 LEU A HB2  1 
ATOM 1243 H HB3  . LEU A 1 81 ? -10.337 -18.982 -4.995  1.00 2.11 ? 81 LEU A HB3  1 
ATOM 1244 H HG   . LEU A 1 81 ? -12.843 -17.695 -5.064  1.00 2.49 ? 81 LEU A HG   1 
ATOM 1245 H HD11 . LEU A 1 81 ? -12.203 -19.172 -7.633  1.00 3.01 ? 81 LEU A HD11 1 
ATOM 1246 H HD12 . LEU A 1 81 ? -13.842 -18.805 -7.093  1.00 3.08 ? 81 LEU A HD12 1 
ATOM 1247 H HD13 . LEU A 1 81 ? -12.725 -17.495 -7.476  1.00 3.20 ? 81 LEU A HD13 1 
ATOM 1248 H HD21 . LEU A 1 81 ? -11.955 -20.575 -5.368  1.00 3.15 ? 81 LEU A HD21 1 
ATOM 1249 H HD22 . LEU A 1 81 ? -12.473 -19.759 -3.893  1.00 3.12 ? 81 LEU A HD22 1 
ATOM 1250 H HD23 . LEU A 1 81 ? -13.644 -20.112 -5.164  1.00 3.10 ? 81 LEU A HD23 1 
ATOM 1251 N N    . GLY A 1 82 ? -8.505  -15.737 -5.566  1.00 0.57 ? 82 GLY A N    1 
ATOM 1252 C CA   . GLY A 1 82 ? -7.043  -15.470 -5.480  1.00 0.54 ? 82 GLY A CA   1 
ATOM 1253 C C    . GLY A 1 82 ? -6.802  -14.350 -4.470  1.00 0.45 ? 82 GLY A C    1 
ATOM 1254 O O    . GLY A 1 82 ? -7.498  -13.354 -4.459  1.00 0.67 ? 82 GLY A O    1 
ATOM 1255 H H    . GLY A 1 82 ? -9.060  -15.238 -6.202  1.00 0.74 ? 82 GLY A H    1 
ATOM 1256 H HA2  . GLY A 1 82 ? -6.531  -16.366 -5.158  1.00 0.66 ? 82 GLY A HA2  1 
ATOM 1257 H HA3  . GLY A 1 82 ? -6.671  -15.166 -6.445  1.00 0.65 ? 82 GLY A HA3  1 
ATOM 1258 N N    . GLU A 1 83 ? -5.828  -14.498 -3.615  1.00 0.42 ? 83 GLU A N    1 
ATOM 1259 C CA   . GLU A 1 83 ? -5.568  -13.431 -2.611  1.00 0.46 ? 83 GLU A CA   1 
ATOM 1260 C C    . GLU A 1 83 ? -4.064  -13.225 -2.436  1.00 0.38 ? 83 GLU A C    1 
ATOM 1261 O O    . GLU A 1 83 ? -3.292  -14.163 -2.393  1.00 0.49 ? 83 GLU A O    1 
ATOM 1262 C CB   . GLU A 1 83 ? -6.182  -13.830 -1.268  1.00 0.72 ? 83 GLU A CB   1 
ATOM 1263 C CG   . GLU A 1 83 ? -5.818  -15.282 -0.951  1.00 1.15 ? 83 GLU A CG   1 
ATOM 1264 C CD   . GLU A 1 83 ? -6.340  -15.647 0.441   1.00 1.59 ? 83 GLU A CD   1 
ATOM 1265 O OE1  . GLU A 1 83 ? -6.896  -14.776 1.091   1.00 2.11 ? 83 GLU A OE1  1 
ATOM 1266 O OE2  . GLU A 1 83 ? -6.176  -16.790 0.833   1.00 2.24 ? 83 GLU A OE2  1 
ATOM 1267 H H    . GLU A 1 83 ? -5.276  -15.308 -3.630  1.00 0.60 ? 83 GLU A H    1 
ATOM 1268 H HA   . GLU A 1 83 ? -6.018  -12.509 -2.947  1.00 0.52 ? 83 GLU A HA   1 
ATOM 1269 H HB2  . GLU A 1 83 ? -5.797  -13.183 -0.493  1.00 0.95 ? 83 GLU A HB2  1 
ATOM 1270 H HB3  . GLU A 1 83 ? -7.255  -13.733 -1.321  1.00 1.02 ? 83 GLU A HB3  1 
ATOM 1271 H HG2  . GLU A 1 83 ? -6.266  -15.935 -1.686  1.00 1.55 ? 83 GLU A HG2  1 
ATOM 1272 H HG3  . GLU A 1 83 ? -4.745  -15.398 -0.971  1.00 1.69 ? 83 GLU A HG3  1 
ATOM 1273 N N    . ASP A 1 84 ? -3.650  -11.995 -2.324  1.00 0.38 ? 84 ASP A N    1 
ATOM 1274 C CA   . ASP A 1 84 ? -2.205  -11.696 -2.135  1.00 0.35 ? 84 ASP A CA   1 
ATOM 1275 C C    . ASP A 1 84 ? -2.074  -10.515 -1.172  1.00 0.34 ? 84 ASP A C    1 
ATOM 1276 O O    . ASP A 1 84 ? -3.033  -9.813  -0.906  1.00 0.43 ? 84 ASP A O    1 
ATOM 1277 C CB   . ASP A 1 84 ? -1.572  -11.348 -3.484  1.00 0.38 ? 84 ASP A CB   1 
ATOM 1278 C CG   . ASP A 1 84 ? -0.393  -12.289 -3.744  1.00 0.88 ? 84 ASP A CG   1 
ATOM 1279 O OD1  . ASP A 1 84 ? 0.456   -12.396 -2.875  1.00 1.56 ? 84 ASP A OD1  1 
ATOM 1280 O OD2  . ASP A 1 84 ? -0.363  -12.890 -4.804  1.00 1.63 ? 84 ASP A OD2  1 
ATOM 1281 H H    . ASP A 1 84 ? -4.296  -11.263 -2.353  1.00 0.52 ? 84 ASP A H    1 
ATOM 1282 H HA   . ASP A 1 84 ? -1.712  -12.561 -1.715  1.00 0.39 ? 84 ASP A HA   1 
ATOM 1283 H HB2  . ASP A 1 84 ? -2.307  -11.463 -4.267  1.00 0.80 ? 84 ASP A HB2  1 
ATOM 1284 H HB3  . ASP A 1 84 ? -1.220  -10.328 -3.465  1.00 0.76 ? 84 ASP A HB3  1 
ATOM 1285 N N    . GLU A 1 85 ? -0.909  -10.291 -0.632  1.00 0.30 ? 85 GLU A N    1 
ATOM 1286 C CA   . GLU A 1 85 ? -0.751  -9.162  0.326   1.00 0.33 ? 85 GLU A CA   1 
ATOM 1287 C C    . GLU A 1 85 ? 0.710   -8.719  0.380   1.00 0.33 ? 85 GLU A C    1 
ATOM 1288 O O    . GLU A 1 85 ? 1.621   -9.509  0.232   1.00 0.46 ? 85 GLU A O    1 
ATOM 1289 C CB   . GLU A 1 85 ? -1.199  -9.624  1.719   1.00 0.40 ? 85 GLU A CB   1 
ATOM 1290 C CG   . GLU A 1 85 ? -0.701  -8.645  2.786   1.00 1.40 ? 85 GLU A CG   1 
ATOM 1291 C CD   . GLU A 1 85 ? -0.963  -9.231  4.176   1.00 1.74 ? 85 GLU A CD   1 
ATOM 1292 O OE1  . GLU A 1 85 ? -1.946  -9.938  4.323   1.00 2.13 ? 85 GLU A OE1  1 
ATOM 1293 O OE2  . GLU A 1 85 ? -0.174  -8.964  5.068   1.00 2.36 ? 85 GLU A OE2  1 
ATOM 1294 H H    . GLU A 1 85 ? -0.145  -10.866 -0.848  1.00 0.31 ? 85 GLU A H    1 
ATOM 1295 H HA   . GLU A 1 85 ? -1.366  -8.333  0.009   1.00 0.37 ? 85 GLU A HA   1 
ATOM 1296 H HB2  . GLU A 1 85 ? -2.278  -9.669  1.750   1.00 1.16 ? 85 GLU A HB2  1 
ATOM 1297 H HB3  . GLU A 1 85 ? -0.794  -10.606 1.917   1.00 1.08 ? 85 GLU A HB3  1 
ATOM 1298 H HG2  . GLU A 1 85 ? 0.360   -8.481  2.661   1.00 2.07 ? 85 GLU A HG2  1 
ATOM 1299 H HG3  . GLU A 1 85 ? -1.226  -7.707  2.690   1.00 2.08 ? 85 GLU A HG3  1 
ATOM 1300 N N    . ALA A 1 86 ? 0.932   -7.456  0.609   1.00 0.31 ? 86 ALA A N    1 
ATOM 1301 C CA   . ALA A 1 86 ? 2.321   -6.938  0.697   1.00 0.35 ? 86 ALA A CA   1 
ATOM 1302 C C    . ALA A 1 86 ? 2.445   -6.074  1.953   1.00 0.31 ? 86 ALA A C    1 
ATOM 1303 O O    . ALA A 1 86 ? 1.618   -5.219  2.217   1.00 0.41 ? 86 ALA A O    1 
ATOM 1304 C CB   . ALA A 1 86 ? 2.636   -6.099  -0.542  1.00 0.42 ? 86 ALA A CB   1 
ATOM 1305 H H    . ALA A 1 86 ? 0.178   -6.845  0.736   1.00 0.39 ? 86 ALA A H    1 
ATOM 1306 H HA   . ALA A 1 86 ? 3.012   -7.767  0.758   1.00 0.39 ? 86 ALA A HA   1 
ATOM 1307 H HB1  . ALA A 1 86 ? 1.880   -5.337  -0.664  1.00 1.11 ? 86 ALA A HB1  1 
ATOM 1308 H HB2  . ALA A 1 86 ? 3.602   -5.631  -0.423  1.00 1.06 ? 86 ALA A HB2  1 
ATOM 1309 H HB3  . ALA A 1 86 ? 2.650   -6.736  -1.414  1.00 1.15 ? 86 ALA A HB3  1 
ATOM 1310 N N    . ILE A 1 87 ? 3.465   -6.295  2.734   1.00 0.33 ? 87 ILE A N    1 
ATOM 1311 C CA   . ILE A 1 87 ? 3.639   -5.494  3.976   1.00 0.30 ? 87 ILE A CA   1 
ATOM 1312 C C    . ILE A 1 87 ? 4.571   -4.315  3.694   1.00 0.30 ? 87 ILE A C    1 
ATOM 1313 O O    . ILE A 1 87 ? 5.634   -4.470  3.126   1.00 0.47 ? 87 ILE A O    1 
ATOM 1314 C CB   . ILE A 1 87 ? 4.236   -6.384  5.070   1.00 0.36 ? 87 ILE A CB   1 
ATOM 1315 C CG1  . ILE A 1 87 ? 4.270   -5.618  6.402   1.00 1.00 ? 87 ILE A CG1  1 
ATOM 1316 C CG2  . ILE A 1 87 ? 5.653   -6.806  4.677   1.00 1.09 ? 87 ILE A CG2  1 
ATOM 1317 C CD1  . ILE A 1 87 ? 5.351   -4.532  6.365   1.00 1.72 ? 87 ILE A CD1  1 
ATOM 1318 H H    . ILE A 1 87 ? 4.114   -6.993  2.507   1.00 0.45 ? 87 ILE A H    1 
ATOM 1319 H HA   . ILE A 1 87 ? 2.678   -5.122  4.301   1.00 0.29 ? 87 ILE A HA   1 
ATOM 1320 H HB   . ILE A 1 87 ? 3.622   -7.266  5.182   1.00 0.81 ? 87 ILE A HB   1 
ATOM 1321 H HG12 . ILE A 1 87 ? 3.308   -5.160  6.574   1.00 1.44 ? 87 ILE A HG12 1 
ATOM 1322 H HG13 . ILE A 1 87 ? 4.486   -6.308  7.203   1.00 1.41 ? 87 ILE A HG13 1 
ATOM 1323 H HG21 . ILE A 1 87 ? 5.625   -7.311  3.722   1.00 1.59 ? 87 ILE A HG21 1 
ATOM 1324 H HG22 . ILE A 1 87 ? 6.282   -5.932  4.604   1.00 1.69 ? 87 ILE A HG22 1 
ATOM 1325 H HG23 . ILE A 1 87 ? 6.050   -7.475  5.426   1.00 1.66 ? 87 ILE A HG23 1 
ATOM 1326 H HD11 . ILE A 1 87 ? 5.995   -4.687  5.514   1.00 2.30 ? 87 ILE A HD11 1 
ATOM 1327 H HD12 . ILE A 1 87 ? 4.882   -3.562  6.288   1.00 2.16 ? 87 ILE A HD12 1 
ATOM 1328 H HD13 . ILE A 1 87 ? 5.936   -4.576  7.271   1.00 2.09 ? 87 ILE A HD13 1 
ATOM 1329 N N    . PHE A 1 88 ? 4.180   -3.135  4.090   1.00 0.24 ? 88 PHE A N    1 
ATOM 1330 C CA   . PHE A 1 88 ? 5.041   -1.943  3.847   1.00 0.26 ? 88 PHE A CA   1 
ATOM 1331 C C    . PHE A 1 88 ? 5.204   -1.156  5.149   1.00 0.28 ? 88 PHE A C    1 
ATOM 1332 O O    . PHE A 1 88 ? 4.369   -0.354  5.506   1.00 0.30 ? 88 PHE A O    1 
ATOM 1333 C CB   . PHE A 1 88 ? 4.390   -1.034  2.800   1.00 0.31 ? 88 PHE A CB   1 
ATOM 1334 C CG   . PHE A 1 88 ? 3.975   -1.845  1.596   1.00 0.30 ? 88 PHE A CG   1 
ATOM 1335 C CD1  . PHE A 1 88 ? 2.808   -2.618  1.639   1.00 1.13 ? 88 PHE A CD1  1 
ATOM 1336 C CD2  . PHE A 1 88 ? 4.752   -1.817  0.432   1.00 1.04 ? 88 PHE A CD2  1 
ATOM 1337 C CE1  . PHE A 1 88 ? 2.421   -3.363  0.518   1.00 1.18 ? 88 PHE A CE1  1 
ATOM 1338 C CE2  . PHE A 1 88 ? 4.365   -2.561  -0.688  1.00 1.04 ? 88 PHE A CE2  1 
ATOM 1339 C CZ   . PHE A 1 88 ? 3.199   -3.334  -0.645  1.00 0.42 ? 88 PHE A CZ   1 
ATOM 1340 H H    . PHE A 1 88 ? 3.320   -3.033  4.547   1.00 0.30 ? 88 PHE A H    1 
ATOM 1341 H HA   . PHE A 1 88 ? 6.009   -2.263  3.494   1.00 0.27 ? 88 PHE A HA   1 
ATOM 1342 H HB2  . PHE A 1 88 ? 3.521   -0.558  3.227   1.00 0.37 ? 88 PHE A HB2  1 
ATOM 1343 H HB3  . PHE A 1 88 ? 5.098   -0.278  2.494   1.00 0.36 ? 88 PHE A HB3  1 
ATOM 1344 H HD1  . PHE A 1 88 ? 2.207   -2.640  2.536   1.00 1.91 ? 88 PHE A HD1  1 
ATOM 1345 H HD2  . PHE A 1 88 ? 5.652   -1.220  0.399   1.00 1.84 ? 88 PHE A HD2  1 
ATOM 1346 H HE1  . PHE A 1 88 ? 1.522   -3.958  0.550   1.00 1.97 ? 88 PHE A HE1  1 
ATOM 1347 H HE2  . PHE A 1 88 ? 4.964   -2.539  -1.585  1.00 1.81 ? 88 PHE A HE2  1 
ATOM 1348 H HZ   . PHE A 1 88 ? 2.899   -3.907  -1.509  1.00 0.50 ? 88 PHE A HZ   1 
ATOM 1349 N N    . GLU A 1 89 ? 6.284   -1.359  5.849   1.00 0.31 ? 89 GLU A N    1 
ATOM 1350 C CA   . GLU A 1 89 ? 6.496   -0.599  7.112   1.00 0.34 ? 89 GLU A CA   1 
ATOM 1351 C C    . GLU A 1 89 ? 6.977   0.799   6.738   1.00 0.34 ? 89 GLU A C    1 
ATOM 1352 O O    . GLU A 1 89 ? 8.089   0.980   6.288   1.00 0.46 ? 89 GLU A O    1 
ATOM 1353 C CB   . GLU A 1 89 ? 7.560   -1.298  7.963   1.00 0.39 ? 89 GLU A CB   1 
ATOM 1354 C CG   . GLU A 1 89 ? 7.021   -1.520  9.377   1.00 1.01 ? 89 GLU A CG   1 
ATOM 1355 C CD   . GLU A 1 89 ? 8.047   -2.304  10.197  1.00 1.33 ? 89 GLU A CD   1 
ATOM 1356 O OE1  . GLU A 1 89 ? 8.670   -3.191  9.637   1.00 1.92 ? 89 GLU A OE1  1 
ATOM 1357 O OE2  . GLU A 1 89 ? 8.191   -2.005  11.370  1.00 1.95 ? 89 GLU A OE2  1 
ATOM 1358 H H    . GLU A 1 89 ? 6.957   -1.994  5.540   1.00 0.33 ? 89 GLU A H    1 
ATOM 1359 H HA   . GLU A 1 89 ? 5.569   -0.534  7.661   1.00 0.36 ? 89 GLU A HA   1 
ATOM 1360 H HB2  . GLU A 1 89 ? 7.807   -2.251  7.517   1.00 0.77 ? 89 GLU A HB2  1 
ATOM 1361 H HB3  . GLU A 1 89 ? 8.445   -0.682  8.010   1.00 0.80 ? 89 GLU A HB3  1 
ATOM 1362 H HG2  . GLU A 1 89 ? 6.838   -0.563  9.847   1.00 1.61 ? 89 GLU A HG2  1 
ATOM 1363 H HG3  . GLU A 1 89 ? 6.098   -2.079  9.328   1.00 1.66 ? 89 GLU A HG3  1 
ATOM 1364 N N    . VAL A 1 90 ? 6.139   1.787   6.885   1.00 0.29 ? 90 VAL A N    1 
ATOM 1365 C CA   . VAL A 1 90 ? 6.553   3.160   6.495   1.00 0.29 ? 90 VAL A CA   1 
ATOM 1366 C C    . VAL A 1 90 ? 6.931   3.978   7.726   1.00 0.29 ? 90 VAL A C    1 
ATOM 1367 O O    . VAL A 1 90 ? 6.172   4.097   8.666   1.00 0.41 ? 90 VAL A O    1 
ATOM 1368 C CB   . VAL A 1 90 ? 5.392   3.833   5.769   1.00 0.31 ? 90 VAL A CB   1 
ATOM 1369 C CG1  . VAL A 1 90 ? 5.886   5.101   5.077   1.00 0.36 ? 90 VAL A CG1  1 
ATOM 1370 C CG2  . VAL A 1 90 ? 4.827   2.869   4.723   1.00 0.40 ? 90 VAL A CG2  1 
ATOM 1371 H H    . VAL A 1 90 ? 5.232   1.625   7.229   1.00 0.34 ? 90 VAL A H    1 
ATOM 1372 H HA   . VAL A 1 90 ? 7.401   3.101   5.830   1.00 0.29 ? 90 VAL A HA   1 
ATOM 1373 H HB   . VAL A 1 90 ? 4.621   4.089   6.481   1.00 0.33 ? 90 VAL A HB   1 
ATOM 1374 H HG11 . VAL A 1 90 ? 6.893   4.945   4.717   1.00 1.07 ? 90 VAL A HG11 1 
ATOM 1375 H HG12 . VAL A 1 90 ? 5.238   5.329   4.245   1.00 0.99 ? 90 VAL A HG12 1 
ATOM 1376 H HG13 . VAL A 1 90 ? 5.877   5.921   5.778   1.00 0.98 ? 90 VAL A HG13 1 
ATOM 1377 H HG21 . VAL A 1 90 ? 4.751   1.879   5.151   1.00 1.10 ? 90 VAL A HG21 1 
ATOM 1378 H HG22 . VAL A 1 90 ? 3.848   3.205   4.416   1.00 1.09 ? 90 VAL A HG22 1 
ATOM 1379 H HG23 . VAL A 1 90 ? 5.483   2.842   3.867   1.00 1.11 ? 90 VAL A HG23 1 
ATOM 1380 N N    . ILE A 1 91 ? 8.098   4.559   7.718   1.00 0.24 ? 91 ILE A N    1 
ATOM 1381 C CA   . ILE A 1 91 ? 8.522   5.387   8.876   1.00 0.26 ? 91 ILE A CA   1 
ATOM 1382 C C    . ILE A 1 91 ? 8.839   6.800   8.388   1.00 0.24 ? 91 ILE A C    1 
ATOM 1383 O O    . ILE A 1 91 ? 8.982   7.043   7.205   1.00 0.27 ? 91 ILE A O    1 
ATOM 1384 C CB   . ILE A 1 91 ? 9.766   4.787   9.523   1.00 0.33 ? 91 ILE A CB   1 
ATOM 1385 C CG1  . ILE A 1 91 ? 9.395   3.481   10.231  1.00 0.92 ? 91 ILE A CG1  1 
ATOM 1386 C CG2  . ILE A 1 91 ? 10.321  5.781   10.543  1.00 0.95 ? 91 ILE A CG2  1 
ATOM 1387 C CD1  . ILE A 1 91 ? 10.304  2.355   9.732   1.00 1.59 ? 91 ILE A CD1  1 
ATOM 1388 H H    . ILE A 1 91 ? 8.691   4.458   6.943   1.00 0.26 ? 91 ILE A H    1 
ATOM 1389 H HA   . ILE A 1 91 ? 7.722   5.428   9.601   1.00 0.30 ? 91 ILE A HA   1 
ATOM 1390 H HB   . ILE A 1 91 ? 10.512  4.593   8.765   1.00 0.46 ? 91 ILE A HB   1 
ATOM 1391 H HG12 . ILE A 1 91 ? 9.520   3.601   11.297  1.00 1.54 ? 91 ILE A HG12 1 
ATOM 1392 H HG13 . ILE A 1 91 ? 8.368   3.234   10.013  1.00 1.53 ? 91 ILE A HG13 1 
ATOM 1393 H HG21 . ILE A 1 91 ? 9.524   6.100   11.201  1.00 1.50 ? 91 ILE A HG21 1 
ATOM 1394 H HG22 . ILE A 1 91 ? 11.102  5.311   11.121  1.00 1.56 ? 91 ILE A HG22 1 
ATOM 1395 H HG23 . ILE A 1 91 ? 10.721  6.641   10.024  1.00 1.43 ? 91 ILE A HG23 1 
ATOM 1396 H HD11 . ILE A 1 91 ? 11.336  2.654   9.837   1.00 2.16 ? 91 ILE A HD11 1 
ATOM 1397 H HD12 . ILE A 1 91 ? 10.126  1.464   10.316  1.00 1.99 ? 91 ILE A HD12 1 
ATOM 1398 H HD13 . ILE A 1 91 ? 10.090  2.153   8.694   1.00 2.18 ? 91 ILE A HD13 1 
ATOM 1399 N N    . VAL A 1 92 ? 8.943   7.740   9.287   1.00 0.29 ? 92 VAL A N    1 
ATOM 1400 C CA   . VAL A 1 92 ? 9.238   9.133   8.868   1.00 0.31 ? 92 VAL A CA   1 
ATOM 1401 C C    . VAL A 1 92 ? 10.382  9.703   9.709   1.00 0.41 ? 92 VAL A C    1 
ATOM 1402 O O    . VAL A 1 92 ? 10.495  9.431   10.888  1.00 0.57 ? 92 VAL A O    1 
ATOM 1403 C CB   . VAL A 1 92 ? 7.984   9.975   9.062   1.00 0.35 ? 92 VAL A CB   1 
ATOM 1404 C CG1  . VAL A 1 92 ? 8.093   11.267  8.250   1.00 0.35 ? 92 VAL A CG1  1 
ATOM 1405 C CG2  . VAL A 1 92 ? 6.781   9.167   8.582   1.00 0.43 ? 92 VAL A CG2  1 
ATOM 1406 H H    . VAL A 1 92 ? 8.817   7.529   10.236  1.00 0.35 ? 92 VAL A H    1 
ATOM 1407 H HA   . VAL A 1 92 ? 9.516   9.142   7.828   1.00 0.29 ? 92 VAL A HA   1 
ATOM 1408 H HB   . VAL A 1 92 ? 7.867   10.213  10.107  1.00 0.48 ? 92 VAL A HB   1 
ATOM 1409 H HG11 . VAL A 1 92 ? 8.834   11.143  7.474   1.00 1.00 ? 92 VAL A HG11 1 
ATOM 1410 H HG12 . VAL A 1 92 ? 7.136   11.492  7.802   1.00 1.05 ? 92 VAL A HG12 1 
ATOM 1411 H HG13 . VAL A 1 92 ? 8.385   12.077  8.902   1.00 0.98 ? 92 VAL A HG13 1 
ATOM 1412 H HG21 . VAL A 1 92 ? 7.071   8.562   7.735   1.00 1.08 ? 92 VAL A HG21 1 
ATOM 1413 H HG22 . VAL A 1 92 ? 6.440   8.526   9.381   1.00 1.17 ? 92 VAL A HG22 1 
ATOM 1414 H HG23 . VAL A 1 92 ? 5.989   9.840   8.289   1.00 1.09 ? 92 VAL A HG23 1 
ATOM 1415 N N    . GLN A 1 93 ? 11.231  10.490  9.110   1.00 0.40 ? 93 GLN A N    1 
ATOM 1416 C CA   . GLN A 1 93 ? 12.369  11.078  9.871   1.00 0.53 ? 93 GLN A CA   1 
ATOM 1417 C C    . GLN A 1 93 ? 12.407  12.591  9.645   1.00 0.50 ? 93 GLN A C    1 
ATOM 1418 O O    . GLN A 1 93 ? 12.384  13.318  10.625  1.00 1.02 ? 93 GLN A O    1 
ATOM 1419 C CB   . GLN A 1 93 ? 13.681  10.457  9.387   1.00 0.82 ? 93 GLN A CB   1 
ATOM 1420 C CG   . GLN A 1 93 ? 14.150  9.403   10.392  1.00 1.57 ? 93 GLN A CG   1 
ATOM 1421 C CD   . GLN A 1 93 ? 15.510  8.855   9.958   1.00 1.97 ? 93 GLN A CD   1 
ATOM 1422 O OE1  . GLN A 1 93 ? 15.621  8.213   8.933   1.00 2.62 ? 93 GLN A OE1  1 
ATOM 1423 N NE2  . GLN A 1 93 ? 16.559  9.083   10.702  1.00 2.39 ? 93 GLN A NE2  1 
ATOM 1424 O OXT  . GLN A 1 93 ? 12.460  12.996  8.495   1.00 0.94 ? 93 GLN A OXT  1 
ATOM 1425 H H    . GLN A 1 93 ? 11.120  10.696  8.156   1.00 0.35 ? 93 GLN A H    1 
ATOM 1426 H HA   . GLN A 1 93 ? 12.241  10.875  10.924  1.00 0.80 ? 93 GLN A HA   1 
ATOM 1427 H HB2  . GLN A 1 93 ? 13.525  9.993   8.424   1.00 1.25 ? 93 GLN A HB2  1 
ATOM 1428 H HB3  . GLN A 1 93 ? 14.433  11.227  9.299   1.00 1.17 ? 93 GLN A HB3  1 
ATOM 1429 H HG2  . GLN A 1 93 ? 14.236  9.852   11.370  1.00 2.07 ? 93 GLN A HG2  1 
ATOM 1430 H HG3  . GLN A 1 93 ? 13.433  8.596   10.427  1.00 2.15 ? 93 GLN A HG3  1 
ATOM 1431 H HE21 . GLN A 1 93 ? 16.469  9.601   11.529  1.00 2.61 ? 93 GLN A HE21 1 
ATOM 1432 H HE22 . GLN A 1 93 ? 17.435  8.737   10.433  1.00 2.89 ? 93 GLN A HE22 1 
# 
